data_2XNY
#
_entry.id   2XNY
#
_cell.length_a   165.687
_cell.length_b   165.687
_cell.length_c   289.652
_cell.angle_alpha   90.00
_cell.angle_beta   90.00
_cell.angle_gamma   120.00
#
_symmetry.space_group_name_H-M   'P 32 2 1'
#
loop_
_entity.id
_entity.type
_entity.pdbx_description
1 polymer 'FIBRINOGEN ALPHA CHAIN'
2 polymer 'FIBRINOGEN BETA CHAIN'
3 polymer 'FIBRINOGEN GAMMA CHAIN'
4 polymer 'M PROTEIN'
#
loop_
_entity_poly.entity_id
_entity_poly.type
_entity_poly.pdbx_seq_one_letter_code
_entity_poly.pdbx_strand_id
1 'polypeptide(L)'
;VSEDLRSRIEVLKRKVIEKVQHIQLLQKNVRAQLVDMKRLEVDIDIKIRSCRGSCSRALAREVDLKDYEDQQKQLEQVIA
KDLLPSR
;
A,D
2 'polypeptide(L)'
;DNENVVNEYSSELEKHQLYIDETVNSNIPTNLRVLRSILENLRSKIQKLESDVSAQMEYCRTPCTVSCNIPVVSGKECEE
IIRKGGETSEMYLIQPDSSVKPYRVYCDMNTENGGWTVIQNRQDGSVDFGRKWDPYKQGFGNVATNTDGKNYCGLPGEYW
LGNDKISQLTRMGPTELLIEMEDWKGDKVKAHYGGFTVQNEANKYQISVNKYRGTAGNALMDGASQLMGENRTMTIHNGM
FFSTYDRDNDGWLTSDPRKQCSKEDGGGWWYNRCHAANPNGRYYWGGQYTWDMAKHGTDDGVVWMNWKGSWYSMRKMSMK
IRPFFPQQ
;
B,E
3 'polypeptide(L)'
;KMLEEIMKYEASILTHDSSIRYLQEIYNSNNQKIVNLKEKVAQLEAQCQEPCKDTVQIHDITGKDCQDIANKGAKQSGLY
FIKPLKANQQFLVYCEIDGSGNGWTVFQKRLDGSVDFKKNWIQYKEGFGHLSPTGTTEFWLGNEKIHLISTQSAIPYALR
VELEDWNGRTSTADYAMFKVGPEADKYRLTYAYFAGGDAGDAFDGFDFGDDPSDKFFTSHNGMQFSTWDNDNDKFEGNCA
EQDGSGWWMNKCHAGHLNGVYYQGGTYSKASTPNGYDNGIIWATWKTRWYSMKKTTMKIIPFNRLTIGEGQQHHLGGAK
;
C,F
4 'polypeptide(L)'
;MVNGDGNPREVIEDLAANNPAIQNIRLRHENKDLKARLENAMEVAGRDFKRAEELEKAKQALEDQRKDLETKLKELQQDY
DLAKESTSWDRQRLEKHHHHHH
;
M,N
#
# COMPACT_ATOMS: atom_id res chain seq x y z
N GLN A 24 -20.78 2.53 -8.27
CA GLN A 24 -20.50 1.09 -8.49
C GLN A 24 -20.82 0.28 -7.23
N LEU A 25 -19.77 -0.16 -6.53
CA LEU A 25 -19.90 -0.93 -5.30
C LEU A 25 -20.45 -0.07 -4.16
N LEU A 26 -21.74 -0.24 -3.87
CA LEU A 26 -22.41 0.53 -2.84
C LEU A 26 -22.38 -0.19 -1.47
N GLN A 27 -21.24 -0.80 -1.16
CA GLN A 27 -21.05 -1.49 0.11
C GLN A 27 -20.75 -0.50 1.24
N LYS A 28 -21.82 0.12 1.73
CA LYS A 28 -21.75 1.11 2.80
C LYS A 28 -21.99 0.45 4.16
N ASN A 29 -21.83 -0.87 4.19
CA ASN A 29 -21.95 -1.67 5.41
C ASN A 29 -20.77 -1.48 6.38
N VAL A 30 -20.09 -0.35 6.26
CA VAL A 30 -19.06 0.05 7.22
C VAL A 30 -19.75 0.53 8.51
N ARG A 31 -21.03 0.86 8.40
CA ARG A 31 -21.86 1.17 9.56
C ARG A 31 -22.20 -0.09 10.36
N ALA A 32 -22.05 -1.25 9.73
CA ALA A 32 -22.23 -2.53 10.39
C ALA A 32 -20.95 -2.97 11.12
N GLN A 33 -19.80 -2.62 10.55
CA GLN A 33 -18.51 -2.92 11.19
C GLN A 33 -18.22 -1.93 12.31
N LEU A 34 -18.78 -0.72 12.19
CA LEU A 34 -18.66 0.31 13.21
C LEU A 34 -19.42 -0.09 14.49
N VAL A 35 -20.56 -0.75 14.30
CA VAL A 35 -21.38 -1.27 15.38
C VAL A 35 -20.70 -2.43 16.11
N ASP A 36 -20.03 -3.29 15.34
CA ASP A 36 -19.31 -4.44 15.88
C ASP A 36 -18.09 -4.03 16.71
N MET A 37 -17.46 -2.93 16.30
CA MET A 37 -16.31 -2.37 17.00
C MET A 37 -16.67 -1.71 18.33
N LYS A 38 -17.81 -1.03 18.35
CA LYS A 38 -18.34 -0.37 19.55
C LYS A 38 -18.62 -1.40 20.65
N ARG A 39 -19.38 -2.45 20.31
CA ARG A 39 -19.62 -3.59 21.20
C ARG A 39 -18.33 -4.20 21.72
N LEU A 40 -17.40 -4.46 20.79
CA LEU A 40 -16.13 -5.11 21.09
C LEU A 40 -15.23 -4.26 21.99
N GLU A 41 -15.18 -2.96 21.72
CA GLU A 41 -14.45 -2.00 22.56
C GLU A 41 -14.96 -2.07 24.01
N VAL A 42 -16.28 -1.99 24.17
CA VAL A 42 -16.93 -2.07 25.48
C VAL A 42 -16.69 -3.43 26.14
N ASP A 43 -16.87 -4.51 25.36
CA ASP A 43 -16.68 -5.88 25.85
C ASP A 43 -15.25 -6.12 26.34
N ILE A 44 -14.29 -5.58 25.61
CA ILE A 44 -12.88 -5.70 25.95
C ILE A 44 -12.54 -4.85 27.18
N ASP A 45 -13.14 -3.67 27.26
CA ASP A 45 -12.99 -2.80 28.43
C ASP A 45 -13.44 -3.53 29.70
N ILE A 46 -14.61 -4.18 29.64
CA ILE A 46 -15.15 -4.97 30.75
C ILE A 46 -14.23 -6.13 31.12
N LYS A 47 -13.81 -6.89 30.10
CA LYS A 47 -12.97 -8.07 30.29
C LYS A 47 -11.58 -7.76 30.85
N ILE A 48 -10.95 -6.69 30.36
CA ILE A 48 -9.65 -6.24 30.93
C ILE A 48 -9.83 -5.82 32.38
N ARG A 49 -10.90 -5.09 32.66
CA ARG A 49 -11.20 -4.67 34.02
C ARG A 49 -11.39 -5.86 34.97
N SER A 50 -12.03 -6.94 34.50
CA SER A 50 -12.24 -8.14 35.32
C SER A 50 -10.94 -8.88 35.63
N CYS A 51 -9.83 -8.43 35.04
CA CYS A 51 -8.50 -8.97 35.33
C CYS A 51 -7.83 -8.33 36.55
N ARG A 52 -8.30 -7.16 36.94
CA ARG A 52 -7.81 -6.44 38.13
C ARG A 52 -7.93 -7.28 39.41
N GLY A 53 -8.92 -8.17 39.46
CA GLY A 53 -9.09 -9.07 40.60
C GLY A 53 -8.43 -10.43 40.45
N SER A 54 -7.70 -10.62 39.36
CA SER A 54 -7.02 -11.89 39.05
C SER A 54 -5.50 -11.77 38.93
N CYS A 55 -5.04 -10.67 38.36
CA CYS A 55 -3.66 -10.56 37.89
C CYS A 55 -2.85 -9.51 38.62
N SER A 56 -1.53 -9.64 38.53
CA SER A 56 -0.57 -8.75 39.20
C SER A 56 -0.85 -7.28 38.95
N ARG A 57 -1.06 -6.94 37.68
CA ARG A 57 -1.27 -5.56 37.28
C ARG A 57 -2.53 -5.41 36.43
N ALA A 58 -3.19 -4.27 36.58
CA ALA A 58 -4.38 -3.96 35.80
C ALA A 58 -4.09 -2.81 34.85
N LEU A 59 -4.34 -3.06 33.57
CA LEU A 59 -4.06 -2.08 32.52
C LEU A 59 -5.01 -0.89 32.62
N ALA A 60 -4.43 0.27 32.86
CA ALA A 60 -5.18 1.52 32.93
C ALA A 60 -5.53 1.98 31.51
N ARG A 61 -6.81 1.93 31.19
CA ARG A 61 -7.29 2.27 29.85
C ARG A 61 -8.69 2.87 29.87
N GLU A 62 -9.12 3.39 28.72
CA GLU A 62 -10.44 4.01 28.57
C GLU A 62 -11.14 3.57 27.29
N VAL A 63 -12.39 4.00 27.13
CA VAL A 63 -13.15 3.79 25.90
C VAL A 63 -13.66 5.14 25.40
N ASP A 64 -13.34 5.46 24.16
CA ASP A 64 -13.78 6.71 23.56
C ASP A 64 -15.06 6.50 22.75
N LEU A 65 -16.19 6.51 23.46
CA LEU A 65 -17.51 6.39 22.83
C LEU A 65 -17.86 7.65 22.06
N LYS A 66 -17.21 8.76 22.41
CA LYS A 66 -17.40 10.04 21.73
C LYS A 66 -16.83 10.01 20.31
N ASP A 67 -15.63 9.44 20.17
CA ASP A 67 -14.98 9.30 18.87
C ASP A 67 -15.76 8.37 17.95
N TYR A 68 -16.26 7.27 18.52
CA TYR A 68 -17.07 6.31 17.79
C TYR A 68 -18.38 6.90 17.28
N GLU A 69 -19.02 7.74 18.09
CA GLU A 69 -20.31 8.34 17.73
C GLU A 69 -20.20 9.56 16.80
N ASP A 70 -19.05 10.24 16.85
CA ASP A 70 -18.81 11.41 15.98
C ASP A 70 -18.71 11.00 14.52
N GLN A 71 -18.05 9.86 14.27
CA GLN A 71 -17.91 9.32 12.92
C GLN A 71 -19.04 8.34 12.58
N GLN A 72 -19.83 8.00 13.59
CA GLN A 72 -21.06 7.23 13.40
C GLN A 72 -22.20 8.17 13.01
N LYS A 73 -22.06 9.44 13.42
CA LYS A 73 -22.99 10.50 13.02
C LYS A 73 -22.80 10.80 11.53
N GLN A 74 -21.56 10.70 11.07
CA GLN A 74 -21.24 10.69 9.64
C GLN A 74 -21.69 9.35 9.04
N LEU A 75 -21.25 9.05 7.82
CA LEU A 75 -21.72 7.88 7.06
C LEU A 75 -23.22 7.97 6.76
N GLU A 76 -24.03 8.03 7.82
CA GLU A 76 -25.46 8.29 7.69
C GLU A 76 -25.69 9.71 7.17
N GLN A 77 -24.70 10.56 7.38
CA GLN A 77 -24.70 11.95 6.89
C GLN A 77 -24.35 12.01 5.40
N VAL A 78 -23.26 11.35 5.01
CA VAL A 78 -22.82 11.34 3.61
C VAL A 78 -23.66 10.42 2.72
N ILE A 79 -24.47 9.56 3.35
CA ILE A 79 -25.46 8.75 2.63
C ILE A 79 -26.86 9.24 3.02
N ALA A 80 -27.33 10.25 2.30
CA ALA A 80 -28.65 10.85 2.55
C ALA A 80 -29.26 11.35 1.24
N ILE B 28 -22.46 12.09 -3.31
CA ILE B 28 -21.91 10.96 -4.11
C ILE B 28 -20.42 11.16 -4.49
N PRO B 29 -20.05 12.36 -5.00
CA PRO B 29 -18.61 12.59 -5.27
C PRO B 29 -17.77 12.64 -4.00
N THR B 30 -18.30 13.26 -2.94
CA THR B 30 -17.63 13.33 -1.64
C THR B 30 -18.07 12.16 -0.77
N ASN B 31 -17.66 10.95 -1.16
CA ASN B 31 -18.06 9.72 -0.48
C ASN B 31 -16.88 8.80 -0.19
N LEU B 32 -15.81 8.97 -0.97
CA LEU B 32 -14.58 8.20 -0.78
C LEU B 32 -13.59 8.92 0.14
N ARG B 33 -14.05 10.01 0.75
CA ARG B 33 -13.23 10.83 1.63
C ARG B 33 -13.32 10.36 3.08
N VAL B 34 -14.54 10.39 3.63
CA VAL B 34 -14.79 10.00 5.01
C VAL B 34 -14.85 8.47 5.15
N LEU B 35 -15.37 7.81 4.12
CA LEU B 35 -15.49 6.34 4.09
C LEU B 35 -14.13 5.63 3.99
N ARG B 36 -13.11 6.38 3.60
CA ARG B 36 -11.74 5.89 3.59
C ARG B 36 -11.09 6.08 4.96
N SER B 37 -11.43 7.20 5.61
CA SER B 37 -10.86 7.56 6.91
C SER B 37 -11.54 6.81 8.06
N ILE B 38 -12.80 6.42 7.88
CA ILE B 38 -13.55 5.66 8.88
C ILE B 38 -12.96 4.25 9.08
N LEU B 39 -12.60 3.60 7.97
CA LEU B 39 -12.02 2.27 8.01
C LEU B 39 -10.57 2.28 8.48
N GLU B 40 -9.86 3.36 8.16
CA GLU B 40 -8.49 3.56 8.64
C GLU B 40 -8.44 3.94 10.12
N ASN B 41 -9.55 4.52 10.60
CA ASN B 41 -9.73 4.76 12.03
C ASN B 41 -9.92 3.42 12.76
N LEU B 42 -10.81 2.58 12.21
CA LEU B 42 -11.15 1.29 12.80
C LEU B 42 -9.97 0.33 12.88
N ARG B 43 -9.12 0.32 11.85
CA ARG B 43 -7.95 -0.56 11.80
C ARG B 43 -6.88 -0.18 12.83
N SER B 44 -6.80 1.12 13.13
CA SER B 44 -5.90 1.62 14.17
C SER B 44 -6.51 1.36 15.56
N LYS B 45 -7.84 1.26 15.61
CA LYS B 45 -8.55 0.89 16.84
C LYS B 45 -8.39 -0.59 17.16
N ILE B 46 -8.29 -1.42 16.12
CA ILE B 46 -8.05 -2.85 16.28
C ILE B 46 -6.61 -3.10 16.74
N GLN B 47 -5.68 -2.29 16.23
CA GLN B 47 -4.28 -2.34 16.65
C GLN B 47 -4.10 -1.95 18.12
N LYS B 48 -4.87 -0.96 18.57
CA LYS B 48 -4.83 -0.51 19.96
C LYS B 48 -5.42 -1.58 20.89
N LEU B 49 -6.58 -2.13 20.51
CA LEU B 49 -7.22 -3.21 21.26
C LEU B 49 -6.35 -4.47 21.31
N GLU B 50 -5.75 -4.78 20.17
CA GLU B 50 -4.82 -5.90 20.02
C GLU B 50 -3.66 -5.76 21.02
N SER B 51 -3.18 -4.53 21.17
CA SER B 51 -2.08 -4.21 22.07
C SER B 51 -2.52 -4.25 23.53
N ASP B 52 -3.67 -3.65 23.81
CA ASP B 52 -4.27 -3.64 25.15
C ASP B 52 -4.46 -5.06 25.71
N VAL B 53 -5.17 -5.90 24.97
CA VAL B 53 -5.43 -7.30 25.35
C VAL B 53 -4.14 -8.08 25.57
N SER B 54 -3.16 -7.86 24.69
CA SER B 54 -1.86 -8.51 24.78
C SER B 54 -1.06 -8.10 26.03
N ALA B 55 -1.08 -6.81 26.33
CA ALA B 55 -0.39 -6.29 27.52
C ALA B 55 -0.96 -6.88 28.81
N GLN B 56 -2.30 -6.90 28.91
CA GLN B 56 -3.00 -7.47 30.06
C GLN B 56 -2.68 -8.95 30.22
N MET B 57 -2.58 -9.66 29.10
CA MET B 57 -2.20 -11.08 29.10
C MET B 57 -0.83 -11.34 29.74
N GLU B 58 0.11 -10.42 29.51
CA GLU B 58 1.43 -10.52 30.16
C GLU B 58 1.35 -10.29 31.66
N TYR B 59 0.53 -9.33 32.07
CA TYR B 59 0.27 -9.09 33.50
C TYR B 59 -0.33 -10.32 34.17
N CYS B 60 -1.10 -11.11 33.42
CA CYS B 60 -1.76 -12.31 33.94
C CYS B 60 -0.89 -13.57 33.93
N ARG B 61 0.42 -13.37 33.69
CA ARG B 61 1.41 -14.44 33.80
C ARG B 61 1.58 -14.86 35.25
N THR B 62 1.35 -13.89 36.15
CA THR B 62 1.37 -14.10 37.60
C THR B 62 0.09 -13.49 38.20
N PRO B 63 -0.39 -14.03 39.34
CA PRO B 63 -1.64 -13.53 39.92
C PRO B 63 -1.45 -12.32 40.84
N CYS B 64 -2.55 -11.65 41.19
CA CYS B 64 -2.55 -10.71 42.33
C CYS B 64 -2.49 -11.52 43.61
N THR B 65 -1.97 -10.91 44.67
CA THR B 65 -1.84 -11.58 45.95
C THR B 65 -2.48 -10.78 47.10
N VAL B 66 -2.84 -11.50 48.16
CA VAL B 66 -3.22 -10.90 49.44
C VAL B 66 -2.58 -11.72 50.55
N SER B 67 -2.53 -11.14 51.75
CA SER B 67 -2.12 -11.83 52.96
C SER B 67 -3.16 -11.51 54.02
N CYS B 68 -4.21 -12.31 54.05
CA CYS B 68 -5.31 -12.06 54.97
C CYS B 68 -5.13 -12.93 56.22
N ASN B 69 -4.32 -12.43 57.16
CA ASN B 69 -4.21 -13.05 58.47
C ASN B 69 -5.58 -13.08 59.14
N ILE B 70 -5.85 -14.16 59.86
CA ILE B 70 -7.21 -14.49 60.28
C ILE B 70 -7.53 -14.00 61.70
N PRO B 71 -8.60 -13.19 61.85
CA PRO B 71 -9.03 -12.82 63.19
C PRO B 71 -9.19 -14.04 64.08
N VAL B 72 -8.76 -13.92 65.34
CA VAL B 72 -8.96 -14.97 66.32
C VAL B 72 -10.45 -15.27 66.49
N VAL B 73 -11.27 -14.22 66.58
CA VAL B 73 -12.69 -14.38 66.82
C VAL B 73 -13.42 -14.99 65.61
N SER B 74 -14.21 -16.03 65.90
CA SER B 74 -14.97 -16.76 64.90
C SER B 74 -16.35 -17.11 65.49
N GLY B 75 -17.25 -17.57 64.63
CA GLY B 75 -18.58 -18.00 65.04
C GLY B 75 -19.31 -18.60 63.85
N LYS B 76 -20.60 -18.85 64.00
CA LYS B 76 -21.42 -19.43 62.94
C LYS B 76 -21.57 -18.50 61.75
N GLU B 77 -21.68 -17.20 62.03
CA GLU B 77 -21.68 -16.16 61.00
C GLU B 77 -21.37 -14.80 61.64
N CYS B 78 -21.58 -13.71 60.91
CA CYS B 78 -21.09 -12.39 61.31
C CYS B 78 -21.85 -11.75 62.48
N GLU B 79 -23.08 -12.20 62.71
CA GLU B 79 -23.89 -11.73 63.83
C GLU B 79 -23.36 -12.27 65.16
N GLU B 80 -23.11 -13.58 65.21
CA GLU B 80 -22.49 -14.19 66.37
C GLU B 80 -21.12 -13.54 66.64
N ILE B 81 -20.36 -13.30 65.57
CA ILE B 81 -19.05 -12.68 65.68
C ILE B 81 -19.10 -11.29 66.36
N ILE B 82 -20.05 -10.44 65.96
CA ILE B 82 -20.18 -9.11 66.58
C ILE B 82 -20.65 -9.22 68.04
N ARG B 83 -21.46 -10.24 68.33
CA ARG B 83 -21.86 -10.54 69.71
C ARG B 83 -20.68 -11.08 70.54
N LYS B 84 -19.69 -11.64 69.87
CA LYS B 84 -18.45 -12.07 70.54
C LYS B 84 -17.36 -10.98 70.58
N GLY B 85 -17.74 -9.75 70.26
CA GLY B 85 -16.81 -8.63 70.33
C GLY B 85 -16.02 -8.31 69.07
N GLY B 86 -16.31 -9.02 67.97
CA GLY B 86 -15.70 -8.69 66.70
C GLY B 86 -16.39 -7.49 66.10
N GLU B 87 -15.83 -6.31 66.31
CA GLU B 87 -16.53 -5.07 66.04
C GLU B 87 -16.01 -4.26 64.85
N THR B 88 -14.99 -4.76 64.18
CA THR B 88 -14.48 -4.09 62.99
C THR B 88 -14.88 -4.83 61.72
N SER B 89 -15.19 -4.08 60.66
CA SER B 89 -15.50 -4.67 59.36
C SER B 89 -14.23 -5.21 58.72
N GLU B 90 -14.22 -6.50 58.45
CA GLU B 90 -13.07 -7.16 57.82
C GLU B 90 -13.41 -8.59 57.46
N MET B 91 -12.43 -9.32 56.94
CA MET B 91 -12.59 -10.75 56.69
C MET B 91 -12.56 -11.52 58.00
N TYR B 92 -13.47 -12.48 58.13
CA TYR B 92 -13.45 -13.39 59.25
C TYR B 92 -13.63 -14.80 58.71
N LEU B 93 -13.22 -15.77 59.51
CA LEU B 93 -13.53 -17.17 59.26
C LEU B 93 -14.81 -17.47 60.01
N ILE B 94 -15.79 -18.06 59.32
CA ILE B 94 -16.99 -18.56 59.99
C ILE B 94 -17.20 -20.06 59.75
N GLN B 95 -17.79 -20.74 60.73
CA GLN B 95 -18.20 -22.13 60.57
C GLN B 95 -19.68 -22.32 60.93
N PRO B 96 -20.59 -22.12 59.96
CA PRO B 96 -22.03 -22.23 60.22
C PRO B 96 -22.44 -23.54 60.90
N ASP B 97 -21.78 -24.63 60.53
CA ASP B 97 -22.10 -25.94 61.06
C ASP B 97 -20.84 -26.76 61.23
N SER B 98 -20.79 -27.60 62.27
CA SER B 98 -19.63 -28.47 62.49
C SER B 98 -19.45 -29.46 61.34
N SER B 99 -20.50 -29.63 60.53
CA SER B 99 -20.42 -30.47 59.33
C SER B 99 -19.85 -29.68 58.16
N VAL B 100 -19.87 -28.36 58.27
CA VAL B 100 -19.40 -27.45 57.21
C VAL B 100 -17.94 -27.05 57.46
N LYS B 101 -17.13 -27.08 56.41
CA LYS B 101 -15.75 -26.61 56.48
C LYS B 101 -15.75 -25.09 56.74
N PRO B 102 -14.99 -24.62 57.76
CA PRO B 102 -14.92 -23.17 58.04
C PRO B 102 -14.47 -22.41 56.81
N TYR B 103 -15.11 -21.27 56.54
CA TYR B 103 -14.78 -20.51 55.34
C TYR B 103 -14.77 -19.00 55.55
N ARG B 104 -14.07 -18.31 54.67
CA ARG B 104 -13.87 -16.86 54.77
C ARG B 104 -15.05 -16.05 54.24
N VAL B 105 -15.36 -14.97 54.94
CA VAL B 105 -16.41 -14.06 54.51
C VAL B 105 -16.01 -12.65 54.94
N TYR B 106 -16.56 -11.64 54.25
CA TYR B 106 -16.44 -10.27 54.73
C TYR B 106 -17.61 -9.94 55.67
N CYS B 107 -17.30 -9.49 56.88
CA CYS B 107 -18.32 -9.06 57.83
C CYS B 107 -18.39 -7.54 57.86
N ASP B 108 -19.57 -7.01 57.59
CA ASP B 108 -19.82 -5.58 57.75
C ASP B 108 -20.37 -5.33 59.16
N MET B 109 -19.55 -4.74 60.01
CA MET B 109 -19.92 -4.55 61.42
C MET B 109 -20.41 -3.13 61.73
N ASN B 110 -20.55 -2.30 60.69
CA ASN B 110 -20.81 -0.87 60.86
C ASN B 110 -22.15 -0.37 60.33
N THR B 111 -22.60 -0.96 59.22
CA THR B 111 -23.91 -0.65 58.63
C THR B 111 -25.04 -1.05 59.58
N GLU B 112 -25.94 -0.10 59.83
CA GLU B 112 -27.08 -0.30 60.73
C GLU B 112 -26.58 -0.83 62.06
N ASN B 113 -27.00 -2.04 62.45
CA ASN B 113 -26.55 -2.60 63.73
C ASN B 113 -25.38 -3.57 63.59
N GLY B 114 -24.81 -3.69 62.39
CA GLY B 114 -23.69 -4.60 62.14
C GLY B 114 -24.11 -6.06 62.21
N GLY B 115 -23.14 -6.96 62.11
CA GLY B 115 -23.41 -8.39 62.11
C GLY B 115 -23.81 -8.92 60.74
N TRP B 116 -23.49 -8.16 59.70
CA TRP B 116 -23.85 -8.49 58.32
C TRP B 116 -22.82 -9.40 57.63
N THR B 117 -23.29 -10.54 57.15
CA THR B 117 -22.49 -11.41 56.30
C THR B 117 -22.69 -10.99 54.84
N VAL B 118 -21.62 -10.49 54.23
CA VAL B 118 -21.66 -10.10 52.82
C VAL B 118 -21.68 -11.36 51.96
N ILE B 119 -22.69 -11.46 51.11
CA ILE B 119 -22.80 -12.59 50.18
C ILE B 119 -22.49 -12.18 48.74
N GLN B 120 -22.55 -10.88 48.46
CA GLN B 120 -22.35 -10.33 47.12
C GLN B 120 -21.85 -8.90 47.22
N ASN B 121 -20.85 -8.55 46.41
CA ASN B 121 -20.32 -7.19 46.41
C ASN B 121 -19.77 -6.80 45.03
N ARG B 122 -20.11 -5.58 44.59
CA ARG B 122 -19.58 -4.99 43.36
C ARG B 122 -19.18 -3.56 43.67
N GLN B 123 -18.08 -3.09 43.10
CA GLN B 123 -17.53 -1.78 43.43
C GLN B 123 -16.60 -1.18 42.37
N ASP B 124 -16.06 -2.03 41.49
CA ASP B 124 -15.04 -1.59 40.53
C ASP B 124 -14.90 -2.45 39.29
N GLY B 125 -15.72 -3.48 39.16
CA GLY B 125 -15.67 -4.37 37.99
C GLY B 125 -14.42 -5.22 37.88
N SER B 126 -13.75 -5.47 39.01
CA SER B 126 -12.51 -6.22 39.04
C SER B 126 -12.71 -7.73 38.91
N VAL B 127 -13.97 -8.18 38.98
CA VAL B 127 -14.28 -9.62 38.91
C VAL B 127 -15.34 -9.93 37.85
N ASP B 128 -15.12 -11.02 37.12
CA ASP B 128 -16.05 -11.51 36.11
C ASP B 128 -17.20 -12.25 36.79
N PHE B 129 -18.41 -11.71 36.63
CA PHE B 129 -19.64 -12.32 37.14
C PHE B 129 -20.42 -13.11 36.06
N GLY B 130 -19.90 -13.08 34.83
CA GLY B 130 -20.47 -13.89 33.74
C GLY B 130 -19.95 -15.30 33.81
N ARG B 131 -20.49 -16.07 34.75
CA ARG B 131 -19.93 -17.38 35.06
C ARG B 131 -20.98 -18.48 34.99
N LYS B 132 -20.49 -19.71 34.95
CA LYS B 132 -21.35 -20.86 34.74
C LYS B 132 -21.95 -21.35 36.07
N TRP B 133 -22.64 -22.48 36.03
CA TRP B 133 -23.36 -23.03 37.20
C TRP B 133 -22.43 -23.36 38.36
N ASP B 134 -21.37 -24.12 38.08
CA ASP B 134 -20.45 -24.57 39.13
C ASP B 134 -19.75 -23.42 39.88
N PRO B 135 -19.17 -22.42 39.17
CA PRO B 135 -18.64 -21.23 39.86
C PRO B 135 -19.67 -20.52 40.75
N TYR B 136 -20.91 -20.35 40.27
CA TYR B 136 -21.96 -19.76 41.12
C TYR B 136 -22.31 -20.69 42.28
N LYS B 137 -22.27 -22.00 42.04
CA LYS B 137 -22.46 -22.99 43.11
C LYS B 137 -21.39 -22.88 44.21
N GLN B 138 -20.11 -22.81 43.80
CA GLN B 138 -18.98 -22.89 44.74
C GLN B 138 -18.62 -21.55 45.38
N GLY B 139 -18.92 -20.46 44.68
CA GLY B 139 -18.46 -19.13 45.05
C GLY B 139 -17.27 -18.73 44.21
N PHE B 140 -17.11 -17.42 43.98
CA PHE B 140 -15.97 -16.90 43.21
C PHE B 140 -15.66 -15.47 43.60
N GLY B 141 -14.50 -14.99 43.15
CA GLY B 141 -14.07 -13.61 43.39
C GLY B 141 -13.24 -13.48 44.64
N ASN B 142 -13.00 -12.24 45.05
CA ASN B 142 -12.11 -11.92 46.16
C ASN B 142 -12.91 -11.51 47.39
N VAL B 143 -12.76 -12.27 48.47
CA VAL B 143 -13.52 -11.97 49.68
C VAL B 143 -13.09 -10.61 50.27
N ALA B 144 -11.78 -10.41 50.37
CA ALA B 144 -11.20 -9.23 51.03
C ALA B 144 -9.78 -8.96 50.56
N THR B 145 -9.34 -7.70 50.68
CA THR B 145 -7.97 -7.31 50.35
C THR B 145 -7.34 -6.47 51.46
N ASN B 146 -6.01 -6.41 51.47
CA ASN B 146 -5.26 -5.64 52.46
C ASN B 146 -5.40 -4.13 52.23
N THR B 147 -5.58 -3.40 53.31
CA THR B 147 -5.65 -1.93 53.24
C THR B 147 -4.30 -1.34 53.65
N ASP B 148 -3.96 -0.20 53.04
CA ASP B 148 -2.66 0.47 53.21
C ASP B 148 -1.48 -0.48 53.51
N GLY B 149 -0.92 -0.39 54.71
CA GLY B 149 0.09 -1.34 55.18
C GLY B 149 -0.37 -2.04 56.44
N LYS B 150 -1.52 -2.71 56.35
CA LYS B 150 -2.11 -3.47 57.46
C LYS B 150 -1.90 -4.96 57.20
N ASN B 151 -1.70 -5.72 58.27
CA ASN B 151 -1.53 -7.18 58.15
C ASN B 151 -2.85 -7.97 58.12
N TYR B 152 -3.96 -7.29 57.87
CA TYR B 152 -5.27 -7.94 57.78
C TYR B 152 -6.08 -7.31 56.65
N CYS B 153 -7.10 -8.04 56.17
CA CYS B 153 -7.91 -7.62 55.04
C CYS B 153 -9.24 -6.95 55.45
N GLY B 154 -9.18 -5.63 55.63
CA GLY B 154 -10.32 -4.83 56.05
C GLY B 154 -11.19 -4.24 54.94
N LEU B 155 -10.77 -4.42 53.70
CA LEU B 155 -11.57 -3.97 52.55
C LEU B 155 -12.19 -5.16 51.85
N PRO B 156 -13.47 -5.05 51.45
CA PRO B 156 -14.07 -6.18 50.74
C PRO B 156 -13.58 -6.21 49.29
N GLY B 157 -13.51 -7.40 48.71
CA GLY B 157 -13.29 -7.53 47.27
C GLY B 157 -14.64 -7.69 46.58
N GLU B 158 -14.62 -7.82 45.26
CA GLU B 158 -15.81 -8.21 44.54
C GLU B 158 -15.92 -9.73 44.60
N TYR B 159 -17.06 -10.24 45.04
CA TYR B 159 -17.27 -11.69 45.07
C TYR B 159 -18.72 -12.12 45.13
N TRP B 160 -18.92 -13.41 44.86
CA TRP B 160 -20.18 -14.08 45.10
C TRP B 160 -19.87 -15.23 46.05
N LEU B 161 -20.53 -15.26 47.20
CA LEU B 161 -20.19 -16.23 48.24
C LEU B 161 -20.35 -17.67 47.78
N GLY B 162 -21.40 -17.94 47.01
CA GLY B 162 -21.63 -19.30 46.51
C GLY B 162 -22.97 -19.80 46.97
N ASN B 163 -23.70 -20.42 46.04
CA ASN B 163 -25.09 -20.81 46.27
C ASN B 163 -25.31 -21.87 47.35
N ASP B 164 -24.42 -22.85 47.41
CA ASP B 164 -24.46 -23.85 48.49
C ASP B 164 -24.32 -23.17 49.85
N LYS B 165 -23.40 -22.21 49.95
CA LYS B 165 -23.15 -21.52 51.21
C LYS B 165 -24.27 -20.55 51.57
N ILE B 166 -24.77 -19.82 50.57
CA ILE B 166 -25.88 -18.90 50.78
C ILE B 166 -27.13 -19.65 51.22
N SER B 167 -27.43 -20.77 50.55
CA SER B 167 -28.58 -21.60 50.92
C SER B 167 -28.50 -22.10 52.37
N GLN B 168 -27.35 -22.65 52.73
CA GLN B 168 -27.12 -23.16 54.09
C GLN B 168 -27.33 -22.08 55.18
N LEU B 169 -26.83 -20.87 54.92
CA LEU B 169 -26.93 -19.75 55.87
C LEU B 169 -28.37 -19.25 56.06
N THR B 170 -29.10 -19.10 54.96
CA THR B 170 -30.49 -18.61 55.02
C THR B 170 -31.45 -19.62 55.66
N ARG B 171 -31.09 -20.90 55.59
CA ARG B 171 -31.95 -21.97 56.08
C ARG B 171 -31.67 -22.35 57.54
N MET B 172 -30.67 -21.70 58.16
CA MET B 172 -30.30 -21.91 59.58
C MET B 172 -31.35 -21.37 60.55
N GLY B 173 -32.06 -20.35 60.09
CA GLY B 173 -33.13 -19.71 60.84
C GLY B 173 -33.63 -18.55 60.02
N PRO B 174 -34.64 -17.80 60.52
CA PRO B 174 -35.10 -16.61 59.80
C PRO B 174 -33.95 -15.63 59.54
N THR B 175 -33.84 -15.23 58.28
CA THR B 175 -32.70 -14.44 57.80
C THR B 175 -33.23 -13.21 57.07
N GLU B 176 -32.63 -12.05 57.34
CA GLU B 176 -32.96 -10.83 56.61
C GLU B 176 -31.88 -10.48 55.59
N LEU B 177 -32.24 -9.61 54.65
CA LEU B 177 -31.38 -9.26 53.53
C LEU B 177 -31.32 -7.75 53.30
N LEU B 178 -30.11 -7.22 53.20
CA LEU B 178 -29.89 -5.83 52.86
C LEU B 178 -29.13 -5.70 51.54
N ILE B 179 -29.79 -5.11 50.55
CA ILE B 179 -29.19 -4.78 49.28
C ILE B 179 -28.99 -3.27 49.19
N GLU B 180 -27.74 -2.88 48.97
CA GLU B 180 -27.39 -1.47 48.87
C GLU B 180 -26.71 -1.17 47.54
N MET B 181 -26.98 0.02 47.00
CA MET B 181 -26.41 0.43 45.73
C MET B 181 -26.12 1.92 45.68
N GLU B 182 -25.20 2.30 44.79
CA GLU B 182 -24.75 3.68 44.65
C GLU B 182 -24.50 3.98 43.17
N ASP B 183 -24.91 5.17 42.72
CA ASP B 183 -24.69 5.55 41.33
C ASP B 183 -23.34 6.27 41.15
N TRP B 184 -23.12 6.80 39.95
CA TRP B 184 -21.83 7.40 39.62
C TRP B 184 -21.70 8.87 40.05
N LYS B 185 -22.80 9.44 40.57
CA LYS B 185 -22.82 10.79 41.14
C LYS B 185 -22.71 10.78 42.68
N GLY B 186 -22.77 9.60 43.27
CA GLY B 186 -22.57 9.45 44.71
C GLY B 186 -23.87 9.33 45.51
N ASP B 187 -24.99 9.40 44.82
CA ASP B 187 -26.31 9.17 45.43
C ASP B 187 -26.47 7.69 45.72
N LYS B 188 -27.28 7.36 46.72
CA LYS B 188 -27.51 5.96 47.07
C LYS B 188 -28.92 5.66 47.57
N VAL B 189 -29.32 4.40 47.39
CA VAL B 189 -30.58 3.86 47.90
C VAL B 189 -30.35 2.44 48.42
N LYS B 190 -31.36 1.89 49.10
CA LYS B 190 -31.28 0.55 49.65
C LYS B 190 -32.60 -0.21 49.50
N ALA B 191 -32.52 -1.54 49.53
CA ALA B 191 -33.69 -2.40 49.54
C ALA B 191 -33.52 -3.42 50.64
N HIS B 192 -34.34 -3.29 51.68
CA HIS B 192 -34.28 -4.17 52.82
C HIS B 192 -35.43 -5.16 52.77
N TYR B 193 -35.09 -6.45 52.85
CA TYR B 193 -36.08 -7.53 52.88
C TYR B 193 -35.97 -8.27 54.19
N GLY B 194 -36.93 -8.03 55.07
CA GLY B 194 -36.96 -8.63 56.41
C GLY B 194 -36.87 -10.15 56.43
N GLY B 195 -37.36 -10.79 55.36
CA GLY B 195 -37.28 -12.24 55.21
C GLY B 195 -36.61 -12.62 53.91
N PHE B 196 -35.68 -13.57 53.97
CA PHE B 196 -34.90 -14.00 52.80
C PHE B 196 -34.46 -15.47 52.93
N THR B 197 -34.79 -16.28 51.94
CA THR B 197 -34.43 -17.70 51.93
C THR B 197 -33.97 -18.15 50.54
N VAL B 198 -32.99 -19.06 50.52
CA VAL B 198 -32.48 -19.66 49.28
C VAL B 198 -32.43 -21.17 49.47
N GLN B 199 -33.21 -21.88 48.66
CA GLN B 199 -33.28 -23.34 48.76
C GLN B 199 -32.01 -23.98 48.18
N ASN B 200 -31.87 -25.30 48.28
CA ASN B 200 -30.62 -25.96 47.87
C ASN B 200 -30.54 -26.25 46.36
N GLU B 201 -29.48 -26.94 45.95
CA GLU B 201 -29.25 -27.25 44.53
C GLU B 201 -30.37 -28.10 43.96
N ALA B 202 -30.79 -29.13 44.72
CA ALA B 202 -31.94 -29.97 44.36
C ALA B 202 -33.18 -29.16 44.03
N ASN B 203 -33.31 -28.00 44.65
CA ASN B 203 -34.43 -27.09 44.40
C ASN B 203 -34.05 -25.89 43.54
N LYS B 204 -32.95 -26.03 42.79
CA LYS B 204 -32.47 -25.01 41.85
C LYS B 204 -32.18 -23.64 42.50
N TYR B 205 -31.86 -23.67 43.79
CA TYR B 205 -31.58 -22.49 44.62
C TYR B 205 -32.69 -21.44 44.61
N GLN B 206 -33.93 -21.91 44.72
CA GLN B 206 -35.11 -21.05 44.62
C GLN B 206 -35.15 -19.98 45.70
N ILE B 207 -35.42 -18.75 45.29
CA ILE B 207 -35.44 -17.59 46.18
C ILE B 207 -36.84 -17.21 46.66
N SER B 208 -36.91 -16.73 47.90
CA SER B 208 -38.09 -16.13 48.46
C SER B 208 -37.69 -14.89 49.26
N VAL B 209 -38.42 -13.80 49.05
CA VAL B 209 -38.21 -12.56 49.80
C VAL B 209 -39.55 -11.99 50.26
N ASN B 210 -39.54 -11.31 51.41
CA ASN B 210 -40.70 -10.58 51.90
C ASN B 210 -40.29 -9.46 52.86
N LYS B 211 -41.29 -8.76 53.39
CA LYS B 211 -41.10 -7.65 54.34
C LYS B 211 -40.13 -6.60 53.79
N TYR B 212 -40.50 -6.03 52.66
CA TYR B 212 -39.73 -4.99 52.01
C TYR B 212 -39.85 -3.66 52.75
N ARG B 213 -38.74 -2.92 52.79
CA ARG B 213 -38.73 -1.49 53.09
C ARG B 213 -37.49 -0.89 52.43
N GLY B 214 -37.55 0.40 52.11
CA GLY B 214 -36.37 1.08 51.59
C GLY B 214 -36.61 2.21 50.61
N THR B 215 -35.58 2.50 49.83
CA THR B 215 -35.59 3.63 48.92
C THR B 215 -35.33 3.25 47.46
N ALA B 216 -34.76 2.06 47.24
CA ALA B 216 -34.39 1.60 45.91
C ALA B 216 -35.59 1.16 45.07
N GLY B 217 -36.68 0.81 45.75
CA GLY B 217 -37.88 0.30 45.08
C GLY B 217 -37.89 -1.21 45.16
N ASN B 218 -39.08 -1.77 45.39
CA ASN B 218 -39.26 -3.21 45.60
C ASN B 218 -39.20 -4.01 44.30
N ALA B 219 -38.03 -4.02 43.66
CA ALA B 219 -37.82 -4.74 42.40
C ALA B 219 -38.04 -6.25 42.50
N LEU B 220 -37.59 -6.84 43.60
CA LEU B 220 -37.63 -8.29 43.77
C LEU B 220 -39.03 -8.86 43.93
N MET B 221 -39.92 -8.11 44.59
CA MET B 221 -41.28 -8.57 44.85
C MET B 221 -42.33 -8.02 43.87
N ASP B 222 -42.12 -6.79 43.40
CA ASP B 222 -43.12 -6.04 42.63
C ASP B 222 -42.82 -5.95 41.13
N GLY B 223 -41.59 -6.29 40.73
CA GLY B 223 -41.16 -6.12 39.35
C GLY B 223 -40.83 -4.68 39.04
N ALA B 224 -40.55 -4.39 37.77
CA ALA B 224 -40.14 -3.05 37.33
C ALA B 224 -41.29 -2.03 37.41
N SER B 225 -41.02 -0.89 38.03
CA SER B 225 -42.00 0.16 38.27
C SER B 225 -42.45 0.90 36.99
N GLN B 226 -41.66 0.76 35.92
CA GLN B 226 -41.98 1.39 34.63
C GLN B 226 -42.87 0.52 33.73
N LEU B 227 -43.02 -0.75 34.11
CA LEU B 227 -43.86 -1.69 33.37
C LEU B 227 -45.21 -1.90 34.07
N MET B 228 -46.19 -2.43 33.35
CA MET B 228 -47.54 -2.64 33.90
C MET B 228 -48.13 -3.98 33.45
N GLY B 229 -49.00 -4.56 34.28
CA GLY B 229 -49.71 -5.80 33.96
C GLY B 229 -48.83 -7.04 33.84
N GLU B 230 -49.01 -7.78 32.75
CA GLU B 230 -48.23 -8.99 32.46
C GLU B 230 -46.73 -8.69 32.42
N ASN B 231 -46.40 -7.59 31.74
CA ASN B 231 -45.01 -7.19 31.48
C ASN B 231 -44.22 -6.83 32.75
N ARG B 232 -44.93 -6.31 33.75
CA ARG B 232 -44.35 -6.06 35.07
C ARG B 232 -44.22 -7.36 35.86
N THR B 233 -45.31 -8.14 35.87
CA THR B 233 -45.37 -9.43 36.56
C THR B 233 -44.23 -10.36 36.17
N MET B 234 -43.90 -10.39 34.88
CA MET B 234 -42.83 -11.26 34.37
C MET B 234 -41.41 -10.77 34.72
N THR B 235 -41.30 -9.75 35.58
CA THR B 235 -40.00 -9.26 36.06
C THR B 235 -39.80 -9.46 37.58
N ILE B 236 -40.79 -10.06 38.24
CA ILE B 236 -40.71 -10.39 39.67
C ILE B 236 -39.74 -11.54 39.87
N HIS B 237 -38.81 -11.37 40.80
CA HIS B 237 -37.76 -12.36 41.07
C HIS B 237 -38.14 -13.32 42.18
N ASN B 238 -38.98 -12.85 43.08
CA ASN B 238 -39.49 -13.67 44.17
C ASN B 238 -40.08 -14.98 43.62
N GLY B 239 -39.65 -16.11 44.18
CA GLY B 239 -40.13 -17.42 43.75
C GLY B 239 -39.33 -18.04 42.61
N MET B 240 -38.42 -17.29 42.02
CA MET B 240 -37.68 -17.76 40.83
C MET B 240 -36.55 -18.73 41.19
N PHE B 241 -36.18 -19.57 40.22
CA PHE B 241 -35.00 -20.41 40.32
C PHE B 241 -33.79 -19.64 39.84
N PHE B 242 -32.61 -20.14 40.21
CA PHE B 242 -31.37 -19.57 39.75
C PHE B 242 -31.03 -20.15 38.38
N SER B 243 -30.61 -19.28 37.47
CA SER B 243 -30.00 -19.74 36.21
C SER B 243 -28.68 -19.05 35.87
N THR B 244 -27.79 -19.83 35.25
CA THR B 244 -26.58 -19.32 34.65
C THR B 244 -26.66 -19.59 33.14
N TYR B 245 -25.74 -19.02 32.37
CA TYR B 245 -25.83 -19.13 30.91
C TYR B 245 -25.66 -20.53 30.35
N ASP B 246 -25.15 -21.46 31.17
CA ASP B 246 -25.06 -22.87 30.81
C ASP B 246 -26.12 -23.73 31.53
N ARG B 247 -26.97 -23.11 32.33
CA ARG B 247 -28.03 -23.82 33.05
C ARG B 247 -29.30 -22.99 33.14
N ASP B 248 -30.21 -23.24 32.20
CA ASP B 248 -31.44 -22.49 32.05
C ASP B 248 -32.56 -22.98 33.00
N ASN B 249 -32.92 -22.13 33.95
CA ASN B 249 -34.03 -22.37 34.86
C ASN B 249 -34.95 -21.17 34.94
N ASP B 250 -34.97 -20.34 33.89
CA ASP B 250 -35.72 -19.07 33.91
C ASP B 250 -37.23 -19.27 33.71
N GLY B 251 -37.95 -18.16 33.56
CA GLY B 251 -39.40 -18.20 33.33
C GLY B 251 -39.84 -18.60 31.94
N TRP B 252 -38.96 -18.47 30.94
CA TRP B 252 -39.29 -18.77 29.54
C TRP B 252 -39.25 -20.27 29.24
N LEU B 253 -40.41 -20.81 28.86
CA LEU B 253 -40.53 -22.27 28.65
C LEU B 253 -40.41 -22.69 27.18
N THR B 254 -40.09 -21.74 26.31
CA THR B 254 -39.95 -22.00 24.88
C THR B 254 -38.68 -22.77 24.55
N SER B 255 -38.77 -23.71 23.62
CA SER B 255 -37.68 -24.62 23.30
C SER B 255 -36.77 -24.10 22.18
N ASP B 256 -36.27 -22.87 22.34
CA ASP B 256 -35.29 -22.30 21.42
C ASP B 256 -34.18 -21.58 22.20
N PRO B 257 -32.91 -21.82 21.82
CA PRO B 257 -31.75 -21.24 22.51
C PRO B 257 -31.72 -19.71 22.49
N ARG B 258 -32.49 -19.10 21.59
CA ARG B 258 -32.54 -17.64 21.45
C ARG B 258 -33.25 -16.96 22.61
N LYS B 259 -34.23 -17.66 23.20
CA LYS B 259 -34.98 -17.15 24.35
C LYS B 259 -34.40 -17.63 25.68
N GLN B 260 -33.33 -16.98 26.11
CA GLN B 260 -32.72 -17.22 27.40
C GLN B 260 -32.38 -15.91 28.09
N CYS B 261 -32.76 -15.79 29.35
CA CYS B 261 -32.47 -14.60 30.14
C CYS B 261 -30.97 -14.44 30.38
N SER B 262 -30.30 -15.53 30.72
CA SER B 262 -28.86 -15.54 30.88
C SER B 262 -28.16 -16.09 29.63
N LYS B 263 -27.51 -15.20 28.90
CA LYS B 263 -26.73 -15.57 27.73
C LYS B 263 -25.24 -15.52 28.09
N GLU B 264 -24.39 -15.93 27.14
CA GLU B 264 -22.95 -16.01 27.36
C GLU B 264 -22.35 -14.76 28.00
N ASP B 265 -21.58 -14.97 29.06
CA ASP B 265 -20.95 -13.90 29.84
C ASP B 265 -21.98 -13.05 30.59
N GLY B 266 -23.20 -13.56 30.70
CA GLY B 266 -24.24 -12.92 31.50
C GLY B 266 -24.17 -13.42 32.92
N GLY B 267 -24.64 -12.60 33.85
CA GLY B 267 -24.63 -12.97 35.26
C GLY B 267 -25.56 -14.12 35.60
N GLY B 268 -25.29 -14.75 36.73
CA GLY B 268 -26.21 -15.70 37.33
C GLY B 268 -27.17 -14.89 38.20
N TRP B 269 -28.46 -15.19 38.08
CA TRP B 269 -29.48 -14.48 38.84
C TRP B 269 -30.80 -15.26 38.87
N TRP B 270 -31.71 -14.80 39.71
CA TRP B 270 -33.03 -15.37 39.79
C TRP B 270 -33.92 -14.75 38.72
N TYR B 271 -33.70 -15.16 37.48
CA TYR B 271 -34.37 -14.59 36.33
C TYR B 271 -35.81 -15.07 36.20
N ASN B 272 -36.69 -14.17 35.81
CA ASN B 272 -38.05 -14.51 35.42
C ASN B 272 -38.16 -14.41 33.90
N ARG B 273 -38.79 -13.35 33.40
CA ARG B 273 -38.89 -13.07 31.97
C ARG B 273 -38.74 -11.55 31.67
N CYS B 274 -37.60 -10.94 31.98
CA CYS B 274 -36.45 -11.59 32.58
C CYS B 274 -36.07 -11.05 33.95
N HIS B 275 -36.07 -9.73 34.10
CA HIS B 275 -35.61 -9.10 35.34
C HIS B 275 -36.03 -7.65 35.53
N ALA B 276 -36.16 -7.25 36.80
CA ALA B 276 -36.29 -5.86 37.21
C ALA B 276 -35.00 -5.40 37.90
N ALA B 277 -34.09 -6.36 38.11
CA ALA B 277 -32.86 -6.16 38.86
C ALA B 277 -31.86 -7.27 38.60
N ASN B 278 -30.59 -6.90 38.48
CA ASN B 278 -29.50 -7.89 38.34
C ASN B 278 -28.20 -7.36 38.96
N PRO B 279 -28.03 -7.54 40.28
CA PRO B 279 -26.80 -7.23 41.00
C PRO B 279 -25.57 -7.91 40.41
N ASN B 280 -25.78 -9.05 39.73
CA ASN B 280 -24.69 -9.84 39.16
C ASN B 280 -24.43 -9.57 37.67
N GLY B 281 -25.00 -8.47 37.17
CA GLY B 281 -24.84 -8.08 35.77
C GLY B 281 -23.44 -7.61 35.42
N ARG B 282 -23.25 -7.22 34.17
CA ARG B 282 -21.95 -6.74 33.72
C ARG B 282 -21.70 -5.31 34.18
N TYR B 283 -20.46 -5.04 34.60
CA TYR B 283 -20.09 -3.75 35.16
C TYR B 283 -19.73 -2.74 34.07
N TYR B 284 -20.69 -1.89 33.69
CA TYR B 284 -20.44 -0.81 32.75
C TYR B 284 -19.89 0.40 33.49
N TRP B 285 -18.82 0.98 32.97
CA TRP B 285 -18.19 2.14 33.59
C TRP B 285 -18.95 3.42 33.26
N GLY B 286 -19.14 4.26 34.28
CA GLY B 286 -19.83 5.53 34.14
C GLY B 286 -21.34 5.47 34.34
N GLY B 287 -21.89 4.27 34.39
CA GLY B 287 -23.30 4.08 34.67
C GLY B 287 -24.19 3.92 33.45
N GLN B 288 -24.27 4.97 32.64
CA GLN B 288 -25.07 4.95 31.41
C GLN B 288 -24.48 3.99 30.37
N TYR B 289 -25.35 3.17 29.80
CA TYR B 289 -25.01 2.30 28.67
C TYR B 289 -26.24 2.12 27.77
N THR B 290 -26.03 1.61 26.56
CA THR B 290 -27.10 1.45 25.58
C THR B 290 -27.10 0.04 24.97
N TRP B 291 -28.19 -0.29 24.29
CA TRP B 291 -28.34 -1.61 23.64
C TRP B 291 -27.18 -1.97 22.70
N ASP B 292 -26.63 -0.97 22.02
CA ASP B 292 -25.55 -1.18 21.05
C ASP B 292 -24.15 -1.26 21.68
N MET B 293 -24.09 -1.16 23.01
CA MET B 293 -22.86 -1.43 23.76
C MET B 293 -22.89 -2.85 24.34
N ALA B 294 -24.09 -3.42 24.43
CA ALA B 294 -24.32 -4.72 25.08
C ALA B 294 -24.09 -5.92 24.14
N LYS B 295 -23.36 -6.91 24.64
CA LYS B 295 -22.94 -8.07 23.85
C LYS B 295 -24.05 -8.74 23.04
N HIS B 296 -25.21 -8.91 23.64
CA HIS B 296 -26.36 -9.56 22.99
C HIS B 296 -27.52 -8.57 22.78
N GLY B 297 -27.21 -7.28 22.89
CA GLY B 297 -28.20 -6.21 22.72
C GLY B 297 -29.21 -6.07 23.84
N THR B 298 -28.91 -6.65 25.00
CA THR B 298 -29.86 -6.63 26.12
C THR B 298 -29.37 -5.77 27.29
N ASP B 299 -30.26 -5.54 28.25
CA ASP B 299 -29.98 -4.72 29.42
C ASP B 299 -29.29 -5.55 30.50
N ASP B 300 -28.06 -5.98 30.23
CA ASP B 300 -27.38 -6.99 31.02
C ASP B 300 -26.45 -6.43 32.11
N GLY B 301 -26.64 -5.17 32.48
CA GLY B 301 -25.75 -4.47 33.40
C GLY B 301 -26.08 -4.67 34.86
N VAL B 302 -25.39 -3.94 35.73
CA VAL B 302 -25.66 -3.98 37.16
C VAL B 302 -26.88 -3.09 37.43
N VAL B 303 -28.06 -3.71 37.33
CA VAL B 303 -29.32 -2.98 37.16
C VAL B 303 -30.27 -3.06 38.36
N TRP B 304 -30.94 -1.94 38.63
CA TRP B 304 -32.09 -1.88 39.53
C TRP B 304 -33.16 -0.95 38.93
N MET B 305 -33.99 -1.50 38.05
CA MET B 305 -34.88 -0.70 37.21
C MET B 305 -35.73 0.28 38.02
N ASN B 306 -36.18 -0.17 39.18
CA ASN B 306 -37.02 0.60 40.09
C ASN B 306 -36.36 1.88 40.63
N TRP B 307 -35.05 2.01 40.42
CA TRP B 307 -34.35 3.24 40.77
C TRP B 307 -33.87 4.04 39.55
N LYS B 308 -33.14 3.39 38.64
CA LYS B 308 -32.45 4.08 37.55
C LYS B 308 -32.83 3.63 36.14
N GLY B 309 -33.62 2.57 36.04
CA GLY B 309 -34.01 2.02 34.74
C GLY B 309 -33.12 0.86 34.29
N SER B 310 -33.36 0.38 33.07
CA SER B 310 -32.69 -0.81 32.52
C SER B 310 -31.30 -0.52 31.94
N TRP B 311 -31.02 0.76 31.70
CA TRP B 311 -29.83 1.15 30.95
C TRP B 311 -28.87 1.98 31.78
N TYR B 312 -28.98 1.79 33.09
CA TYR B 312 -28.05 2.35 34.06
C TYR B 312 -27.41 1.20 34.84
N SER B 313 -26.08 1.25 34.94
CA SER B 313 -25.30 0.23 35.64
C SER B 313 -24.67 0.83 36.89
N MET B 314 -25.07 0.31 38.07
CA MET B 314 -24.60 0.81 39.36
C MET B 314 -23.08 0.91 39.52
N ARG B 315 -22.63 1.88 40.31
CA ARG B 315 -21.22 2.01 40.64
C ARG B 315 -20.88 1.07 41.79
N LYS B 316 -21.77 1.01 42.78
CA LYS B 316 -21.66 0.06 43.88
C LYS B 316 -22.95 -0.74 44.00
N MET B 317 -22.80 -2.02 44.30
CA MET B 317 -23.93 -2.91 44.55
C MET B 317 -23.44 -3.99 45.51
N SER B 318 -24.26 -4.34 46.50
CA SER B 318 -23.90 -5.37 47.48
C SER B 318 -25.13 -6.04 48.07
N MET B 319 -24.92 -7.26 48.56
CA MET B 319 -25.95 -8.03 49.25
C MET B 319 -25.39 -8.59 50.56
N LYS B 320 -26.13 -8.37 51.65
CA LYS B 320 -25.69 -8.73 53.00
C LYS B 320 -26.84 -9.40 53.74
N ILE B 321 -26.55 -10.51 54.42
CA ILE B 321 -27.56 -11.18 55.24
C ILE B 321 -27.22 -11.22 56.75
N ARG B 322 -28.23 -11.51 57.55
CA ARG B 322 -28.14 -11.56 59.01
C ARG B 322 -29.35 -12.32 59.57
N PRO B 323 -29.13 -13.17 60.60
CA PRO B 323 -30.27 -13.73 61.36
C PRO B 323 -31.28 -12.66 61.77
N PHE B 324 -32.55 -12.91 61.51
CA PHE B 324 -33.64 -11.98 61.81
C PHE B 324 -34.01 -12.11 63.28
N PHE B 325 -34.24 -10.96 63.94
CA PHE B 325 -34.72 -10.92 65.32
C PHE B 325 -35.93 -9.99 65.39
N SER C 18 -13.84 12.73 -10.28
CA SER C 18 -14.42 11.38 -10.05
C SER C 18 -13.36 10.29 -10.24
N SER C 19 -13.07 9.56 -9.16
CA SER C 19 -12.06 8.49 -9.17
C SER C 19 -12.69 7.11 -8.91
N ILE C 20 -12.08 6.08 -9.50
CA ILE C 20 -12.57 4.70 -9.34
C ILE C 20 -11.52 3.76 -8.74
N ARG C 21 -11.46 3.77 -7.41
CA ARG C 21 -10.60 2.86 -6.64
C ARG C 21 -11.39 2.34 -5.45
N TYR C 22 -11.59 1.02 -5.39
CA TYR C 22 -12.33 0.40 -4.29
C TYR C 22 -11.44 0.06 -3.09
N LEU C 23 -10.27 -0.52 -3.38
CA LEU C 23 -9.38 -1.08 -2.35
C LEU C 23 -10.10 -2.16 -1.53
N GLN C 24 -10.84 -1.72 -0.51
CA GLN C 24 -11.77 -2.55 0.28
C GLN C 24 -11.17 -3.81 0.93
N GLU C 25 -9.90 -4.08 0.67
CA GLU C 25 -9.17 -5.15 1.35
C GLU C 25 -8.99 -4.75 2.81
N ILE C 26 -8.99 -3.44 3.05
CA ILE C 26 -8.94 -2.84 4.38
C ILE C 26 -10.16 -3.25 5.22
N TYR C 27 -11.33 -3.32 4.57
CA TYR C 27 -12.56 -3.77 5.23
C TYR C 27 -12.52 -5.25 5.59
N ASN C 28 -12.21 -6.10 4.61
CA ASN C 28 -12.15 -7.56 4.80
C ASN C 28 -11.01 -7.99 5.73
N SER C 29 -9.90 -7.25 5.68
CA SER C 29 -8.75 -7.48 6.55
C SER C 29 -9.06 -7.10 8.00
N ASN C 30 -9.98 -6.15 8.18
CA ASN C 30 -10.44 -5.74 9.50
C ASN C 30 -11.38 -6.78 10.13
N ASN C 31 -12.32 -7.29 9.34
CA ASN C 31 -13.20 -8.39 9.77
C ASN C 31 -12.41 -9.61 10.25
N GLN C 32 -11.36 -9.95 9.52
CA GLN C 32 -10.48 -11.07 9.86
C GLN C 32 -9.62 -10.75 11.10
N LYS C 33 -9.26 -9.49 11.24
CA LYS C 33 -8.50 -9.01 12.39
C LYS C 33 -9.37 -9.03 13.64
N ILE C 34 -10.68 -8.80 13.46
CA ILE C 34 -11.66 -8.84 14.54
C ILE C 34 -11.89 -10.28 15.04
N VAL C 35 -12.14 -11.19 14.11
CA VAL C 35 -12.36 -12.61 14.42
C VAL C 35 -11.16 -13.20 15.17
N ASN C 36 -9.95 -12.79 14.80
CA ASN C 36 -8.73 -13.20 15.49
C ASN C 36 -8.53 -12.50 16.84
N LEU C 37 -8.99 -11.25 16.95
CA LEU C 37 -8.95 -10.50 18.21
C LEU C 37 -9.90 -11.11 19.24
N LYS C 38 -11.10 -11.46 18.79
CA LYS C 38 -12.10 -12.14 19.61
C LYS C 38 -11.57 -13.46 20.19
N GLU C 39 -10.71 -14.13 19.44
CA GLU C 39 -10.04 -15.34 19.90
C GLU C 39 -9.08 -15.01 21.04
N LYS C 40 -8.32 -13.92 20.89
CA LYS C 40 -7.38 -13.45 21.91
C LYS C 40 -8.11 -13.02 23.18
N VAL C 41 -9.26 -12.36 23.00
CA VAL C 41 -10.10 -11.88 24.11
C VAL C 41 -10.66 -13.06 24.92
N ALA C 42 -11.09 -14.11 24.24
CA ALA C 42 -11.58 -15.33 24.90
C ALA C 42 -10.48 -16.01 25.72
N GLN C 43 -9.24 -15.92 25.23
CA GLN C 43 -8.08 -16.52 25.90
C GLN C 43 -7.68 -15.75 27.16
N LEU C 44 -7.84 -14.42 27.10
CA LEU C 44 -7.60 -13.56 28.26
C LEU C 44 -8.65 -13.77 29.35
N GLU C 45 -9.90 -13.99 28.93
CA GLU C 45 -11.01 -14.27 29.85
C GLU C 45 -10.71 -15.48 30.75
N ALA C 46 -10.21 -16.56 30.16
CA ALA C 46 -9.86 -17.79 30.87
C ALA C 46 -8.67 -17.61 31.83
N GLN C 47 -7.92 -16.52 31.65
CA GLN C 47 -6.79 -16.21 32.52
C GLN C 47 -7.18 -15.26 33.64
N CYS C 48 -8.43 -14.78 33.63
CA CYS C 48 -8.92 -13.86 34.65
C CYS C 48 -10.16 -14.39 35.35
N GLN C 49 -10.09 -15.66 35.78
CA GLN C 49 -11.22 -16.32 36.43
C GLN C 49 -10.94 -16.55 37.90
N GLU C 50 -9.66 -16.78 38.21
CA GLU C 50 -9.24 -17.11 39.56
C GLU C 50 -9.09 -15.85 40.42
N PRO C 51 -9.28 -15.98 41.74
CA PRO C 51 -9.10 -14.83 42.62
C PRO C 51 -7.62 -14.57 42.93
N CYS C 52 -7.33 -13.47 43.61
CA CYS C 52 -5.99 -13.23 44.15
C CYS C 52 -5.58 -14.42 45.02
N LYS C 53 -4.32 -14.80 44.93
CA LYS C 53 -3.77 -15.89 45.71
C LYS C 53 -3.49 -15.37 47.14
N ASP C 54 -4.05 -16.04 48.14
CA ASP C 54 -3.85 -15.66 49.53
C ASP C 54 -2.66 -16.44 50.07
N THR C 55 -1.66 -15.72 50.60
CA THR C 55 -0.47 -16.37 51.19
C THR C 55 -0.82 -17.12 52.48
N VAL C 56 -1.91 -16.72 53.11
CA VAL C 56 -2.34 -17.34 54.37
C VAL C 56 -3.16 -18.62 54.11
N GLN C 57 -2.59 -19.75 54.51
CA GLN C 57 -3.27 -21.04 54.42
C GLN C 57 -3.30 -21.74 55.78
N ILE C 58 -4.33 -22.55 55.99
CA ILE C 58 -4.48 -23.35 57.20
C ILE C 58 -4.09 -24.79 56.88
N HIS C 59 -3.30 -25.41 57.75
CA HIS C 59 -2.93 -26.81 57.61
C HIS C 59 -4.13 -27.76 57.82
N ASP C 60 -4.00 -28.97 57.27
CA ASP C 60 -5.05 -30.00 57.28
C ASP C 60 -5.06 -30.86 58.54
N ILE C 61 -3.88 -31.19 59.05
CA ILE C 61 -3.76 -31.98 60.29
C ILE C 61 -4.45 -31.24 61.42
N THR C 62 -5.19 -32.00 62.22
CA THR C 62 -5.89 -31.44 63.36
C THR C 62 -5.69 -32.37 64.56
N GLY C 63 -6.14 -31.95 65.72
CA GLY C 63 -5.94 -32.71 66.97
C GLY C 63 -6.49 -31.97 68.16
N LYS C 64 -6.19 -32.46 69.36
CA LYS C 64 -6.67 -31.86 70.61
C LYS C 64 -5.96 -30.57 70.94
N ASP C 65 -4.68 -30.52 70.57
CA ASP C 65 -3.83 -29.36 70.78
C ASP C 65 -2.65 -29.44 69.81
N CYS C 66 -1.72 -28.50 69.93
CA CYS C 66 -0.58 -28.43 69.01
C CYS C 66 0.41 -29.58 69.23
N GLN C 67 0.41 -30.16 70.43
CA GLN C 67 1.30 -31.28 70.70
C GLN C 67 0.79 -32.55 70.03
N ASP C 68 -0.51 -32.75 70.10
CA ASP C 68 -1.19 -33.85 69.44
C ASP C 68 -0.94 -33.77 67.94
N ILE C 69 -1.00 -32.55 67.39
CA ILE C 69 -0.73 -32.28 65.98
C ILE C 69 0.71 -32.61 65.58
N ALA C 70 1.66 -32.25 66.46
CA ALA C 70 3.07 -32.56 66.24
C ALA C 70 3.28 -34.08 66.27
N ASN C 71 2.64 -34.74 67.23
CA ASN C 71 2.69 -36.20 67.37
C ASN C 71 2.20 -36.94 66.11
N LYS C 72 1.25 -36.33 65.39
CA LYS C 72 0.72 -36.87 64.13
C LYS C 72 1.61 -36.55 62.92
N GLY C 73 2.77 -35.94 63.17
CA GLY C 73 3.77 -35.74 62.13
C GLY C 73 3.89 -34.37 61.50
N ALA C 74 3.06 -33.41 61.94
CA ALA C 74 3.21 -32.03 61.47
C ALA C 74 4.57 -31.46 61.90
N LYS C 75 5.25 -30.81 60.96
CA LYS C 75 6.60 -30.28 61.19
C LYS C 75 6.71 -28.76 61.13
N GLN C 76 5.68 -28.12 60.57
CA GLN C 76 5.71 -26.68 60.33
C GLN C 76 4.90 -25.87 61.33
N SER C 77 5.53 -24.87 61.91
CA SER C 77 4.81 -23.87 62.68
C SER C 77 3.82 -23.17 61.78
N GLY C 78 2.64 -22.86 62.31
CA GLY C 78 1.62 -22.18 61.51
C GLY C 78 0.22 -22.41 62.03
N LEU C 79 -0.76 -22.20 61.16
CA LEU C 79 -2.16 -22.21 61.58
C LEU C 79 -2.79 -23.59 61.44
N TYR C 80 -3.47 -24.02 62.51
CA TYR C 80 -4.09 -25.35 62.59
C TYR C 80 -5.40 -25.21 63.37
N PHE C 81 -6.39 -26.04 63.02
CA PHE C 81 -7.55 -26.22 63.85
C PHE C 81 -7.23 -27.24 64.94
N ILE C 82 -7.71 -27.00 66.15
CA ILE C 82 -7.68 -28.00 67.21
C ILE C 82 -9.06 -28.10 67.85
N LYS C 83 -9.33 -29.23 68.49
CA LYS C 83 -10.58 -29.43 69.20
C LYS C 83 -10.32 -30.28 70.45
N PRO C 84 -10.03 -29.63 71.60
CA PRO C 84 -9.99 -30.36 72.86
C PRO C 84 -11.28 -31.17 73.02
N LEU C 85 -11.19 -32.32 73.68
CA LEU C 85 -12.33 -33.22 73.88
C LEU C 85 -13.62 -32.50 74.30
N LYS C 86 -13.49 -31.63 75.31
CA LYS C 86 -14.66 -30.95 75.88
C LYS C 86 -15.11 -29.72 75.09
N ALA C 87 -14.35 -29.32 74.07
CA ALA C 87 -14.74 -28.19 73.22
C ALA C 87 -15.92 -28.57 72.35
N ASN C 88 -16.88 -27.65 72.26
CA ASN C 88 -18.09 -27.85 71.44
C ASN C 88 -17.80 -27.70 69.96
N GLN C 89 -16.88 -26.79 69.64
CA GLN C 89 -16.45 -26.61 68.26
C GLN C 89 -14.92 -26.52 68.22
N GLN C 90 -14.36 -26.86 67.06
CA GLN C 90 -12.96 -26.66 66.79
C GLN C 90 -12.66 -25.15 66.64
N PHE C 91 -11.41 -24.77 66.85
CA PHE C 91 -11.00 -23.38 66.68
C PHE C 91 -9.57 -23.31 66.20
N LEU C 92 -9.26 -22.21 65.52
CA LEU C 92 -7.95 -21.97 64.95
C LEU C 92 -6.93 -21.51 66.00
N VAL C 93 -5.71 -22.00 65.86
CA VAL C 93 -4.58 -21.59 66.72
C VAL C 93 -3.29 -21.44 65.90
N TYR C 94 -2.32 -20.72 66.45
CA TYR C 94 -0.95 -20.76 65.94
C TYR C 94 -0.21 -21.86 66.70
N CYS C 95 0.37 -22.80 65.97
CA CYS C 95 1.18 -23.86 66.57
C CYS C 95 2.66 -23.56 66.33
N GLU C 96 3.45 -23.57 67.41
CA GLU C 96 4.89 -23.56 67.27
C GLU C 96 5.43 -24.99 67.39
N ILE C 97 6.05 -25.46 66.32
CA ILE C 97 6.59 -26.82 66.27
C ILE C 97 8.10 -26.74 66.05
N ASP C 98 8.88 -27.30 66.97
CA ASP C 98 10.35 -27.23 66.89
C ASP C 98 10.94 -28.50 66.28
N GLY C 99 12.26 -28.55 66.16
CA GLY C 99 12.98 -29.71 65.59
C GLY C 99 12.95 -30.98 66.43
N SER C 100 12.32 -30.92 67.61
CA SER C 100 12.27 -32.04 68.55
C SER C 100 10.87 -32.61 68.75
N GLY C 101 9.91 -32.17 67.93
CA GLY C 101 8.55 -32.67 67.99
C GLY C 101 7.68 -32.07 69.08
N ASN C 102 8.16 -31.00 69.70
CA ASN C 102 7.36 -30.25 70.66
C ASN C 102 6.41 -29.33 69.90
N GLY C 103 5.11 -29.43 70.23
CA GLY C 103 4.08 -28.57 69.65
C GLY C 103 3.48 -27.66 70.70
N TRP C 104 3.89 -26.39 70.67
CA TRP C 104 3.39 -25.36 71.56
C TRP C 104 2.15 -24.71 70.97
N THR C 105 1.11 -24.55 71.80
CA THR C 105 -0.08 -23.78 71.45
C THR C 105 0.11 -22.37 71.99
N VAL C 106 0.17 -21.39 71.09
CA VAL C 106 0.48 -20.01 71.46
C VAL C 106 -0.84 -19.30 71.72
N PHE C 107 -0.99 -18.74 72.92
CA PHE C 107 -2.21 -18.02 73.27
C PHE C 107 -2.10 -16.50 73.40
N GLN C 108 -0.87 -15.99 73.41
CA GLN C 108 -0.66 -14.53 73.43
C GLN C 108 0.62 -14.17 72.71
N LYS C 109 0.55 -13.06 71.97
CA LYS C 109 1.70 -12.54 71.24
C LYS C 109 1.66 -11.01 71.20
N ARG C 110 2.79 -10.39 71.56
CA ARG C 110 3.00 -8.95 71.37
C ARG C 110 4.28 -8.79 70.57
N LEU C 111 4.30 -7.79 69.70
CA LEU C 111 5.34 -7.68 68.69
C LEU C 111 5.63 -6.25 68.23
N ASP C 112 4.60 -5.40 68.16
CA ASP C 112 4.75 -4.09 67.49
C ASP C 112 3.73 -3.02 67.86
N GLY C 113 2.78 -3.37 68.73
CA GLY C 113 1.75 -2.43 69.17
C GLY C 113 0.60 -2.21 68.21
N SER C 114 0.45 -3.09 67.24
CA SER C 114 -0.59 -2.95 66.21
C SER C 114 -2.00 -3.29 66.72
N VAL C 115 -2.11 -4.04 67.81
CA VAL C 115 -3.42 -4.44 68.34
C VAL C 115 -3.70 -3.81 69.70
N ASP C 116 -4.92 -3.29 69.84
CA ASP C 116 -5.37 -2.70 71.08
C ASP C 116 -5.76 -3.80 72.07
N PHE C 117 -5.16 -3.77 73.26
CA PHE C 117 -5.42 -4.78 74.28
C PHE C 117 -6.31 -4.26 75.41
N LYS C 118 -6.83 -3.05 75.22
CA LYS C 118 -7.84 -2.50 76.11
C LYS C 118 -9.18 -3.00 75.58
N LYS C 119 -9.54 -4.21 76.02
CA LYS C 119 -10.68 -4.95 75.50
C LYS C 119 -11.55 -5.37 76.65
N ASN C 120 -12.81 -5.70 76.38
CA ASN C 120 -13.73 -6.04 77.44
C ASN C 120 -13.72 -7.54 77.79
N TRP C 121 -14.59 -7.93 78.70
CA TRP C 121 -14.69 -9.31 79.18
C TRP C 121 -14.97 -10.31 78.05
N ILE C 122 -15.98 -10.01 77.24
CA ILE C 122 -16.36 -10.86 76.10
C ILE C 122 -15.22 -11.02 75.11
N GLN C 123 -14.57 -9.90 74.79
CA GLN C 123 -13.43 -9.92 73.87
C GLN C 123 -12.24 -10.74 74.40
N TYR C 124 -11.93 -10.61 75.69
CA TYR C 124 -10.92 -11.47 76.31
C TYR C 124 -11.38 -12.93 76.44
N LYS C 125 -12.68 -13.14 76.63
CA LYS C 125 -13.24 -14.48 76.63
C LYS C 125 -13.10 -15.17 75.27
N GLU C 126 -13.41 -14.43 74.20
CA GLU C 126 -13.55 -15.03 72.85
C GLU C 126 -12.30 -14.93 72.01
N GLY C 127 -11.43 -13.98 72.34
CA GLY C 127 -10.19 -13.76 71.64
C GLY C 127 -10.26 -12.55 70.74
N PHE C 128 -9.10 -11.98 70.45
CA PHE C 128 -8.99 -10.85 69.51
C PHE C 128 -7.59 -10.82 68.91
N GLY C 129 -7.38 -9.89 67.97
CA GLY C 129 -6.16 -9.85 67.18
C GLY C 129 -6.26 -10.85 66.05
N HIS C 130 -5.12 -11.13 65.42
CA HIS C 130 -5.06 -11.95 64.20
C HIS C 130 -4.02 -13.05 64.30
N LEU C 131 -4.29 -14.13 63.57
CA LEU C 131 -3.42 -15.29 63.49
C LEU C 131 -2.76 -15.34 62.11
N SER C 132 -1.45 -15.59 62.13
CA SER C 132 -0.63 -15.60 60.92
C SER C 132 0.21 -16.88 60.87
N PRO C 133 0.42 -17.44 59.67
CA PRO C 133 1.28 -18.61 59.50
C PRO C 133 2.70 -18.30 59.93
N THR C 134 3.07 -17.03 59.80
CA THR C 134 4.43 -16.53 60.05
C THR C 134 4.68 -16.15 61.52
N GLY C 135 3.62 -16.19 62.34
CA GLY C 135 3.74 -15.79 63.75
C GLY C 135 4.23 -14.36 63.93
N THR C 136 3.71 -13.45 63.11
CA THR C 136 4.16 -12.06 63.06
C THR C 136 3.04 -11.09 63.44
N THR C 137 1.99 -11.61 64.07
CA THR C 137 0.82 -10.82 64.41
C THR C 137 0.55 -10.90 65.89
N GLU C 138 -0.06 -9.85 66.41
CA GLU C 138 -0.45 -9.77 67.82
C GLU C 138 -1.84 -10.37 68.02
N PHE C 139 -2.02 -11.11 69.11
CA PHE C 139 -3.33 -11.68 69.43
C PHE C 139 -3.49 -12.10 70.88
N TRP C 140 -4.75 -12.20 71.30
CA TRP C 140 -5.13 -12.93 72.50
C TRP C 140 -6.07 -14.06 72.08
N LEU C 141 -5.70 -15.31 72.35
CA LEU C 141 -6.48 -16.45 71.84
C LEU C 141 -7.91 -16.51 72.39
N GLY C 142 -8.11 -16.07 73.63
CA GLY C 142 -9.42 -16.11 74.29
C GLY C 142 -9.39 -17.03 75.51
N ASN C 143 -9.88 -16.53 76.63
CA ASN C 143 -9.86 -17.26 77.90
C ASN C 143 -10.59 -18.60 77.84
N GLU C 144 -11.69 -18.66 77.10
CA GLU C 144 -12.48 -19.89 77.05
C GLU C 144 -11.65 -20.99 76.41
N LYS C 145 -10.95 -20.66 75.33
CA LYS C 145 -10.04 -21.58 74.65
C LYS C 145 -8.86 -22.00 75.50
N ILE C 146 -8.22 -21.05 76.20
CA ILE C 146 -7.07 -21.38 77.08
C ILE C 146 -7.54 -22.36 78.14
N HIS C 147 -8.72 -22.09 78.70
CA HIS C 147 -9.34 -22.96 79.69
C HIS C 147 -9.52 -24.38 79.13
N LEU C 148 -10.11 -24.48 77.93
CA LEU C 148 -10.35 -25.79 77.28
C LEU C 148 -9.07 -26.58 77.02
N ILE C 149 -8.03 -25.91 76.55
CA ILE C 149 -6.76 -26.56 76.25
C ILE C 149 -6.03 -27.03 77.51
N SER C 150 -6.00 -26.17 78.54
CA SER C 150 -5.22 -26.43 79.73
C SER C 150 -5.94 -27.30 80.77
N THR C 151 -7.21 -27.61 80.55
CA THR C 151 -7.98 -28.45 81.50
C THR C 151 -8.47 -29.78 80.91
N GLN C 152 -7.85 -30.20 79.82
CA GLN C 152 -8.09 -31.54 79.25
C GLN C 152 -7.79 -32.61 80.30
N SER C 153 -8.62 -33.64 80.32
CA SER C 153 -8.64 -34.57 81.46
C SER C 153 -7.31 -35.29 81.69
N ALA C 154 -6.72 -35.05 82.86
CA ALA C 154 -5.49 -35.70 83.32
C ALA C 154 -4.30 -35.54 82.36
N ILE C 155 -4.05 -34.29 81.96
CA ILE C 155 -2.91 -33.96 81.12
C ILE C 155 -2.30 -32.68 81.71
N PRO C 156 -1.27 -32.83 82.58
CA PRO C 156 -0.63 -31.67 83.18
C PRO C 156 -0.02 -30.78 82.10
N TYR C 157 -0.24 -29.49 82.22
CA TYR C 157 0.24 -28.55 81.22
C TYR C 157 1.32 -27.63 81.79
N ALA C 158 2.12 -27.06 80.89
CA ALA C 158 3.11 -26.06 81.27
C ALA C 158 2.92 -24.79 80.47
N LEU C 159 3.24 -23.66 81.09
CA LEU C 159 3.27 -22.38 80.41
C LEU C 159 4.70 -21.88 80.29
N ARG C 160 5.07 -21.43 79.09
CA ARG C 160 6.28 -20.65 78.90
C ARG C 160 5.97 -19.21 78.48
N VAL C 161 6.56 -18.27 79.22
CA VAL C 161 6.51 -16.87 78.89
C VAL C 161 7.87 -16.58 78.27
N GLU C 162 7.89 -16.04 77.06
CA GLU C 162 9.15 -15.54 76.50
C GLU C 162 9.07 -14.05 76.24
N LEU C 163 10.12 -13.35 76.66
CA LEU C 163 10.20 -11.88 76.55
C LEU C 163 11.39 -11.44 75.71
N GLU C 164 11.21 -10.34 74.99
CA GLU C 164 12.30 -9.73 74.24
C GLU C 164 12.37 -8.25 74.59
N ASP C 165 13.57 -7.76 74.90
CA ASP C 165 13.76 -6.35 75.16
C ASP C 165 14.06 -5.58 73.87
N TRP C 166 14.40 -4.31 73.99
CA TRP C 166 14.62 -3.46 72.80
C TRP C 166 16.05 -3.55 72.28
N ASN C 167 16.87 -4.37 72.92
CA ASN C 167 18.24 -4.64 72.48
C ASN C 167 18.44 -6.07 72.00
N GLY C 168 17.34 -6.74 71.63
CA GLY C 168 17.41 -8.10 71.10
C GLY C 168 17.73 -9.25 72.07
N ARG C 169 17.75 -8.96 73.36
CA ARG C 169 17.92 -10.02 74.37
C ARG C 169 16.58 -10.66 74.72
N THR C 170 16.60 -11.98 74.88
CA THR C 170 15.40 -12.71 75.23
C THR C 170 15.57 -13.43 76.55
N SER C 171 14.45 -13.67 77.21
CA SER C 171 14.44 -14.42 78.45
C SER C 171 13.14 -15.21 78.56
N THR C 172 13.11 -16.22 79.43
CA THR C 172 11.91 -17.03 79.61
C THR C 172 11.56 -17.26 81.07
N ALA C 173 10.30 -17.60 81.30
CA ALA C 173 9.85 -18.05 82.60
C ALA C 173 8.84 -19.19 82.39
N ASP C 174 9.07 -20.29 83.10
CA ASP C 174 8.23 -21.48 82.98
C ASP C 174 7.41 -21.71 84.25
N TYR C 175 6.15 -22.10 84.05
CA TYR C 175 5.23 -22.41 85.15
C TYR C 175 4.66 -23.79 84.97
N ALA C 176 4.81 -24.65 86.00
CA ALA C 176 4.35 -26.04 85.92
C ALA C 176 2.91 -26.19 86.41
N MET C 177 2.20 -27.13 85.78
CA MET C 177 0.80 -27.44 86.06
C MET C 177 -0.11 -26.24 85.86
N PHE C 178 0.13 -25.53 84.76
CA PHE C 178 -0.63 -24.35 84.37
C PHE C 178 -2.06 -24.73 84.03
N LYS C 179 -3.02 -24.00 84.60
CA LYS C 179 -4.45 -24.21 84.31
C LYS C 179 -5.16 -22.86 84.31
N VAL C 180 -6.09 -22.66 83.38
CA VAL C 180 -7.01 -21.53 83.44
C VAL C 180 -8.39 -22.10 83.71
N GLY C 181 -9.05 -21.58 84.75
CA GLY C 181 -10.32 -22.12 85.22
C GLY C 181 -11.48 -21.70 84.33
N PRO C 182 -12.69 -22.21 84.63
CA PRO C 182 -13.86 -21.92 83.78
C PRO C 182 -14.38 -20.50 83.99
N GLU C 183 -15.27 -20.05 83.12
CA GLU C 183 -15.86 -18.71 83.28
C GLU C 183 -16.55 -18.54 84.63
N ALA C 184 -17.10 -19.64 85.17
CA ALA C 184 -17.76 -19.61 86.48
C ALA C 184 -16.78 -19.25 87.61
N ASP C 185 -15.49 -19.58 87.42
CA ASP C 185 -14.46 -19.13 88.35
C ASP C 185 -13.63 -17.96 87.78
N LYS C 186 -14.26 -17.17 86.92
CA LYS C 186 -13.65 -15.99 86.29
C LYS C 186 -12.27 -16.25 85.70
N TYR C 187 -12.14 -17.40 85.06
CA TYR C 187 -10.92 -17.78 84.35
C TYR C 187 -9.66 -17.64 85.20
N ARG C 188 -9.78 -18.07 86.45
CA ARG C 188 -8.69 -18.03 87.40
C ARG C 188 -7.42 -18.68 86.85
N LEU C 189 -6.30 -17.97 86.97
CA LEU C 189 -4.97 -18.48 86.68
C LEU C 189 -4.48 -19.36 87.82
N THR C 190 -4.02 -20.56 87.50
CA THR C 190 -3.42 -21.43 88.52
C THR C 190 -2.21 -22.15 87.94
N TYR C 191 -1.21 -22.39 88.80
CA TYR C 191 -0.11 -23.28 88.49
C TYR C 191 0.42 -23.87 89.80
N ALA C 192 1.18 -24.97 89.73
CA ALA C 192 1.70 -25.59 90.95
C ALA C 192 2.96 -24.87 91.43
N TYR C 193 3.94 -24.68 90.54
CA TYR C 193 5.20 -24.01 90.88
C TYR C 193 5.89 -23.37 89.66
N PHE C 194 6.77 -22.40 89.95
CA PHE C 194 7.71 -21.82 89.00
C PHE C 194 8.77 -22.86 88.67
N ALA C 195 8.99 -23.10 87.37
CA ALA C 195 9.87 -24.17 86.90
C ALA C 195 11.18 -23.63 86.34
N GLY C 196 11.44 -22.35 86.53
CA GLY C 196 12.73 -21.78 86.22
C GLY C 196 12.71 -20.86 85.01
N GLY C 197 13.85 -20.22 84.78
CA GLY C 197 14.02 -19.33 83.64
C GLY C 197 14.63 -18.01 84.03
N ASP C 198 15.45 -17.46 83.15
CA ASP C 198 16.22 -16.24 83.45
C ASP C 198 15.41 -14.91 83.49
N ALA C 199 14.15 -14.94 83.07
CA ALA C 199 13.25 -13.78 83.23
C ALA C 199 12.82 -13.61 84.69
N GLY C 200 12.98 -14.67 85.47
CA GLY C 200 12.54 -14.67 86.87
C GLY C 200 11.05 -14.89 86.99
N ASP C 201 10.57 -15.00 88.22
CA ASP C 201 9.21 -15.39 88.55
C ASP C 201 8.36 -14.18 88.95
N ALA C 202 7.90 -13.41 87.97
CA ALA C 202 7.09 -12.23 88.26
C ALA C 202 5.72 -12.62 88.82
N PHE C 203 5.24 -13.83 88.49
CA PHE C 203 3.96 -14.32 89.03
C PHE C 203 3.96 -14.51 90.57
N ASP C 204 5.16 -14.54 91.16
CA ASP C 204 5.32 -14.58 92.61
C ASP C 204 5.27 -13.17 93.23
N GLY C 205 5.03 -12.15 92.42
CA GLY C 205 4.99 -10.76 92.88
C GLY C 205 6.38 -10.18 93.06
N PHE C 206 6.46 -8.88 93.30
CA PHE C 206 7.76 -8.22 93.46
C PHE C 206 7.81 -7.30 94.69
N ASP C 207 8.94 -7.34 95.39
CA ASP C 207 9.20 -6.45 96.53
C ASP C 207 9.66 -5.08 96.01
N PHE C 208 8.70 -4.25 95.60
CA PHE C 208 8.99 -2.95 94.95
C PHE C 208 9.56 -1.89 95.88
N GLY C 209 9.10 -1.86 97.11
CA GLY C 209 9.48 -0.80 98.02
C GLY C 209 9.25 -1.11 99.48
N ASP C 210 8.92 -0.07 100.24
CA ASP C 210 8.89 -0.13 101.70
C ASP C 210 7.70 -0.90 102.30
N ASP C 211 6.56 -0.84 101.62
CA ASP C 211 5.35 -1.53 102.03
C ASP C 211 5.66 -3.02 102.17
N PRO C 212 5.39 -3.60 103.36
CA PRO C 212 5.67 -5.03 103.61
C PRO C 212 4.74 -5.98 102.87
N SER C 213 3.68 -5.47 102.28
CA SER C 213 2.70 -6.34 101.63
C SER C 213 2.67 -6.21 100.09
N ASP C 214 3.63 -5.49 99.50
CA ASP C 214 3.60 -5.26 98.05
C ASP C 214 3.82 -6.52 97.20
N LYS C 215 4.71 -7.39 97.64
CA LYS C 215 5.00 -8.65 96.96
C LYS C 215 3.80 -9.60 96.99
N PHE C 216 3.18 -9.74 98.16
CA PHE C 216 1.90 -10.47 98.32
C PHE C 216 0.79 -9.94 97.41
N PHE C 217 0.68 -8.61 97.30
CA PHE C 217 -0.39 -8.01 96.50
C PHE C 217 -0.07 -7.87 95.01
N THR C 218 1.14 -8.26 94.60
CA THR C 218 1.47 -8.21 93.16
C THR C 218 1.71 -9.58 92.55
N SER C 219 1.44 -10.64 93.31
CA SER C 219 1.53 -12.01 92.81
C SER C 219 0.27 -12.37 92.01
N HIS C 220 0.40 -13.38 91.15
CA HIS C 220 -0.65 -13.69 90.17
C HIS C 220 -1.26 -15.09 90.25
N ASN C 221 -0.59 -16.02 90.93
CA ASN C 221 -1.17 -17.34 91.15
C ASN C 221 -2.49 -17.30 91.90
N GLY C 222 -3.50 -17.99 91.39
CA GLY C 222 -4.82 -17.97 91.98
C GLY C 222 -5.63 -16.71 91.76
N MET C 223 -5.12 -15.76 90.96
CA MET C 223 -5.90 -14.56 90.64
C MET C 223 -6.96 -14.84 89.58
N GLN C 224 -8.18 -14.38 89.84
CA GLN C 224 -9.22 -14.38 88.82
C GLN C 224 -8.86 -13.38 87.70
N PHE C 225 -9.44 -13.55 86.51
CA PHE C 225 -9.22 -12.62 85.40
C PHE C 225 -10.08 -11.36 85.56
N SER C 226 -9.51 -10.22 85.22
CA SER C 226 -10.23 -8.93 85.26
C SER C 226 -10.13 -8.16 83.96
N THR C 227 -11.25 -7.58 83.56
CA THR C 227 -11.31 -6.54 82.53
C THR C 227 -11.99 -5.32 83.16
N TRP C 228 -12.01 -4.19 82.44
CA TRP C 228 -12.63 -2.94 82.95
C TRP C 228 -14.09 -3.14 83.36
N ASP C 229 -14.82 -3.97 82.59
CA ASP C 229 -16.26 -4.22 82.84
C ASP C 229 -16.56 -5.48 83.65
N ASN C 230 -15.52 -6.10 84.19
CA ASN C 230 -15.66 -7.32 85.00
C ASN C 230 -14.47 -7.38 85.96
N ASP C 231 -14.64 -6.72 87.10
CA ASP C 231 -13.58 -6.52 88.07
C ASP C 231 -13.60 -7.62 89.11
N ASN C 232 -12.55 -8.43 89.11
CA ASN C 232 -12.42 -9.58 90.00
C ASN C 232 -11.07 -9.58 90.73
N ASP C 233 -10.50 -8.39 90.93
CA ASP C 233 -9.19 -8.24 91.55
C ASP C 233 -9.29 -8.02 93.06
N LYS C 234 -8.14 -7.76 93.69
CA LYS C 234 -8.04 -7.62 95.17
C LYS C 234 -7.84 -6.16 95.60
N PHE C 235 -8.27 -5.25 94.73
CA PHE C 235 -8.11 -3.83 94.90
C PHE C 235 -9.49 -3.19 95.07
N GLU C 236 -9.55 -2.16 95.90
CA GLU C 236 -10.76 -1.38 96.09
C GLU C 236 -11.21 -0.71 94.79
N GLY C 237 -10.23 -0.23 94.00
CA GLY C 237 -10.49 0.29 92.66
C GLY C 237 -10.45 -0.78 91.58
N ASN C 238 -10.20 -0.35 90.34
CA ASN C 238 -10.31 -1.20 89.16
C ASN C 238 -8.98 -1.27 88.41
N CYS C 239 -8.15 -2.26 88.74
CA CYS C 239 -6.80 -2.40 88.20
C CYS C 239 -6.81 -2.42 86.68
N ALA C 240 -7.64 -3.28 86.13
CA ALA C 240 -7.76 -3.47 84.68
C ALA C 240 -8.18 -2.19 83.96
N GLU C 241 -9.15 -1.47 84.53
CA GLU C 241 -9.57 -0.17 83.98
C GLU C 241 -8.46 0.88 84.08
N GLN C 242 -7.80 0.94 85.23
CA GLN C 242 -6.66 1.87 85.42
C GLN C 242 -5.51 1.61 84.46
N ASP C 243 -5.11 0.34 84.35
CA ASP C 243 -3.93 -0.04 83.57
C ASP C 243 -4.26 -0.40 82.12
N GLY C 244 -5.52 -0.23 81.73
CA GLY C 244 -6.00 -0.39 80.35
C GLY C 244 -5.86 -1.77 79.71
N SER C 245 -6.18 -2.82 80.47
CA SER C 245 -5.94 -4.18 80.00
C SER C 245 -6.95 -5.20 80.50
N GLY C 246 -6.73 -6.46 80.12
CA GLY C 246 -7.35 -7.60 80.77
C GLY C 246 -6.20 -8.45 81.28
N TRP C 247 -6.26 -8.85 82.54
CA TRP C 247 -5.21 -9.62 83.15
C TRP C 247 -5.70 -10.22 84.46
N TRP C 248 -4.91 -11.15 84.98
CA TRP C 248 -5.15 -11.74 86.29
C TRP C 248 -4.58 -10.80 87.36
N MET C 249 -5.34 -9.73 87.62
CA MET C 249 -4.93 -8.64 88.50
C MET C 249 -5.08 -9.02 89.97
N ASN C 250 -4.16 -8.48 90.76
CA ASN C 250 -4.16 -8.64 92.20
C ASN C 250 -4.41 -7.23 92.78
N LYS C 251 -3.35 -6.59 93.23
CA LYS C 251 -3.44 -5.18 93.63
C LYS C 251 -2.10 -4.45 93.41
N CYS C 252 -1.65 -4.31 92.16
CA CYS C 252 -2.31 -4.84 90.96
C CYS C 252 -1.50 -5.91 90.27
N HIS C 253 -0.23 -5.64 89.97
CA HIS C 253 0.58 -6.63 89.22
C HIS C 253 2.10 -6.51 89.34
N ALA C 254 2.82 -7.61 89.04
CA ALA C 254 4.28 -7.59 88.87
C ALA C 254 4.71 -8.09 87.48
N GLY C 255 3.84 -8.86 86.83
CA GLY C 255 4.00 -9.25 85.44
C GLY C 255 2.70 -8.91 84.74
N HIS C 256 2.77 -8.19 83.63
CA HIS C 256 1.59 -7.57 83.00
C HIS C 256 1.74 -7.54 81.48
N LEU C 257 1.49 -8.66 80.83
CA LEU C 257 1.90 -8.79 79.42
C LEU C 257 0.88 -8.25 78.43
N ASN C 258 -0.34 -8.01 78.92
CA ASN C 258 -1.42 -7.45 78.11
C ASN C 258 -1.53 -5.94 78.25
N GLY C 259 -0.46 -5.33 78.75
CA GLY C 259 -0.39 -3.86 78.94
C GLY C 259 -0.20 -3.05 77.68
N VAL C 260 -0.02 -1.75 77.85
CA VAL C 260 0.11 -0.78 76.74
C VAL C 260 1.48 -0.95 76.08
N TYR C 261 1.48 -1.00 74.75
CA TYR C 261 2.73 -1.10 74.00
C TYR C 261 3.46 0.24 73.93
N TYR C 262 4.68 0.27 74.47
CA TYR C 262 5.49 1.48 74.42
C TYR C 262 6.71 1.25 73.53
N GLN C 263 6.81 2.05 72.49
CA GLN C 263 7.94 2.07 71.58
C GLN C 263 9.20 2.50 72.30
N GLY C 264 10.27 1.69 72.19
CA GLY C 264 11.56 2.01 72.79
C GLY C 264 11.73 1.48 74.20
N GLY C 265 10.64 0.97 74.78
CA GLY C 265 10.69 0.32 76.10
C GLY C 265 10.43 1.24 77.29
N THR C 266 11.26 2.27 77.38
CA THR C 266 11.22 3.27 78.45
C THR C 266 9.96 4.12 78.37
N TYR C 267 9.28 4.25 79.50
CA TYR C 267 8.14 5.15 79.65
C TYR C 267 8.14 5.62 81.12
N SER C 268 7.23 6.50 81.48
CA SER C 268 7.20 7.01 82.86
C SER C 268 5.79 7.27 83.31
N LYS C 269 5.64 7.69 84.57
CA LYS C 269 4.34 8.06 85.12
C LYS C 269 3.68 9.12 84.23
N ALA C 270 4.48 10.07 83.74
CA ALA C 270 4.01 11.14 82.85
C ALA C 270 3.45 10.62 81.52
N SER C 271 3.83 9.40 81.16
CA SER C 271 3.34 8.73 79.94
C SER C 271 1.87 8.31 80.04
N THR C 272 1.37 8.16 81.26
CA THR C 272 0.09 7.47 81.50
C THR C 272 -1.01 8.42 81.98
N PRO C 273 -2.29 8.10 81.68
CA PRO C 273 -3.40 8.95 82.12
C PRO C 273 -3.63 8.88 83.63
N ASN C 274 -3.47 7.68 84.20
CA ASN C 274 -3.77 7.41 85.61
C ASN C 274 -2.55 7.48 86.55
N GLY C 275 -1.36 7.64 85.97
CA GLY C 275 -0.13 7.71 86.75
C GLY C 275 0.50 6.37 87.14
N TYR C 276 -0.07 5.26 86.68
CA TYR C 276 0.45 3.94 87.06
C TYR C 276 1.24 3.24 85.96
N ASP C 277 2.09 2.29 86.36
CA ASP C 277 2.83 1.47 85.39
C ASP C 277 1.87 0.52 84.67
N ASN C 278 1.58 0.82 83.41
CA ASN C 278 0.59 0.07 82.64
C ASN C 278 1.17 -0.58 81.37
N GLY C 279 2.49 -0.62 81.28
CA GLY C 279 3.15 -1.20 80.12
C GLY C 279 3.22 -2.70 80.15
N ILE C 280 4.05 -3.24 79.26
CA ILE C 280 4.23 -4.68 79.16
C ILE C 280 5.40 -5.10 80.02
N ILE C 281 5.10 -5.41 81.27
CA ILE C 281 6.14 -5.51 82.27
C ILE C 281 6.33 -6.92 82.81
N TRP C 282 7.53 -7.15 83.34
CA TRP C 282 7.88 -8.38 84.01
C TRP C 282 8.93 -7.94 85.04
N ALA C 283 8.46 -7.63 86.25
CA ALA C 283 9.26 -6.89 87.24
C ALA C 283 10.56 -7.57 87.69
N THR C 284 10.66 -8.89 87.53
CA THR C 284 11.86 -9.64 87.92
C THR C 284 12.97 -9.56 86.87
N TRP C 285 12.64 -9.09 85.67
CA TRP C 285 13.62 -8.95 84.58
C TRP C 285 14.01 -7.51 84.28
N LYS C 286 13.03 -6.61 84.27
CA LYS C 286 13.28 -5.19 84.01
C LYS C 286 12.39 -4.37 84.90
N THR C 287 12.84 -3.16 85.24
CA THR C 287 12.00 -2.20 85.96
C THR C 287 10.58 -2.11 85.34
N ARG C 288 9.59 -1.86 86.18
CA ARG C 288 8.21 -1.71 85.74
C ARG C 288 7.99 -0.52 84.80
N TRP C 289 9.00 0.33 84.65
CA TRP C 289 8.96 1.46 83.74
C TRP C 289 9.70 1.13 82.44
N TYR C 290 9.91 -0.16 82.23
CA TYR C 290 10.44 -0.68 80.99
C TYR C 290 9.46 -1.67 80.37
N SER C 291 9.05 -1.38 79.14
CA SER C 291 8.02 -2.15 78.45
C SER C 291 8.62 -3.02 77.33
N MET C 292 8.29 -4.31 77.36
CA MET C 292 8.86 -5.30 76.44
C MET C 292 8.62 -4.99 74.96
N LYS C 293 9.58 -5.36 74.12
CA LYS C 293 9.41 -5.29 72.68
C LYS C 293 8.49 -6.41 72.15
N LYS C 294 8.66 -7.61 72.70
CA LYS C 294 7.86 -8.78 72.31
C LYS C 294 7.61 -9.67 73.51
N THR C 295 6.45 -10.31 73.49
CA THR C 295 6.09 -11.33 74.45
C THR C 295 5.39 -12.47 73.73
N THR C 296 5.54 -13.66 74.30
CA THR C 296 4.85 -14.84 73.85
C THR C 296 4.42 -15.57 75.11
N MET C 297 3.15 -15.97 75.17
CA MET C 297 2.67 -16.90 76.18
C MET C 297 2.20 -18.15 75.45
N LYS C 298 2.77 -19.29 75.80
CA LYS C 298 2.50 -20.51 75.06
C LYS C 298 2.46 -21.71 75.99
N ILE C 299 1.63 -22.69 75.62
CA ILE C 299 1.44 -23.88 76.46
C ILE C 299 1.70 -25.20 75.74
N ILE C 300 2.18 -26.16 76.52
CA ILE C 300 2.55 -27.48 76.06
C ILE C 300 2.33 -28.47 77.22
N PRO C 301 1.99 -29.74 76.93
CA PRO C 301 1.97 -30.75 77.99
C PRO C 301 3.28 -30.76 78.77
N PHE C 302 3.20 -30.78 80.10
CA PHE C 302 4.39 -30.65 80.94
C PHE C 302 5.46 -31.73 80.67
N ASN C 303 5.04 -32.93 80.31
CA ASN C 303 5.99 -34.04 80.03
C ASN C 303 6.93 -33.81 78.85
N ARG C 304 6.63 -32.80 78.03
CA ARG C 304 7.49 -32.42 76.90
C ARG C 304 8.73 -31.65 77.36
N LEU C 305 8.72 -31.22 78.62
CA LEU C 305 9.81 -30.45 79.23
C LEU C 305 10.75 -31.32 80.08
N GLN D 24 18.33 3.67 9.51
CA GLN D 24 18.32 2.20 9.24
C GLN D 24 18.77 1.91 7.81
N LEU D 25 17.82 1.55 6.95
CA LEU D 25 18.09 1.25 5.54
C LEU D 25 18.47 2.52 4.78
N LEU D 26 19.76 2.67 4.52
CA LEU D 26 20.29 3.85 3.83
C LEU D 26 20.40 3.62 2.32
N GLN D 27 19.39 2.96 1.75
CA GLN D 27 19.31 2.70 0.32
C GLN D 27 18.85 3.93 -0.45
N LYS D 28 19.79 4.84 -0.66
CA LYS D 28 19.53 6.11 -1.35
C LYS D 28 19.89 5.98 -2.83
N ASN D 29 19.98 4.73 -3.30
CA ASN D 29 20.24 4.40 -4.70
C ASN D 29 19.05 4.69 -5.63
N VAL D 30 18.17 5.59 -5.19
CA VAL D 30 17.09 6.10 -6.03
C VAL D 30 17.68 7.08 -7.05
N ARG D 31 18.88 7.57 -6.76
CA ARG D 31 19.65 8.38 -7.72
C ARG D 31 20.20 7.52 -8.86
N ALA D 32 20.27 6.20 -8.64
CA ALA D 32 20.68 5.26 -9.66
C ALA D 32 19.50 4.88 -10.57
N GLN D 33 18.30 4.82 -9.99
CA GLN D 33 17.08 4.54 -10.76
C GLN D 33 16.63 5.77 -11.54
N LEU D 34 16.95 6.95 -11.00
CA LEU D 34 16.65 8.23 -11.64
C LEU D 34 17.47 8.39 -12.93
N VAL D 35 18.70 7.91 -12.89
CA VAL D 35 19.61 7.92 -14.04
C VAL D 35 19.15 6.96 -15.14
N ASP D 36 18.66 5.79 -14.72
CA ASP D 36 18.14 4.77 -15.65
C ASP D 36 16.88 5.22 -16.36
N MET D 37 16.06 6.00 -15.66
CA MET D 37 14.82 6.54 -16.22
C MET D 37 15.06 7.66 -17.24
N LYS D 38 16.05 8.50 -16.97
CA LYS D 38 16.46 9.58 -17.87
C LYS D 38 16.93 9.03 -19.22
N ARG D 39 17.86 8.09 -19.19
CA ARG D 39 18.31 7.36 -20.39
C ARG D 39 17.14 6.73 -21.14
N LEU D 40 16.29 6.02 -20.40
CA LEU D 40 15.15 5.30 -20.98
C LEU D 40 14.11 6.23 -21.61
N GLU D 41 13.82 7.35 -20.94
CA GLU D 41 12.93 8.38 -21.47
C GLU D 41 13.44 8.88 -22.83
N VAL D 42 14.72 9.24 -22.88
CA VAL D 42 15.38 9.69 -24.11
C VAL D 42 15.39 8.60 -25.18
N ASP D 43 15.78 7.38 -24.78
CA ASP D 43 15.84 6.22 -25.68
C ASP D 43 14.48 5.92 -26.31
N ILE D 44 13.43 6.02 -25.51
CA ILE D 44 12.06 5.77 -25.96
C ILE D 44 11.57 6.90 -26.87
N ASP D 45 11.94 8.13 -26.52
CA ASP D 45 11.64 9.29 -27.36
C ASP D 45 12.22 9.11 -28.77
N ILE D 46 13.48 8.68 -28.85
CA ILE D 46 14.17 8.41 -30.12
C ILE D 46 13.48 7.29 -30.90
N LYS D 47 13.20 6.18 -30.20
CA LYS D 47 12.59 5.00 -30.80
C LYS D 47 11.17 5.23 -31.32
N ILE D 48 10.33 5.95 -30.56
CA ILE D 48 8.99 6.33 -31.02
C ILE D 48 9.08 7.22 -32.25
N ARG D 49 10.01 8.17 -32.21
CA ARG D 49 10.23 9.06 -33.35
C ARG D 49 10.63 8.29 -34.62
N SER D 50 11.45 7.26 -34.47
CA SER D 50 11.87 6.44 -35.62
C SER D 50 10.73 5.63 -36.24
N CYS D 51 9.56 5.67 -35.60
CA CYS D 51 8.35 5.03 -36.12
C CYS D 51 7.57 5.90 -37.11
N ARG D 52 7.83 7.20 -37.08
CA ARG D 52 7.21 8.17 -38.01
C ARG D 52 7.49 7.82 -39.49
N GLY D 53 8.63 7.18 -39.75
CA GLY D 53 8.96 6.74 -41.10
C GLY D 53 8.55 5.32 -41.44
N SER D 54 7.87 4.66 -40.51
CA SER D 54 7.43 3.26 -40.67
C SER D 54 5.92 3.07 -40.61
N CYS D 55 5.26 3.83 -39.74
CA CYS D 55 3.89 3.55 -39.34
C CYS D 55 2.90 4.62 -39.75
N SER D 56 1.62 4.24 -39.79
CA SER D 56 0.52 5.12 -40.19
C SER D 56 0.53 6.45 -39.47
N ARG D 57 0.66 6.40 -38.15
CA ARG D 57 0.62 7.58 -37.30
C ARG D 57 1.83 7.67 -36.39
N ALA D 58 2.27 8.89 -36.12
CA ALA D 58 3.39 9.13 -35.22
C ALA D 58 2.89 9.83 -33.97
N LEU D 59 3.19 9.23 -32.82
CA LEU D 59 2.74 9.75 -31.52
C LEU D 59 3.45 11.05 -31.19
N ALA D 60 2.67 12.12 -31.08
CA ALA D 60 3.17 13.43 -30.69
C ALA D 60 3.43 13.45 -29.19
N ARG D 61 4.71 13.52 -28.82
CA ARG D 61 5.11 13.49 -27.42
C ARG D 61 6.38 14.30 -27.16
N GLU D 62 6.71 14.48 -25.88
CA GLU D 62 7.89 15.23 -25.47
C GLU D 62 8.66 14.53 -24.35
N VAL D 63 9.81 15.09 -24.00
CA VAL D 63 10.60 14.63 -22.85
C VAL D 63 10.85 15.81 -21.92
N ASP D 64 10.48 15.64 -20.65
CA ASP D 64 10.68 16.69 -19.66
C ASP D 64 11.97 16.46 -18.89
N LEU D 65 13.09 16.88 -19.49
CA LEU D 65 14.41 16.80 -18.87
C LEU D 65 14.53 17.78 -17.70
N LYS D 66 13.69 18.81 -17.72
CA LYS D 66 13.63 19.82 -16.65
C LYS D 66 13.07 19.22 -15.36
N ASP D 67 12.01 18.44 -15.48
CA ASP D 67 11.39 17.79 -14.33
C ASP D 67 12.33 16.75 -13.72
N TYR D 68 13.02 16.00 -14.58
CA TYR D 68 14.00 15.00 -14.14
C TYR D 68 15.17 15.62 -13.39
N GLU D 69 15.64 16.78 -13.84
CA GLU D 69 16.81 17.43 -13.25
C GLU D 69 16.48 18.26 -11.99
N ASP D 70 15.23 18.70 -11.87
CA ASP D 70 14.76 19.45 -10.70
C ASP D 70 14.75 18.58 -9.45
N GLN D 71 14.30 17.34 -9.63
CA GLN D 71 14.26 16.36 -8.54
C GLN D 71 15.56 15.54 -8.45
N GLN D 72 16.41 15.69 -9.46
CA GLN D 72 17.75 15.12 -9.46
C GLN D 72 18.69 16.08 -8.73
N LYS D 73 18.33 17.35 -8.71
CA LYS D 73 19.04 18.37 -7.94
C LYS D 73 18.80 18.14 -6.45
N GLN D 74 17.60 17.68 -6.13
CA GLN D 74 17.29 17.15 -4.79
C GLN D 74 17.96 15.79 -4.63
N LEU D 75 17.59 15.03 -3.60
CA LEU D 75 18.27 13.78 -3.22
C LEU D 75 19.73 14.03 -2.82
N GLU D 76 20.52 14.56 -3.75
CA GLU D 76 21.88 15.02 -3.47
C GLU D 76 21.85 16.19 -2.49
N GLN D 77 20.71 16.90 -2.49
CA GLN D 77 20.46 18.02 -1.59
C GLN D 77 20.11 17.53 -0.17
N VAL D 78 19.15 16.60 -0.08
CA VAL D 78 18.71 16.06 1.21
C VAL D 78 19.72 15.07 1.81
N ILE D 79 20.67 14.60 0.99
CA ILE D 79 21.79 13.80 1.47
C ILE D 79 23.08 14.61 1.34
N ALA D 80 23.36 15.41 2.38
CA ALA D 80 24.54 16.27 2.41
C ALA D 80 25.05 16.42 3.84
N ILE E 28 18.23 14.45 7.98
CA ILE E 28 17.89 13.04 8.33
C ILE E 28 16.40 12.84 8.68
N PRO E 29 15.81 13.73 9.53
CA PRO E 29 14.36 13.62 9.77
C PRO E 29 13.52 13.93 8.53
N THR E 30 13.93 14.94 7.76
CA THR E 30 13.25 15.31 6.51
C THR E 30 13.91 14.58 5.33
N ASN E 31 13.72 13.27 5.29
CA ASN E 31 14.34 12.40 4.29
C ASN E 31 13.34 11.44 3.65
N LEU E 32 12.26 11.16 4.37
CA LEU E 32 11.19 10.30 3.88
C LEU E 32 10.09 11.10 3.18
N ARG E 33 10.34 12.39 2.98
CA ARG E 33 9.38 13.30 2.35
C ARG E 33 9.56 13.35 0.84
N VAL E 34 10.75 13.75 0.40
CA VAL E 34 11.07 13.88 -1.02
C VAL E 34 11.41 12.52 -1.63
N LEU E 35 12.04 11.66 -0.84
CA LEU E 35 12.43 10.31 -1.28
C LEU E 35 11.22 9.39 -1.49
N ARG E 36 10.08 9.77 -0.94
CA ARG E 36 8.82 9.08 -1.17
C ARG E 36 8.15 9.60 -2.44
N SER E 37 8.27 10.90 -2.67
CA SER E 37 7.66 11.56 -3.83
C SER E 37 8.46 11.35 -5.12
N ILE E 38 9.77 11.16 -4.98
CA ILE E 38 10.65 10.90 -6.14
C ILE E 38 10.33 9.56 -6.80
N LEU E 39 10.09 8.53 -5.98
CA LEU E 39 9.76 7.20 -6.48
C LEU E 39 8.34 7.12 -7.02
N GLU E 40 7.44 7.90 -6.41
CA GLU E 40 6.05 8.00 -6.88
C GLU E 40 5.94 8.82 -8.16
N ASN E 41 6.91 9.70 -8.37
CA ASN E 41 7.05 10.43 -9.64
C ASN E 41 7.49 9.46 -10.73
N LEU E 42 8.51 8.65 -10.43
CA LEU E 42 9.08 7.70 -11.39
C LEU E 42 8.09 6.62 -11.84
N ARG E 43 7.26 6.14 -10.91
CA ARG E 43 6.28 5.10 -11.23
C ARG E 43 5.16 5.61 -12.14
N SER E 44 4.83 6.90 -12.00
CA SER E 44 3.87 7.55 -12.89
C SER E 44 4.50 7.86 -14.24
N LYS E 45 5.83 8.01 -14.25
CA LYS E 45 6.61 8.19 -15.49
C LYS E 45 6.70 6.89 -16.28
N ILE E 46 6.77 5.76 -15.56
CA ILE E 46 6.79 4.44 -16.18
C ILE E 46 5.42 4.11 -16.78
N GLN E 47 4.36 4.54 -16.09
CA GLN E 47 2.99 4.39 -16.60
C GLN E 47 2.75 5.20 -17.88
N LYS E 48 3.32 6.40 -17.93
CA LYS E 48 3.21 7.27 -19.10
C LYS E 48 3.98 6.67 -20.29
N LEU E 49 5.21 6.23 -20.04
CA LEU E 49 6.04 5.58 -21.06
C LEU E 49 5.42 4.29 -21.55
N GLU E 50 4.87 3.51 -20.61
CA GLU E 50 4.16 2.27 -20.89
C GLU E 50 3.02 2.52 -21.85
N SER E 51 2.31 3.63 -21.64
CA SER E 51 1.17 4.04 -22.45
C SER E 51 1.61 4.54 -23.82
N ASP E 52 2.63 5.39 -23.82
CA ASP E 52 3.22 5.94 -25.05
C ASP E 52 3.67 4.84 -26.03
N VAL E 53 4.53 3.93 -25.55
CA VAL E 53 5.03 2.80 -26.34
C VAL E 53 3.90 1.93 -26.87
N SER E 54 2.90 1.68 -26.03
CA SER E 54 1.74 0.87 -26.40
C SER E 54 0.89 1.53 -27.50
N ALA E 55 0.66 2.83 -27.37
CA ALA E 55 -0.12 3.58 -28.36
C ALA E 55 0.57 3.55 -29.74
N GLN E 56 1.88 3.79 -29.75
CA GLN E 56 2.68 3.76 -30.99
C GLN E 56 2.63 2.38 -31.63
N MET E 57 2.66 1.33 -30.81
CA MET E 57 2.55 -0.05 -31.28
C MET E 57 1.25 -0.32 -32.05
N GLU E 58 0.15 0.30 -31.60
CA GLU E 58 -1.13 0.19 -32.31
C GLU E 58 -1.09 0.90 -33.66
N TYR E 59 -0.46 2.07 -33.70
CA TYR E 59 -0.25 2.81 -34.95
C TYR E 59 0.57 1.98 -35.96
N CYS E 60 1.47 1.14 -35.44
CA CYS E 60 2.34 0.31 -36.28
C CYS E 60 1.70 -1.02 -36.72
N ARG E 61 0.39 -1.14 -36.52
CA ARG E 61 -0.39 -2.26 -37.01
C ARG E 61 -0.48 -2.21 -38.53
N THR E 62 -0.43 -0.99 -39.06
CA THR E 62 -0.40 -0.70 -40.50
C THR E 62 0.74 0.29 -40.80
N PRO E 63 1.30 0.22 -42.02
CA PRO E 63 2.44 1.09 -42.33
C PRO E 63 2.04 2.48 -42.82
N CYS E 64 2.99 3.41 -42.88
CA CYS E 64 2.82 4.66 -43.65
C CYS E 64 2.91 4.31 -45.13
N THR E 65 2.29 5.14 -45.97
CA THR E 65 2.29 4.91 -47.41
C THR E 65 2.77 6.13 -48.20
N VAL E 66 3.25 5.87 -49.40
CA VAL E 66 3.52 6.91 -50.40
C VAL E 66 3.03 6.40 -51.74
N SER E 67 2.87 7.32 -52.69
CA SER E 67 2.61 7.00 -54.09
C SER E 67 3.57 7.82 -54.93
N CYS E 68 4.76 7.28 -55.15
CA CYS E 68 5.78 7.99 -55.89
C CYS E 68 5.77 7.56 -57.35
N ASN E 69 4.89 8.18 -58.13
CA ASN E 69 4.88 8.02 -59.56
C ASN E 69 6.23 8.44 -60.14
N ILE E 70 6.69 7.73 -61.14
CA ILE E 70 8.10 7.79 -61.55
C ILE E 70 8.33 8.76 -62.73
N PRO E 71 9.24 9.74 -62.55
CA PRO E 71 9.58 10.60 -63.68
C PRO E 71 9.97 9.78 -64.89
N VAL E 72 9.52 10.22 -66.06
CA VAL E 72 9.91 9.61 -67.32
C VAL E 72 11.43 9.64 -67.48
N VAL E 73 12.04 10.78 -67.20
CA VAL E 73 13.47 10.95 -67.39
C VAL E 73 14.30 10.12 -66.39
N SER E 74 15.26 9.39 -66.95
CA SER E 74 16.15 8.51 -66.20
C SER E 74 17.57 8.61 -66.79
N GLY E 75 18.54 8.07 -66.06
CA GLY E 75 19.93 8.03 -66.51
C GLY E 75 20.74 7.22 -65.53
N LYS E 76 22.06 7.25 -65.68
CA LYS E 76 22.98 6.51 -64.81
C LYS E 76 22.94 7.01 -63.37
N GLU E 77 22.81 8.33 -63.22
CA GLU E 77 22.62 8.97 -61.91
C GLU E 77 22.07 10.38 -62.11
N CYS E 78 22.08 11.19 -61.04
CA CYS E 78 21.36 12.46 -61.03
C CYS E 78 21.99 13.57 -61.90
N GLU E 79 23.29 13.44 -62.19
CA GLU E 79 24.00 14.38 -63.05
C GLU E 79 23.58 14.22 -64.50
N GLU E 80 23.57 12.99 -64.98
CA GLU E 80 23.06 12.69 -66.32
C GLU E 80 21.60 13.13 -66.44
N ILE E 81 20.82 12.88 -65.40
CA ILE E 81 19.41 13.27 -65.39
C ILE E 81 19.20 14.79 -65.57
N ILE E 82 19.98 15.62 -64.88
CA ILE E 82 19.87 17.07 -65.03
C ILE E 82 20.35 17.52 -66.40
N ARG E 83 21.33 16.82 -66.96
CA ARG E 83 21.79 17.04 -68.34
C ARG E 83 20.73 16.63 -69.37
N LYS E 84 19.84 15.71 -68.98
CA LYS E 84 18.71 15.31 -69.82
C LYS E 84 17.44 16.15 -69.58
N GLY E 85 17.59 17.25 -68.86
CA GLY E 85 16.47 18.17 -68.63
C GLY E 85 15.64 17.91 -67.37
N GLY E 86 16.05 16.95 -66.54
CA GLY E 86 15.39 16.72 -65.27
C GLY E 86 15.85 17.77 -64.28
N GLU E 87 15.08 18.84 -64.14
CA GLU E 87 15.54 20.03 -63.44
C GLU E 87 14.89 20.30 -62.08
N THR E 88 13.97 19.44 -61.67
CA THR E 88 13.35 19.59 -60.36
C THR E 88 13.88 18.55 -59.37
N SER E 89 14.05 18.97 -58.12
CA SER E 89 14.47 18.05 -57.06
C SER E 89 13.31 17.12 -56.70
N GLU E 90 13.54 15.82 -56.86
CA GLU E 90 12.52 14.82 -56.55
C GLU E 90 13.12 13.42 -56.64
N MET E 91 12.29 12.40 -56.44
CA MET E 91 12.70 11.02 -56.65
C MET E 91 12.82 10.73 -58.14
N TYR E 92 13.88 10.03 -58.51
CA TYR E 92 14.04 9.55 -59.87
C TYR E 92 14.47 8.10 -59.79
N LEU E 93 14.24 7.37 -60.88
CA LEU E 93 14.79 6.05 -61.07
C LEU E 93 16.11 6.24 -61.80
N ILE E 94 17.19 5.64 -61.28
CA ILE E 94 18.46 5.59 -62.01
C ILE E 94 18.94 4.16 -62.24
N GLN E 95 19.65 3.95 -63.36
CA GLN E 95 20.29 2.67 -63.62
C GLN E 95 21.79 2.87 -63.95
N PRO E 96 22.64 2.90 -62.90
CA PRO E 96 24.09 3.13 -63.10
C PRO E 96 24.73 2.20 -64.13
N ASP E 97 24.27 0.95 -64.18
CA ASP E 97 24.83 -0.04 -65.08
C ASP E 97 23.74 -0.97 -65.58
N SER E 98 23.84 -1.42 -66.83
CA SER E 98 22.87 -2.36 -67.38
C SER E 98 22.86 -3.69 -66.62
N SER E 99 23.92 -3.93 -65.86
CA SER E 99 24.00 -5.10 -64.98
C SER E 99 23.30 -4.85 -63.66
N VAL E 100 23.08 -3.57 -63.34
CA VAL E 100 22.45 -3.17 -62.08
C VAL E 100 20.94 -2.95 -62.28
N LYS E 101 20.15 -3.47 -61.33
CA LYS E 101 18.70 -3.25 -61.34
C LYS E 101 18.43 -1.75 -61.10
N PRO E 102 17.59 -1.11 -61.96
CA PRO E 102 17.26 0.30 -61.76
C PRO E 102 16.69 0.56 -60.38
N TYR E 103 17.09 1.63 -59.72
CA TYR E 103 16.64 1.89 -58.36
C TYR E 103 16.36 3.36 -58.08
N ARG E 104 15.54 3.60 -57.06
CA ARG E 104 15.08 4.94 -56.71
C ARG E 104 16.10 5.72 -55.88
N VAL E 105 16.21 7.01 -56.17
CA VAL E 105 17.07 7.89 -55.43
C VAL E 105 16.42 9.28 -55.40
N TYR E 106 16.76 10.08 -54.40
CA TYR E 106 16.40 11.50 -54.42
C TYR E 106 17.50 12.31 -55.12
N CYS E 107 17.10 13.07 -56.14
CA CYS E 107 18.03 13.96 -56.85
C CYS E 107 17.82 15.39 -56.39
N ASP E 108 18.88 16.00 -55.89
CA ASP E 108 18.87 17.42 -55.57
C ASP E 108 19.37 18.20 -56.79
N MET E 109 18.45 18.90 -57.46
CA MET E 109 18.78 19.59 -58.70
C MET E 109 19.01 21.10 -58.51
N ASN E 110 18.98 21.56 -57.26
CA ASN E 110 18.97 22.98 -56.95
C ASN E 110 20.22 23.50 -56.21
N THR E 111 20.76 22.68 -55.32
CA THR E 111 21.99 23.00 -54.59
C THR E 111 23.18 23.13 -55.54
N GLU E 112 23.89 24.24 -55.42
CA GLU E 112 25.04 24.55 -56.26
C GLU E 112 24.65 24.40 -57.73
N ASN E 113 25.28 23.49 -58.45
CA ASN E 113 24.95 23.29 -59.86
C ASN E 113 23.97 22.14 -60.12
N GLY E 114 23.43 21.55 -59.06
CA GLY E 114 22.49 20.43 -59.18
C GLY E 114 23.17 19.16 -59.69
N GLY E 115 22.38 18.13 -59.94
CA GLY E 115 22.91 16.85 -60.38
C GLY E 115 23.41 15.97 -59.23
N TRP E 116 22.95 16.29 -58.02
CA TRP E 116 23.36 15.60 -56.80
C TRP E 116 22.52 14.36 -56.50
N THR E 117 23.18 13.21 -56.38
CA THR E 117 22.56 11.99 -55.91
C THR E 117 22.67 11.94 -54.39
N VAL E 118 21.54 12.01 -53.70
CA VAL E 118 21.50 11.94 -52.24
C VAL E 118 21.76 10.49 -51.84
N ILE E 119 22.77 10.28 -51.00
CA ILE E 119 23.07 8.96 -50.47
C ILE E 119 22.70 8.81 -49.00
N GLN E 120 22.52 9.94 -48.32
CA GLN E 120 22.23 9.98 -46.89
C GLN E 120 21.47 11.27 -46.55
N ASN E 121 20.43 11.14 -45.74
CA ASN E 121 19.65 12.32 -45.33
C ASN E 121 19.03 12.15 -43.94
N ARG E 122 19.15 13.20 -43.11
CA ARG E 122 18.53 13.25 -41.78
C ARG E 122 17.87 14.62 -41.66
N GLN E 123 16.70 14.67 -41.03
CA GLN E 123 15.92 15.91 -40.94
C GLN E 123 14.90 15.95 -39.81
N ASP E 124 14.52 14.79 -39.28
CA ASP E 124 13.43 14.71 -38.29
C ASP E 124 13.45 13.47 -37.40
N GLY E 125 14.47 12.62 -37.55
CA GLY E 125 14.57 11.40 -36.74
C GLY E 125 13.49 10.36 -36.98
N SER E 126 12.88 10.40 -38.17
CA SER E 126 11.80 9.47 -38.52
C SER E 126 12.27 8.06 -38.86
N VAL E 127 13.59 7.88 -39.00
CA VAL E 127 14.15 6.59 -39.38
C VAL E 127 15.26 6.13 -38.41
N ASP E 128 15.24 4.85 -38.08
CA ASP E 128 16.25 4.22 -37.23
C ASP E 128 17.52 3.94 -38.03
N PHE E 129 18.61 4.61 -37.64
CA PHE E 129 19.91 4.42 -38.25
C PHE E 129 20.83 3.48 -37.42
N GLY E 130 20.32 3.00 -36.29
CA GLY E 130 21.02 2.01 -35.48
C GLY E 130 20.77 0.62 -36.04
N ARG E 131 21.45 0.31 -37.13
CA ARG E 131 21.13 -0.92 -37.88
C ARG E 131 22.36 -1.77 -38.09
N LYS E 132 22.11 -3.02 -38.48
CA LYS E 132 23.17 -4.01 -38.61
C LYS E 132 23.83 -3.92 -39.98
N TRP E 133 24.74 -4.86 -40.27
CA TRP E 133 25.53 -4.87 -41.50
C TRP E 133 24.68 -4.96 -42.75
N ASP E 134 23.78 -5.95 -42.80
CA ASP E 134 22.95 -6.18 -43.99
C ASP E 134 22.05 -4.99 -44.38
N PRO E 135 21.29 -4.40 -43.42
CA PRO E 135 20.56 -3.16 -43.72
C PRO E 135 21.45 -2.02 -44.27
N TYR E 136 22.63 -1.81 -43.70
CA TYR E 136 23.55 -0.80 -44.25
C TYR E 136 24.08 -1.23 -45.62
N LYS E 137 24.27 -2.53 -45.81
CA LYS E 137 24.64 -3.06 -47.14
C LYS E 137 23.57 -2.80 -48.20
N GLN E 138 22.30 -3.09 -47.88
CA GLN E 138 21.19 -3.04 -48.85
C GLN E 138 20.60 -1.66 -49.05
N GLY E 139 20.69 -0.82 -48.02
CA GLY E 139 20.00 0.46 -47.97
C GLY E 139 18.75 0.36 -47.12
N PHE E 140 18.36 1.47 -46.50
CA PHE E 140 17.15 1.51 -45.67
C PHE E 140 16.58 2.91 -45.60
N GLY E 141 15.36 3.01 -45.08
CA GLY E 141 14.69 4.30 -44.90
C GLY E 141 13.84 4.68 -46.09
N ASN E 142 13.38 5.93 -46.10
CA ASN E 142 12.45 6.43 -47.10
C ASN E 142 13.16 7.35 -48.08
N VAL E 143 13.16 6.97 -49.36
CA VAL E 143 13.84 7.78 -50.37
C VAL E 143 13.17 9.16 -50.51
N ALA E 144 11.84 9.15 -50.62
CA ALA E 144 11.07 10.36 -50.90
C ALA E 144 9.61 10.22 -50.44
N THR E 145 8.96 11.35 -50.18
CA THR E 145 7.53 11.36 -49.83
C THR E 145 6.76 12.40 -50.64
N ASN E 146 5.44 12.22 -50.72
CA ASN E 146 4.56 13.14 -51.45
C ASN E 146 4.42 14.49 -50.74
N THR E 147 4.48 15.56 -51.52
CA THR E 147 4.27 16.91 -50.99
C THR E 147 2.84 17.35 -51.26
N ASP E 148 2.29 18.16 -50.34
CA ASP E 148 0.90 18.61 -50.37
C ASP E 148 -0.08 17.62 -51.02
N GLY E 149 -0.66 18.01 -52.16
CA GLY E 149 -1.48 17.10 -52.96
C GLY E 149 -0.90 16.94 -54.36
N LYS E 150 0.36 16.48 -54.42
CA LYS E 150 1.07 16.23 -55.68
C LYS E 150 1.14 14.73 -55.92
N ASN E 151 1.09 14.33 -57.18
CA ASN E 151 1.18 12.91 -57.54
C ASN E 151 2.62 12.38 -57.69
N TYR E 152 3.59 13.14 -57.18
CA TYR E 152 4.99 12.73 -57.22
C TYR E 152 5.69 13.08 -55.90
N CYS E 153 6.80 12.43 -55.62
CA CYS E 153 7.53 12.59 -54.36
C CYS E 153 8.72 13.57 -54.46
N GLY E 154 8.42 14.85 -54.22
CA GLY E 154 9.40 15.93 -54.29
C GLY E 154 10.14 16.27 -53.00
N LEU E 155 9.75 15.62 -51.91
CA LEU E 155 10.46 15.81 -50.63
C LEU E 155 11.29 14.57 -50.30
N PRO E 156 12.54 14.77 -49.82
CA PRO E 156 13.32 13.59 -49.47
C PRO E 156 12.85 13.01 -48.15
N GLY E 157 12.99 11.70 -47.98
CA GLY E 157 12.80 11.09 -46.66
C GLY E 157 14.16 10.93 -45.99
N GLU E 158 14.16 10.39 -44.79
CA GLU E 158 15.40 9.98 -44.16
C GLU E 158 15.79 8.61 -44.69
N TYR E 159 17.00 8.48 -45.21
CA TYR E 159 17.47 7.18 -45.69
C TYR E 159 18.98 7.04 -45.79
N TRP E 160 19.42 5.80 -45.94
CA TRP E 160 20.78 5.47 -46.31
C TRP E 160 20.68 4.66 -47.59
N LEU E 161 21.33 5.11 -48.64
CA LEU E 161 21.17 4.49 -49.96
C LEU E 161 21.60 3.02 -49.98
N GLY E 162 22.68 2.70 -49.27
CA GLY E 162 23.14 1.33 -49.22
C GLY E 162 24.56 1.24 -49.74
N ASN E 163 25.39 0.48 -49.01
CA ASN E 163 26.83 0.44 -49.27
C ASN E 163 27.25 -0.16 -50.62
N ASP E 164 26.55 -1.21 -51.05
CA ASP E 164 26.76 -1.78 -52.38
C ASP E 164 26.50 -0.72 -53.46
N LYS E 165 25.43 0.04 -53.29
CA LYS E 165 25.05 1.06 -54.29
C LYS E 165 25.98 2.26 -54.25
N ILE E 166 26.33 2.70 -53.04
CA ILE E 166 27.26 3.82 -52.88
C ILE E 166 28.63 3.47 -53.46
N SER E 167 29.12 2.27 -53.16
CA SER E 167 30.40 1.82 -53.71
C SER E 167 30.41 1.81 -55.24
N GLN E 168 29.39 1.21 -55.84
CA GLN E 168 29.25 1.14 -57.30
C GLN E 168 29.27 2.54 -57.97
N LEU E 169 28.56 3.50 -57.36
CA LEU E 169 28.45 4.86 -57.90
C LEU E 169 29.77 5.64 -57.83
N THR E 170 30.46 5.55 -56.70
CA THR E 170 31.73 6.26 -56.52
C THR E 170 32.86 5.69 -57.38
N ARG E 171 32.74 4.42 -57.75
CA ARG E 171 33.78 3.73 -58.51
C ARG E 171 33.59 3.81 -60.03
N MET E 172 32.48 4.43 -60.46
CA MET E 172 32.16 4.63 -61.89
C MET E 172 33.09 5.63 -62.58
N GLY E 173 33.61 6.56 -61.77
CA GLY E 173 34.53 7.58 -62.22
C GLY E 173 34.81 8.49 -61.04
N PRO E 174 35.67 9.51 -61.21
CA PRO E 174 35.91 10.46 -60.13
C PRO E 174 34.60 11.10 -59.63
N THR E 175 34.40 11.05 -58.32
CA THR E 175 33.15 11.43 -57.69
C THR E 175 33.46 12.43 -56.57
N GLU E 176 32.64 13.48 -56.49
CA GLU E 176 32.75 14.44 -55.39
C GLU E 176 31.62 14.25 -54.37
N LEU E 177 31.82 14.81 -53.18
CA LEU E 177 30.90 14.62 -52.06
C LEU E 177 30.57 15.94 -51.37
N LEU E 178 29.28 16.18 -51.17
CA LEU E 178 28.82 17.34 -50.43
C LEU E 178 28.04 16.89 -49.18
N ILE E 179 28.59 17.24 -48.02
CA ILE E 179 27.94 17.02 -46.75
C ILE E 179 27.46 18.36 -46.19
N GLU E 180 26.16 18.45 -45.94
CA GLU E 180 25.56 19.66 -45.41
C GLU E 180 24.84 19.39 -44.09
N MET E 181 24.88 20.37 -43.20
CA MET E 181 24.24 20.24 -41.89
C MET E 181 23.69 21.56 -41.38
N GLU E 182 22.72 21.46 -40.47
CA GLU E 182 22.02 22.63 -39.93
C GLU E 182 21.73 22.37 -38.45
N ASP E 183 21.91 23.40 -37.62
CA ASP E 183 21.63 23.27 -36.19
C ASP E 183 20.17 23.65 -35.87
N TRP E 184 19.86 23.71 -34.58
CA TRP E 184 18.48 23.94 -34.15
C TRP E 184 18.08 25.42 -34.11
N LYS E 185 19.06 26.31 -34.35
CA LYS E 185 18.83 27.76 -34.46
C LYS E 185 18.73 28.23 -35.91
N GLY E 186 18.99 27.33 -36.86
CA GLY E 186 18.83 27.63 -38.28
C GLY E 186 20.12 28.00 -38.98
N ASP E 187 21.22 28.04 -38.24
CA ASP E 187 22.55 28.25 -38.82
C ASP E 187 22.98 26.99 -39.55
N LYS E 188 23.84 27.15 -40.56
CA LYS E 188 24.33 26.01 -41.33
C LYS E 188 25.77 26.13 -41.81
N VAL E 189 26.39 24.97 -42.02
CA VAL E 189 27.72 24.85 -42.60
C VAL E 189 27.76 23.66 -43.56
N LYS E 190 28.85 23.55 -44.31
CA LYS E 190 29.01 22.46 -45.27
C LYS E 190 30.45 21.93 -45.29
N ALA E 191 30.62 20.70 -45.75
CA ALA E 191 31.93 20.10 -45.96
C ALA E 191 31.95 19.48 -47.35
N HIS E 192 32.73 20.08 -48.23
CA HIS E 192 32.83 19.63 -49.61
C HIS E 192 34.15 18.88 -49.80
N TYR E 193 34.04 17.66 -50.32
CA TYR E 193 35.21 16.82 -50.62
C TYR E 193 35.24 16.54 -52.10
N GLY E 194 36.14 17.23 -52.81
CA GLY E 194 36.27 17.10 -54.26
C GLY E 194 36.46 15.69 -54.77
N GLY E 195 37.05 14.83 -53.94
CA GLY E 195 37.25 13.42 -54.26
C GLY E 195 36.67 12.53 -53.18
N PHE E 196 35.92 11.49 -53.61
CA PHE E 196 35.23 10.59 -52.69
C PHE E 196 35.07 9.19 -53.30
N THR E 197 35.54 8.16 -52.59
CA THR E 197 35.46 6.77 -53.07
C THR E 197 35.07 5.82 -51.93
N VAL E 198 34.27 4.81 -52.26
CA VAL E 198 33.89 3.76 -51.31
C VAL E 198 34.12 2.41 -51.97
N GLN E 199 35.01 1.61 -51.39
CA GLN E 199 35.34 0.30 -51.95
C GLN E 199 34.21 -0.70 -51.67
N ASN E 200 34.32 -1.92 -52.20
CA ASN E 200 33.22 -2.88 -52.09
C ASN E 200 33.18 -3.66 -50.78
N GLU E 201 32.26 -4.62 -50.67
CA GLU E 201 32.09 -5.40 -49.44
C GLU E 201 33.35 -6.18 -49.10
N ALA E 202 33.95 -6.82 -50.12
CA ALA E 202 35.23 -7.52 -49.99
C ALA E 202 36.31 -6.66 -49.34
N ASN E 203 36.23 -5.36 -49.54
CA ASN E 203 37.16 -4.41 -48.95
C ASN E 203 36.57 -3.63 -47.77
N LYS E 204 35.51 -4.19 -47.18
CA LYS E 204 34.84 -3.64 -45.99
C LYS E 204 34.32 -2.21 -46.19
N TYR E 205 34.01 -1.87 -47.44
CA TYR E 205 33.50 -0.54 -47.86
C TYR E 205 34.42 0.62 -47.45
N GLN E 206 35.72 0.43 -47.63
CA GLN E 206 36.72 1.40 -47.18
C GLN E 206 36.57 2.75 -47.86
N ILE E 207 36.62 3.81 -47.07
CA ILE E 207 36.41 5.19 -47.54
C ILE E 207 37.73 5.94 -47.79
N SER E 208 37.70 6.79 -48.79
CA SER E 208 38.76 7.75 -49.07
C SER E 208 38.14 9.09 -49.46
N VAL E 209 38.66 10.16 -48.88
CA VAL E 209 38.22 11.52 -49.19
C VAL E 209 39.43 12.44 -49.36
N ASN E 210 39.31 13.42 -50.23
CA ASN E 210 40.32 14.48 -50.39
C ASN E 210 39.70 15.75 -50.96
N LYS E 211 40.56 16.75 -51.19
CA LYS E 211 40.17 18.06 -51.74
C LYS E 211 39.03 18.69 -50.94
N TYR E 212 39.29 18.92 -49.66
CA TYR E 212 38.34 19.55 -48.77
C TYR E 212 38.21 21.04 -49.04
N ARG E 213 36.98 21.54 -48.90
CA ARG E 213 36.71 22.96 -48.73
C ARG E 213 35.39 23.11 -47.99
N GLY E 214 35.21 24.21 -47.27
CA GLY E 214 33.92 24.47 -46.63
C GLY E 214 33.95 25.24 -45.33
N THR E 215 32.89 25.08 -44.56
CA THR E 215 32.69 25.84 -43.34
C THR E 215 32.51 24.96 -42.10
N ALA E 216 32.16 23.69 -42.30
CA ALA E 216 31.89 22.75 -41.20
C ALA E 216 33.15 22.28 -40.49
N GLY E 217 34.28 22.37 -41.17
CA GLY E 217 35.55 21.88 -40.63
C GLY E 217 35.84 20.51 -41.20
N ASN E 218 37.11 20.26 -41.52
CA ASN E 218 37.55 19.03 -42.16
C ASN E 218 37.64 17.84 -41.20
N ALA E 219 36.49 17.43 -40.67
CA ALA E 219 36.41 16.32 -39.72
C ALA E 219 36.91 14.98 -40.28
N LEU E 220 36.56 14.71 -41.54
CA LEU E 220 36.87 13.43 -42.16
C LEU E 220 38.36 13.20 -42.41
N MET E 221 39.10 14.26 -42.74
CA MET E 221 40.52 14.15 -43.05
C MET E 221 41.44 14.52 -41.89
N ASP E 222 41.01 15.48 -41.06
CA ASP E 222 41.87 16.10 -40.03
C ASP E 222 41.55 15.64 -38.60
N GLY E 223 40.41 14.99 -38.41
CA GLY E 223 39.95 14.62 -37.08
C GLY E 223 39.36 15.81 -36.33
N ALA E 224 39.03 15.60 -35.06
CA ALA E 224 38.39 16.64 -34.24
C ALA E 224 39.33 17.81 -33.92
N SER E 225 38.85 19.02 -34.16
CA SER E 225 39.63 20.25 -33.99
C SER E 225 39.93 20.59 -32.52
N GLN E 226 39.19 19.99 -31.60
CA GLN E 226 39.38 20.20 -30.17
C GLN E 226 40.41 19.26 -29.53
N LEU E 227 40.81 18.22 -30.28
CA LEU E 227 41.80 17.25 -29.84
C LEU E 227 43.16 17.52 -30.49
N MET E 228 44.21 16.97 -29.92
CA MET E 228 45.58 17.18 -30.42
C MET E 228 46.40 15.89 -30.39
N GLY E 229 47.37 15.77 -31.31
CA GLY E 229 48.29 14.63 -31.37
C GLY E 229 47.65 13.30 -31.70
N GLU E 230 47.97 12.28 -30.89
CA GLU E 230 47.42 10.93 -31.06
C GLU E 230 45.90 10.94 -31.00
N ASN E 231 45.36 11.68 -30.04
CA ASN E 231 43.93 11.72 -29.75
C ASN E 231 43.09 12.34 -30.88
N ARG E 232 43.69 13.27 -31.61
CA ARG E 232 43.06 13.83 -32.81
C ARG E 232 43.19 12.86 -33.98
N THR E 233 44.39 12.33 -34.18
CA THR E 233 44.69 11.37 -35.25
C THR E 233 43.73 10.17 -35.24
N MET E 234 43.42 9.67 -34.05
CA MET E 234 42.53 8.51 -33.91
C MET E 234 41.04 8.83 -34.16
N THR E 235 40.75 10.04 -34.67
CA THR E 235 39.38 10.43 -35.04
C THR E 235 39.21 10.70 -36.55
N ILE E 236 40.30 10.53 -37.31
CA ILE E 236 40.28 10.68 -38.75
C ILE E 236 39.54 9.49 -39.38
N HIS E 237 38.60 9.80 -40.26
CA HIS E 237 37.75 8.79 -40.89
C HIS E 237 38.29 8.32 -42.22
N ASN E 238 39.03 9.20 -42.88
CA ASN E 238 39.69 8.87 -44.15
C ASN E 238 40.50 7.58 -44.01
N GLY E 239 40.28 6.65 -44.93
CA GLY E 239 40.99 5.36 -44.90
C GLY E 239 40.33 4.27 -44.08
N MET E 240 39.28 4.62 -43.33
CA MET E 240 38.65 3.68 -42.40
C MET E 240 37.72 2.69 -43.12
N PHE E 241 37.51 1.54 -42.49
CA PHE E 241 36.50 0.59 -42.94
C PHE E 241 35.17 0.94 -42.30
N PHE E 242 34.10 0.39 -42.87
CA PHE E 242 32.77 0.55 -42.33
C PHE E 242 32.55 -0.49 -41.24
N SER E 243 31.98 -0.06 -40.12
CA SER E 243 31.47 -1.00 -39.12
C SER E 243 30.05 -0.69 -38.66
N THR E 244 29.31 -1.76 -38.38
CA THR E 244 28.02 -1.70 -37.72
C THR E 244 28.15 -2.43 -36.37
N TYR E 245 27.14 -2.31 -35.51
CA TYR E 245 27.24 -2.87 -34.16
C TYR E 245 27.33 -4.39 -34.09
N ASP E 246 27.00 -5.06 -35.19
CA ASP E 246 27.18 -6.51 -35.31
C ASP E 246 28.38 -6.90 -36.21
N ARG E 247 29.10 -5.90 -36.71
CA ARG E 247 30.26 -6.15 -37.56
C ARG E 247 31.37 -5.13 -37.30
N ASP E 248 32.31 -5.52 -36.44
CA ASP E 248 33.38 -4.65 -35.98
C ASP E 248 34.57 -4.60 -36.96
N ASN E 249 34.76 -3.44 -37.58
CA ASN E 249 35.90 -3.19 -38.45
C ASN E 249 36.59 -1.88 -38.08
N ASP E 250 36.45 -1.45 -36.82
CA ASP E 250 36.97 -0.13 -36.39
C ASP E 250 38.48 -0.12 -36.17
N GLY E 251 38.99 0.99 -35.64
CA GLY E 251 40.41 1.13 -35.35
C GLY E 251 40.93 0.37 -34.13
N TRP E 252 40.03 0.02 -33.21
CA TRP E 252 40.41 -0.65 -31.96
C TRP E 252 40.65 -2.15 -32.14
N LEU E 253 41.89 -2.59 -31.90
CA LEU E 253 42.27 -3.98 -32.16
C LEU E 253 42.24 -4.88 -30.92
N THR E 254 41.75 -4.33 -29.80
CA THR E 254 41.66 -5.06 -28.53
C THR E 254 40.54 -6.10 -28.55
N SER E 255 40.81 -7.26 -27.96
CA SER E 255 39.89 -8.41 -28.01
C SER E 255 38.90 -8.45 -26.84
N ASP E 256 38.20 -7.34 -26.64
CA ASP E 256 37.13 -7.27 -25.64
C ASP E 256 35.90 -6.54 -26.21
N PRO E 257 34.69 -7.11 -26.00
CA PRO E 257 33.44 -6.54 -26.54
C PRO E 257 33.14 -5.13 -26.03
N ARG E 258 33.79 -4.72 -24.94
CA ARG E 258 33.57 -3.40 -24.35
C ARG E 258 34.16 -2.27 -25.18
N LYS E 259 35.24 -2.56 -25.89
CA LYS E 259 35.89 -1.58 -26.77
C LYS E 259 35.40 -1.70 -28.22
N GLN E 260 34.23 -1.14 -28.48
CA GLN E 260 33.68 -1.05 -29.83
C GLN E 260 33.09 0.33 -30.07
N CYS E 261 33.45 0.92 -31.21
CA CYS E 261 32.95 2.24 -31.60
C CYS E 261 31.44 2.21 -31.85
N SER E 262 30.99 1.18 -32.57
CA SER E 262 29.56 0.98 -32.81
C SER E 262 28.98 -0.06 -31.85
N LYS E 263 28.18 0.42 -30.90
CA LYS E 263 27.48 -0.44 -29.96
C LYS E 263 26.02 -0.53 -30.37
N GLU E 264 25.25 -1.36 -29.66
CA GLU E 264 23.84 -1.62 -29.98
C GLU E 264 23.03 -0.35 -30.21
N ASP E 265 22.31 -0.34 -31.34
CA ASP E 265 21.50 0.81 -31.78
C ASP E 265 22.36 2.01 -32.15
N GLY E 266 23.65 1.78 -32.34
CA GLY E 266 24.55 2.82 -32.82
C GLY E 266 24.57 2.81 -34.33
N GLY E 267 24.89 3.95 -34.93
CA GLY E 267 24.94 4.07 -36.38
C GLY E 267 26.07 3.27 -37.01
N GLY E 268 25.92 3.01 -38.30
CA GLY E 268 27.00 2.49 -39.12
C GLY E 268 27.79 3.68 -39.62
N TRP E 269 29.11 3.57 -39.53
CA TRP E 269 29.98 4.67 -39.95
C TRP E 269 31.42 4.18 -40.16
N TRP E 270 32.24 5.03 -40.75
CA TRP E 270 33.64 4.75 -40.94
C TRP E 270 34.41 5.14 -39.67
N TYR E 271 34.26 4.32 -38.64
CA TYR E 271 34.82 4.60 -37.33
C TYR E 271 36.32 4.34 -37.29
N ASN E 272 37.02 5.21 -36.57
CA ASN E 272 38.42 5.00 -36.23
C ASN E 272 38.51 4.62 -34.76
N ARG E 273 38.94 5.55 -33.91
CA ARG E 273 38.98 5.37 -32.45
C ARG E 273 38.57 6.65 -31.68
N CYS E 274 37.33 7.13 -31.86
CA CYS E 274 36.32 6.51 -32.69
C CYS E 274 35.84 7.40 -33.85
N HIS E 275 35.60 8.68 -33.57
CA HIS E 275 35.03 9.58 -34.56
C HIS E 275 35.18 11.07 -34.25
N ALA E 276 35.24 11.87 -35.32
CA ALA E 276 35.11 13.33 -35.25
C ALA E 276 33.76 13.74 -35.84
N ALA E 277 33.04 12.77 -36.39
CA ALA E 277 31.79 12.99 -37.12
C ALA E 277 31.01 11.70 -37.29
N ASN E 278 29.69 11.77 -37.13
CA ASN E 278 28.80 10.64 -37.38
C ASN E 278 27.43 11.10 -37.87
N PRO E 279 27.30 11.33 -39.19
CA PRO E 279 26.02 11.65 -39.85
C PRO E 279 24.95 10.60 -39.57
N ASN E 280 25.36 9.36 -39.28
CA ASN E 280 24.43 8.26 -39.07
C ASN E 280 24.13 7.98 -37.59
N GLY E 281 24.49 8.93 -36.73
CA GLY E 281 24.26 8.81 -35.29
C GLY E 281 22.79 8.89 -34.89
N ARG E 282 22.54 8.82 -33.60
CA ARG E 282 21.17 8.89 -33.09
C ARG E 282 20.66 10.34 -33.08
N TYR E 283 19.40 10.51 -33.46
CA TYR E 283 18.79 11.83 -33.61
C TYR E 283 18.26 12.35 -32.27
N TYR E 284 19.05 13.18 -31.60
CA TYR E 284 18.60 13.84 -30.36
C TYR E 284 17.85 15.11 -30.72
N TRP E 285 16.68 15.30 -30.09
CA TRP E 285 15.86 16.47 -30.35
C TRP E 285 16.36 17.68 -29.59
N GLY E 286 16.40 18.82 -30.28
CA GLY E 286 16.84 20.08 -29.68
C GLY E 286 18.33 20.35 -29.80
N GLY E 287 19.10 19.34 -30.21
CA GLY E 287 20.53 19.51 -30.45
C GLY E 287 21.43 19.10 -29.30
N GLN E 288 21.31 19.83 -28.18
CA GLN E 288 22.10 19.55 -26.98
C GLN E 288 21.70 18.22 -26.34
N TYR E 289 22.70 17.41 -26.01
CA TYR E 289 22.53 16.18 -25.25
C TYR E 289 23.77 15.93 -24.38
N THR E 290 23.65 15.03 -23.40
CA THR E 290 24.74 14.75 -22.46
C THR E 290 25.00 13.25 -22.34
N TRP E 291 26.13 12.89 -21.74
CA TRP E 291 26.52 11.50 -21.54
C TRP E 291 25.45 10.66 -20.83
N ASP E 292 24.72 11.27 -19.90
CA ASP E 292 23.70 10.57 -19.11
C ASP E 292 22.34 10.46 -19.82
N MET E 293 22.25 10.97 -21.05
CA MET E 293 21.09 10.75 -21.91
C MET E 293 21.38 9.63 -22.93
N ALA E 294 22.67 9.33 -23.13
CA ALA E 294 23.12 8.37 -24.13
C ALA E 294 23.13 6.92 -23.65
N LYS E 295 22.58 6.03 -24.47
CA LYS E 295 22.38 4.62 -24.13
C LYS E 295 23.60 3.93 -23.50
N HIS E 296 24.77 4.16 -24.06
CA HIS E 296 26.01 3.55 -23.59
C HIS E 296 26.97 4.59 -23.00
N GLY E 297 26.44 5.78 -22.70
CA GLY E 297 27.21 6.89 -22.15
C GLY E 297 28.19 7.56 -23.10
N THR E 298 28.00 7.35 -24.40
CA THR E 298 28.93 7.89 -25.40
C THR E 298 28.29 8.99 -26.26
N ASP E 299 29.13 9.67 -27.04
CA ASP E 299 28.69 10.77 -27.90
C ASP E 299 28.17 10.22 -29.23
N ASP E 300 27.04 9.53 -29.17
CA ASP E 300 26.55 8.72 -30.30
C ASP E 300 25.53 9.44 -31.21
N GLY E 301 25.50 10.77 -31.14
CA GLY E 301 24.49 11.56 -31.83
C GLY E 301 24.86 11.91 -33.26
N VAL E 302 24.05 12.75 -33.89
CA VAL E 302 24.33 13.22 -35.25
C VAL E 302 25.36 14.34 -35.14
N VAL E 303 26.63 13.95 -35.17
CA VAL E 303 27.73 14.78 -34.70
C VAL E 303 28.68 15.27 -35.81
N TRP E 304 29.14 16.51 -35.66
CA TRP E 304 30.26 17.05 -36.43
C TRP E 304 31.14 17.91 -35.50
N MET E 305 32.05 17.25 -34.79
CA MET E 305 32.78 17.88 -33.69
C MET E 305 33.43 19.19 -34.09
N ASN E 306 33.96 19.23 -35.31
CA ASN E 306 34.65 20.39 -35.87
C ASN E 306 33.76 21.64 -36.01
N TRP E 307 32.46 21.47 -35.85
CA TRP E 307 31.54 22.60 -35.83
C TRP E 307 30.92 22.87 -34.45
N LYS E 308 30.33 21.85 -33.85
CA LYS E 308 29.53 22.02 -32.63
C LYS E 308 29.97 21.21 -31.42
N GLY E 309 30.95 20.32 -31.61
CA GLY E 309 31.43 19.45 -30.53
C GLY E 309 30.77 18.08 -30.54
N SER E 310 31.09 17.27 -29.52
CA SER E 310 30.65 15.88 -29.42
C SER E 310 29.23 15.73 -28.87
N TRP E 311 28.72 16.77 -28.24
CA TRP E 311 27.48 16.69 -27.48
C TRP E 311 26.38 17.56 -28.07
N TYR E 312 26.52 17.84 -29.36
CA TYR E 312 25.51 18.50 -30.14
C TYR E 312 25.09 17.59 -31.28
N SER E 313 23.78 17.44 -31.44
CA SER E 313 23.20 16.58 -32.47
C SER E 313 22.47 17.44 -33.52
N MET E 314 22.95 17.40 -34.76
CA MET E 314 22.40 18.22 -35.86
C MET E 314 20.89 18.09 -36.05
N ARG E 315 20.27 19.17 -36.52
CA ARG E 315 18.86 19.16 -36.88
C ARG E 315 18.70 18.60 -38.29
N LYS E 316 19.59 19.02 -39.20
CA LYS E 316 19.65 18.46 -40.54
C LYS E 316 21.06 17.99 -40.83
N MET E 317 21.15 16.87 -41.54
CA MET E 317 22.42 16.32 -42.00
C MET E 317 22.14 15.54 -43.28
N SER E 318 23.01 15.68 -44.27
CA SER E 318 22.84 14.99 -45.55
C SER E 318 24.16 14.76 -46.25
N MET E 319 24.19 13.75 -47.11
CA MET E 319 25.35 13.44 -47.96
C MET E 319 24.91 13.24 -49.41
N LYS E 320 25.59 13.93 -50.32
CA LYS E 320 25.23 13.96 -51.74
C LYS E 320 26.47 13.78 -52.58
N ILE E 321 26.38 12.91 -53.60
CA ILE E 321 27.51 12.73 -54.53
C ILE E 321 27.18 13.12 -55.99
N ARG E 322 28.23 13.29 -56.78
CA ARG E 322 28.14 13.70 -58.18
C ARG E 322 29.47 13.39 -58.88
N PRO E 323 29.42 12.90 -60.14
CA PRO E 323 30.62 12.81 -60.98
C PRO E 323 31.42 14.12 -60.95
N PHE E 324 32.73 14.02 -60.71
CA PHE E 324 33.63 15.18 -60.64
C PHE E 324 34.02 15.60 -62.04
N PHE E 325 34.04 16.91 -62.28
CA PHE E 325 34.50 17.49 -63.55
C PHE E 325 35.52 18.58 -63.25
N SER F 18 9.64 11.30 14.26
CA SER F 18 10.45 10.21 13.65
C SER F 18 9.61 8.95 13.41
N SER F 19 9.46 8.57 12.14
CA SER F 19 8.67 7.40 11.75
C SER F 19 9.53 6.32 11.10
N ILE F 20 9.13 5.06 11.29
CA ILE F 20 9.85 3.92 10.74
C ILE F 20 9.00 3.06 9.80
N ARG F 21 8.93 3.49 8.54
CA ARG F 21 8.26 2.74 7.47
C ARG F 21 9.13 2.78 6.22
N TYR F 22 9.56 1.61 5.76
CA TYR F 22 10.41 1.52 4.57
C TYR F 22 9.59 1.44 3.28
N LEU F 23 8.54 0.61 3.28
CA LEU F 23 7.77 0.26 2.08
C LEU F 23 8.68 -0.34 1.01
N GLN F 24 9.33 0.52 0.22
CA GLN F 24 10.39 0.16 -0.74
C GLN F 24 10.04 -0.91 -1.79
N GLU F 25 8.83 -1.46 -1.71
CA GLU F 25 8.31 -2.36 -2.74
C GLU F 25 8.06 -1.53 -4.00
N ILE F 26 7.83 -0.24 -3.80
CA ILE F 26 7.66 0.73 -4.87
C ILE F 26 8.94 0.84 -5.72
N TYR F 27 10.10 0.76 -5.07
CA TYR F 27 11.39 0.78 -5.76
C TYR F 27 11.63 -0.49 -6.58
N ASN F 28 11.48 -1.66 -5.94
CA ASN F 28 11.68 -2.95 -6.59
C ASN F 28 10.64 -3.26 -7.67
N SER F 29 9.41 -2.77 -7.46
CA SER F 29 8.33 -2.91 -8.42
C SER F 29 8.56 -2.03 -9.65
N ASN F 30 9.29 -0.93 -9.46
CA ASN F 30 9.67 -0.04 -10.55
C ASN F 30 10.78 -0.64 -11.42
N ASN F 31 11.80 -1.20 -10.79
CA ASN F 31 12.86 -1.94 -11.50
C ASN F 31 12.31 -3.04 -12.39
N GLN F 32 11.34 -3.79 -11.86
CA GLN F 32 10.68 -4.87 -12.59
C GLN F 32 9.78 -4.32 -13.71
N LYS F 33 9.19 -3.16 -13.46
CA LYS F 33 8.36 -2.47 -14.44
C LYS F 33 9.22 -1.92 -15.59
N ILE F 34 10.46 -1.55 -15.27
CA ILE F 34 11.44 -1.06 -16.24
C ILE F 34 11.92 -2.20 -17.15
N VAL F 35 12.33 -3.32 -16.55
CA VAL F 35 12.81 -4.49 -17.28
C VAL F 35 11.74 -5.01 -18.26
N ASN F 36 10.47 -4.95 -17.85
CA ASN F 36 9.35 -5.31 -18.71
C ASN F 36 9.03 -4.25 -19.77
N LEU F 37 9.26 -2.98 -19.44
CA LEU F 37 9.07 -1.88 -20.40
C LEU F 37 10.12 -1.95 -21.50
N LYS F 38 11.37 -2.22 -21.11
CA LYS F 38 12.47 -2.41 -22.06
C LYS F 38 12.20 -3.53 -23.07
N GLU F 39 11.47 -4.56 -22.61
CA GLU F 39 11.03 -5.64 -23.49
C GLU F 39 10.03 -5.13 -24.52
N LYS F 40 9.08 -4.30 -24.07
CA LYS F 40 8.07 -3.70 -24.93
C LYS F 40 8.72 -2.76 -25.95
N VAL F 41 9.71 -2.00 -25.50
CA VAL F 41 10.46 -1.06 -26.34
C VAL F 41 11.22 -1.78 -27.47
N ALA F 42 11.84 -2.91 -27.13
CA ALA F 42 12.53 -3.75 -28.11
C ALA F 42 11.58 -4.29 -29.17
N GLN F 43 10.35 -4.59 -28.76
CA GLN F 43 9.32 -5.13 -29.64
C GLN F 43 8.78 -4.07 -30.61
N LEU F 44 8.71 -2.84 -30.13
CA LEU F 44 8.30 -1.70 -30.96
C LEU F 44 9.38 -1.36 -31.99
N GLU F 45 10.65 -1.48 -31.59
CA GLU F 45 11.78 -1.25 -32.49
C GLU F 45 11.72 -2.13 -33.75
N ALA F 46 11.42 -3.42 -33.56
CA ALA F 46 11.30 -4.39 -34.65
C ALA F 46 10.10 -4.11 -35.57
N GLN F 47 9.16 -3.30 -35.10
CA GLN F 47 7.99 -2.92 -35.88
C GLN F 47 8.21 -1.60 -36.62
N CYS F 48 9.35 -0.95 -36.38
CA CYS F 48 9.66 0.34 -37.02
C CYS F 48 10.98 0.28 -37.78
N GLN F 49 11.14 -0.77 -38.59
CA GLN F 49 12.37 -0.98 -39.35
C GLN F 49 12.13 -0.76 -40.83
N GLU F 50 10.92 -1.10 -41.28
CA GLU F 50 10.56 -1.04 -42.68
C GLU F 50 10.19 0.38 -43.10
N PRO F 51 10.40 0.72 -44.38
CA PRO F 51 10.01 2.05 -44.85
C PRO F 51 8.52 2.14 -45.14
N CYS F 52 8.03 3.33 -45.46
CA CYS F 52 6.66 3.49 -45.97
C CYS F 52 6.48 2.61 -47.20
N LYS F 53 5.31 2.02 -47.31
CA LYS F 53 4.97 1.15 -48.44
C LYS F 53 4.60 2.04 -49.63
N ASP F 54 5.27 1.84 -50.76
CA ASP F 54 5.00 2.63 -51.97
C ASP F 54 3.98 1.87 -52.80
N THR F 55 2.86 2.53 -53.13
CA THR F 55 1.82 1.91 -53.96
C THR F 55 2.30 1.69 -55.40
N VAL F 56 3.30 2.46 -55.82
CA VAL F 56 3.84 2.37 -57.17
C VAL F 56 4.86 1.24 -57.29
N GLN F 57 4.52 0.21 -58.06
CA GLN F 57 5.42 -0.89 -58.35
C GLN F 57 5.57 -1.09 -59.86
N ILE F 58 6.73 -1.60 -60.26
CA ILE F 58 7.03 -1.92 -61.65
C ILE F 58 6.90 -3.43 -61.82
N HIS F 59 6.25 -3.87 -62.89
CA HIS F 59 6.14 -5.29 -63.23
C HIS F 59 7.48 -5.89 -63.66
N ASP F 60 7.58 -7.21 -63.54
CA ASP F 60 8.80 -7.99 -63.82
C ASP F 60 8.98 -8.37 -65.28
N ILE F 61 7.88 -8.71 -65.94
CA ILE F 61 7.90 -9.07 -67.36
C ILE F 61 8.44 -7.89 -68.16
N THR F 62 9.31 -8.22 -69.12
CA THR F 62 9.90 -7.21 -69.97
C THR F 62 9.87 -7.72 -71.41
N GLY F 63 10.23 -6.86 -72.36
CA GLY F 63 10.18 -7.20 -73.79
C GLY F 63 10.59 -6.02 -74.65
N LYS F 64 10.37 -6.14 -75.95
CA LYS F 64 10.74 -5.11 -76.92
C LYS F 64 9.81 -3.92 -76.86
N ASP F 65 8.54 -4.21 -76.58
CA ASP F 65 7.49 -3.21 -76.44
C ASP F 65 6.35 -3.80 -75.62
N CYS F 66 5.26 -3.06 -75.49
CA CYS F 66 4.13 -3.49 -74.67
C CYS F 66 3.36 -4.65 -75.29
N GLN F 67 3.46 -4.81 -76.62
CA GLN F 67 2.79 -5.91 -77.29
C GLN F 67 3.52 -7.22 -77.04
N ASP F 68 4.85 -7.15 -77.07
CA ASP F 68 5.71 -8.28 -76.76
C ASP F 68 5.45 -8.74 -75.34
N ILE F 69 5.29 -7.78 -74.44
CA ILE F 69 4.99 -8.02 -73.02
C ILE F 69 3.61 -8.70 -72.84
N ALA F 70 2.62 -8.24 -73.61
CA ALA F 70 1.29 -8.86 -73.59
C ALA F 70 1.36 -10.29 -74.11
N ASN F 71 2.11 -10.49 -75.20
CA ASN F 71 2.33 -11.81 -75.79
C ASN F 71 2.95 -12.82 -74.82
N LYS F 72 3.76 -12.32 -73.88
CA LYS F 72 4.38 -13.14 -72.83
C LYS F 72 3.45 -13.39 -71.63
N GLY F 73 2.20 -12.94 -71.74
CA GLY F 73 1.18 -13.28 -70.75
C GLY F 73 0.81 -12.21 -69.73
N ALA F 74 1.45 -11.05 -69.79
CA ALA F 74 1.05 -9.93 -68.92
C ALA F 74 -0.39 -9.50 -69.22
N LYS F 75 -1.18 -9.32 -68.17
CA LYS F 75 -2.61 -8.98 -68.30
C LYS F 75 -2.98 -7.61 -67.75
N GLN F 76 -2.09 -7.01 -66.96
CA GLN F 76 -2.38 -5.76 -66.27
C GLN F 76 -1.72 -4.54 -66.91
N SER F 77 -2.53 -3.53 -67.17
CA SER F 77 -2.02 -2.22 -67.55
C SER F 77 -1.16 -1.71 -66.40
N GLY F 78 -0.06 -1.04 -66.73
CA GLY F 78 0.82 -0.49 -65.71
C GLY F 78 2.23 -0.29 -66.19
N LEU F 79 3.17 -0.21 -65.24
CA LEU F 79 4.54 0.17 -65.56
C LEU F 79 5.41 -1.06 -65.82
N TYR F 80 6.16 -1.00 -66.93
CA TYR F 80 7.01 -2.10 -67.40
C TYR F 80 8.27 -1.49 -68.02
N PHE F 81 9.39 -2.21 -67.90
CA PHE F 81 10.58 -1.90 -68.67
C PHE F 81 10.45 -2.56 -70.04
N ILE F 82 10.87 -1.84 -71.09
CA ILE F 82 11.02 -2.45 -72.41
C ILE F 82 12.41 -2.10 -72.97
N LYS F 83 12.87 -2.88 -73.91
CA LYS F 83 14.14 -2.62 -74.58
C LYS F 83 14.05 -3.05 -76.04
N PRO F 84 13.64 -2.12 -76.93
CA PRO F 84 13.73 -2.40 -78.36
C PRO F 84 15.14 -2.87 -78.69
N LEU F 85 15.25 -3.75 -79.68
CA LEU F 85 16.55 -4.33 -80.10
C LEU F 85 17.68 -3.29 -80.20
N LYS F 86 17.40 -2.18 -80.88
CA LYS F 86 18.43 -1.16 -81.13
C LYS F 86 18.65 -0.20 -79.96
N ALA F 87 17.83 -0.28 -78.92
CA ALA F 87 18.01 0.55 -77.73
C ALA F 87 19.24 0.12 -76.94
N ASN F 88 20.02 1.11 -76.52
CA ASN F 88 21.23 0.86 -75.74
C ASN F 88 20.93 0.48 -74.30
N GLN F 89 19.86 1.06 -73.76
CA GLN F 89 19.40 0.71 -72.44
C GLN F 89 17.89 0.51 -72.45
N GLN F 90 17.39 -0.28 -71.50
CA GLN F 90 15.96 -0.42 -71.26
C GLN F 90 15.41 0.88 -70.67
N PHE F 91 14.11 1.09 -70.82
CA PHE F 91 13.45 2.25 -70.23
C PHE F 91 12.03 1.92 -69.83
N LEU F 92 11.52 2.66 -68.86
CA LEU F 92 10.19 2.47 -68.32
C LEU F 92 9.12 3.07 -69.22
N VAL F 93 7.99 2.36 -69.32
CA VAL F 93 6.82 2.82 -70.07
C VAL F 93 5.52 2.47 -69.33
N TYR F 94 4.42 3.16 -69.69
CA TYR F 94 3.09 2.71 -69.30
C TYR F 94 2.57 1.81 -70.41
N CYS F 95 2.16 0.60 -70.05
CA CYS F 95 1.56 -0.32 -71.01
C CYS F 95 0.06 -0.38 -70.77
N GLU F 96 -0.72 -0.18 -71.84
CA GLU F 96 -2.14 -0.46 -71.80
C GLU F 96 -2.41 -1.84 -72.39
N ILE F 97 -2.94 -2.74 -71.57
CA ILE F 97 -3.22 -4.11 -71.99
C ILE F 97 -4.72 -4.37 -71.85
N ASP F 98 -5.38 -4.73 -72.95
CA ASP F 98 -6.84 -4.94 -72.93
C ASP F 98 -7.19 -6.42 -72.80
N GLY F 99 -8.49 -6.73 -72.77
CA GLY F 99 -8.97 -8.12 -72.65
C GLY F 99 -8.72 -9.02 -73.85
N SER F 100 -8.10 -8.47 -74.90
CA SER F 100 -7.85 -9.21 -76.16
C SER F 100 -6.36 -9.43 -76.44
N GLY F 101 -5.51 -9.12 -75.47
CA GLY F 101 -4.08 -9.33 -75.60
C GLY F 101 -3.33 -8.27 -76.39
N ASN F 102 -4.01 -7.15 -76.67
CA ASN F 102 -3.35 -6.00 -77.28
C ASN F 102 -2.57 -5.23 -76.21
N GLY F 103 -1.29 -4.99 -76.48
CA GLY F 103 -0.43 -4.21 -75.60
C GLY F 103 0.00 -2.92 -76.27
N TRP F 104 -0.64 -1.82 -75.86
CA TRP F 104 -0.33 -0.48 -76.33
C TRP F 104 0.77 0.15 -75.49
N THR F 105 1.75 0.75 -76.17
CA THR F 105 2.78 1.55 -75.52
C THR F 105 2.33 3.01 -75.59
N VAL F 106 2.10 3.60 -74.43
CA VAL F 106 1.55 4.97 -74.36
C VAL F 106 2.71 5.94 -74.31
N PHE F 107 2.76 6.87 -75.25
CA PHE F 107 3.84 7.86 -75.28
C PHE F 107 3.44 9.30 -74.91
N GLN F 108 2.14 9.58 -74.83
CA GLN F 108 1.68 10.90 -74.41
C GLN F 108 0.35 10.79 -73.68
N LYS F 109 0.21 11.57 -72.63
CA LYS F 109 -1.01 11.62 -71.83
C LYS F 109 -1.26 13.04 -71.31
N ARG F 110 -2.47 13.54 -71.51
CA ARG F 110 -2.95 14.79 -70.89
C ARG F 110 -4.23 14.45 -70.16
N LEU F 111 -4.43 15.09 -69.01
CA LEU F 111 -5.48 14.69 -68.08
C LEU F 111 -6.03 15.82 -67.20
N ASP F 112 -5.18 16.76 -66.81
CA ASP F 112 -5.56 17.73 -65.77
C ASP F 112 -4.75 19.03 -65.72
N GLY F 113 -3.74 19.15 -66.59
CA GLY F 113 -2.91 20.34 -66.64
C GLY F 113 -1.82 20.44 -65.60
N SER F 114 -1.51 19.32 -64.95
CA SER F 114 -0.51 19.31 -63.87
C SER F 114 0.94 19.41 -64.38
N VAL F 115 1.18 19.07 -65.65
CA VAL F 115 2.54 19.10 -66.19
C VAL F 115 2.71 20.18 -67.26
N ASP F 116 3.80 20.92 -67.16
CA ASP F 116 4.14 21.95 -68.11
C ASP F 116 4.73 21.31 -69.38
N PHE F 117 4.13 21.61 -70.53
CA PHE F 117 4.57 21.06 -71.81
C PHE F 117 5.35 22.06 -72.65
N LYS F 118 5.64 23.22 -72.05
CA LYS F 118 6.53 24.18 -72.66
C LYS F 118 7.94 23.77 -72.24
N LYS F 119 8.51 22.87 -73.02
CA LYS F 119 9.76 22.20 -72.69
C LYS F 119 10.70 22.34 -73.87
N ASN F 120 12.00 22.15 -73.63
CA ASN F 120 12.98 22.34 -74.70
C ASN F 120 13.23 21.06 -75.51
N TRP F 121 14.16 21.15 -76.45
CA TRP F 121 14.52 20.03 -77.34
C TRP F 121 14.97 18.79 -76.57
N ILE F 122 15.91 18.97 -75.65
CA ILE F 122 16.44 17.89 -74.83
C ILE F 122 15.35 17.22 -74.00
N GLN F 123 14.50 18.03 -73.37
CA GLN F 123 13.39 17.53 -72.58
C GLN F 123 12.36 16.73 -73.42
N TYR F 124 12.03 17.22 -74.62
CA TYR F 124 11.19 16.45 -75.53
C TYR F 124 11.91 15.21 -76.10
N LYS F 125 13.24 15.30 -76.26
CA LYS F 125 14.03 14.15 -76.66
C LYS F 125 14.01 13.05 -75.60
N GLU F 126 14.19 13.44 -74.33
CA GLU F 126 14.44 12.48 -73.24
C GLU F 126 13.19 12.07 -72.48
N GLY F 127 12.17 12.92 -72.55
CA GLY F 127 10.89 12.67 -71.90
C GLY F 127 10.75 13.52 -70.65
N PHE F 128 9.50 13.76 -70.26
CA PHE F 128 9.18 14.47 -69.01
C PHE F 128 7.81 14.07 -68.52
N GLY F 129 7.43 14.59 -67.35
CA GLY F 129 6.22 14.16 -66.66
C GLY F 129 6.49 12.88 -65.90
N HIS F 130 5.43 12.21 -65.47
CA HIS F 130 5.52 11.06 -64.58
C HIS F 130 4.70 9.88 -65.09
N LEU F 131 5.16 8.69 -64.73
CA LEU F 131 4.52 7.43 -65.07
C LEU F 131 3.87 6.83 -63.83
N SER F 132 2.65 6.37 -64.00
CA SER F 132 1.83 5.83 -62.91
C SER F 132 1.24 4.49 -63.33
N PRO F 133 1.14 3.54 -62.38
CA PRO F 133 0.50 2.24 -62.65
C PRO F 133 -0.95 2.42 -63.03
N THR F 134 -1.55 3.50 -62.53
CA THR F 134 -2.97 3.80 -62.69
C THR F 134 -3.28 4.59 -63.97
N GLY F 135 -2.25 5.01 -64.69
CA GLY F 135 -2.43 5.82 -65.91
C GLY F 135 -3.17 7.12 -65.65
N THR F 136 -2.82 7.79 -64.56
CA THR F 136 -3.52 8.99 -64.11
C THR F 136 -2.59 10.20 -64.06
N THR F 137 -1.47 10.11 -64.76
CA THR F 137 -0.46 11.15 -64.77
C THR F 137 -0.19 11.61 -66.19
N GLU F 138 0.22 12.87 -66.31
CA GLU F 138 0.60 13.45 -67.59
C GLU F 138 2.08 13.21 -67.88
N PHE F 139 2.38 12.90 -69.14
CA PHE F 139 3.77 12.71 -69.55
C PHE F 139 4.00 12.81 -71.04
N TRP F 140 5.27 13.07 -71.39
CA TRP F 140 5.77 12.85 -72.74
C TRP F 140 6.91 11.83 -72.65
N LEU F 141 6.77 10.69 -73.33
CA LEU F 141 7.74 9.59 -73.17
C LEU F 141 9.16 9.96 -73.62
N GLY F 142 9.27 10.82 -74.63
CA GLY F 142 10.56 11.21 -75.20
C GLY F 142 10.71 10.75 -76.64
N ASN F 143 11.11 11.67 -77.52
CA ASN F 143 11.21 11.39 -78.95
C ASN F 143 12.17 10.25 -79.29
N GLU F 144 13.27 10.15 -78.54
CA GLU F 144 14.26 9.13 -78.82
C GLU F 144 13.65 7.75 -78.63
N LYS F 145 12.91 7.59 -77.54
CA LYS F 145 12.18 6.35 -77.25
C LYS F 145 11.09 6.03 -78.25
N ILE F 146 10.29 7.03 -78.66
CA ILE F 146 9.22 6.82 -79.66
C ILE F 146 9.86 6.33 -80.95
N HIS F 147 10.97 6.97 -81.33
CA HIS F 147 11.74 6.58 -82.51
C HIS F 147 12.18 5.11 -82.40
N LEU F 148 12.78 4.73 -81.27
CA LEU F 148 13.24 3.35 -81.06
C LEU F 148 12.14 2.31 -81.14
N ILE F 149 10.99 2.59 -80.54
CA ILE F 149 9.86 1.67 -80.54
C ILE F 149 9.23 1.53 -81.94
N SER F 150 9.04 2.65 -82.62
CA SER F 150 8.32 2.66 -83.89
C SER F 150 9.19 2.31 -85.11
N THR F 151 10.51 2.18 -84.92
CA THR F 151 11.40 1.84 -86.05
C THR F 151 12.14 0.49 -85.89
N GLN F 152 11.59 -0.36 -85.02
CA GLN F 152 12.07 -1.75 -84.90
C GLN F 152 11.98 -2.45 -86.25
N SER F 153 12.99 -3.27 -86.55
CA SER F 153 13.18 -3.75 -87.93
C SER F 153 12.00 -4.58 -88.45
N ALA F 154 11.37 -4.07 -89.51
CA ALA F 154 10.28 -4.73 -90.23
C ALA F 154 9.08 -5.11 -89.35
N ILE F 155 8.61 -4.13 -88.58
CA ILE F 155 7.43 -4.28 -87.75
C ILE F 155 6.59 -3.02 -87.94
N PRO F 156 5.62 -3.05 -88.88
CA PRO F 156 4.77 -1.87 -89.10
C PRO F 156 4.01 -1.51 -87.82
N TYR F 157 3.98 -0.23 -87.51
CA TYR F 157 3.34 0.24 -86.30
C TYR F 157 2.12 1.09 -86.61
N ALA F 158 1.23 1.20 -85.63
CA ALA F 158 0.07 2.07 -85.73
C ALA F 158 0.02 3.02 -84.55
N LEU F 159 -0.51 4.22 -84.79
CA LEU F 159 -0.76 5.20 -83.74
C LEU F 159 -2.26 5.36 -83.55
N ARG F 160 -2.70 5.33 -82.29
CA ARG F 160 -4.04 5.79 -81.94
C ARG F 160 -3.99 7.04 -81.07
N VAL F 161 -4.74 8.05 -81.50
CA VAL F 161 -4.95 9.26 -80.73
C VAL F 161 -6.34 9.10 -80.14
N GLU F 162 -6.46 9.19 -78.82
CA GLU F 162 -7.79 9.26 -78.21
C GLU F 162 -7.98 10.58 -77.49
N LEU F 163 -9.15 11.18 -77.71
CA LEU F 163 -9.49 12.49 -77.16
C LEU F 163 -10.74 12.44 -76.28
N GLU F 164 -10.76 13.26 -75.24
CA GLU F 164 -11.95 13.39 -74.40
C GLU F 164 -12.29 14.86 -74.26
N ASP F 165 -13.56 15.20 -74.47
CA ASP F 165 -14.00 16.58 -74.28
C ASP F 165 -14.44 16.82 -72.83
N TRP F 166 -15.01 17.98 -72.55
CA TRP F 166 -15.36 18.34 -71.19
C TRP F 166 -16.76 17.85 -70.80
N ASN F 167 -17.41 17.15 -71.71
CA ASN F 167 -18.71 16.52 -71.46
C ASN F 167 -18.65 15.00 -71.48
N GLY F 168 -17.46 14.44 -71.29
CA GLY F 168 -17.27 13.00 -71.21
C GLY F 168 -17.38 12.20 -72.51
N ARG F 169 -17.44 12.87 -73.65
CA ARG F 169 -17.42 12.19 -74.95
C ARG F 169 -15.99 11.94 -75.40
N THR F 170 -15.77 10.76 -75.98
CA THR F 170 -14.45 10.40 -76.48
C THR F 170 -14.49 10.13 -77.96
N SER F 171 -13.34 10.32 -78.60
CA SER F 171 -13.20 10.03 -80.01
C SER F 171 -11.77 9.56 -80.29
N THR F 172 -11.56 8.89 -81.43
CA THR F 172 -10.24 8.41 -81.78
C THR F 172 -9.85 8.73 -83.22
N ALA F 173 -8.55 8.72 -83.47
CA ALA F 173 -8.02 8.79 -84.83
C ALA F 173 -6.83 7.85 -84.92
N ASP F 174 -6.85 7.00 -85.96
CA ASP F 174 -5.80 6.00 -86.19
C ASP F 174 -4.95 6.33 -87.40
N TYR F 175 -3.64 6.14 -87.28
CA TYR F 175 -2.68 6.36 -88.36
C TYR F 175 -1.87 5.11 -88.60
N ALA F 176 -1.86 4.63 -89.84
CA ALA F 176 -1.15 3.39 -90.19
C ALA F 176 0.28 3.65 -90.62
N MET F 177 1.15 2.70 -90.27
CA MET F 177 2.60 2.73 -90.55
C MET F 177 3.27 3.95 -89.93
N PHE F 178 2.91 4.21 -88.67
CA PHE F 178 3.44 5.31 -87.89
C PHE F 178 4.92 5.10 -87.61
N LYS F 179 5.72 6.13 -87.84
CA LYS F 179 7.17 6.09 -87.55
C LYS F 179 7.62 7.47 -87.09
N VAL F 180 8.49 7.50 -86.09
CA VAL F 180 9.19 8.73 -85.73
C VAL F 180 10.66 8.53 -86.08
N GLY F 181 11.21 9.46 -86.85
CA GLY F 181 12.55 9.33 -87.39
C GLY F 181 13.61 9.63 -86.35
N PRO F 182 14.90 9.47 -86.72
CA PRO F 182 15.99 9.67 -85.75
C PRO F 182 16.24 11.14 -85.48
N GLU F 183 17.03 11.43 -84.45
CA GLU F 183 17.38 12.83 -84.14
C GLU F 183 18.02 13.55 -85.33
N ALA F 184 18.77 12.80 -86.15
CA ALA F 184 19.41 13.36 -87.34
C ALA F 184 18.38 13.88 -88.35
N ASP F 185 17.18 13.31 -88.36
CA ASP F 185 16.08 13.85 -89.15
C ASP F 185 15.06 14.61 -88.30
N LYS F 186 15.52 15.18 -87.19
CA LYS F 186 14.70 15.97 -86.26
C LYS F 186 13.40 15.29 -85.85
N TYR F 187 13.49 13.98 -85.62
CA TYR F 187 12.35 13.19 -85.15
C TYR F 187 11.10 13.37 -85.98
N ARG F 188 11.29 13.41 -87.30
CA ARG F 188 10.21 13.56 -88.25
C ARG F 188 9.07 12.55 -88.02
N LEU F 189 7.85 13.08 -87.96
CA LEU F 189 6.63 12.27 -87.93
C LEU F 189 6.30 11.74 -89.33
N THR F 190 6.08 10.44 -89.44
CA THR F 190 5.63 9.86 -90.70
C THR F 190 4.58 8.79 -90.46
N TYR F 191 3.65 8.68 -91.41
CA TYR F 191 2.73 7.56 -91.46
C TYR F 191 2.31 7.34 -92.93
N ALA F 192 1.77 6.18 -93.26
CA ALA F 192 1.37 5.90 -94.64
C ALA F 192 0.00 6.51 -94.95
N TYR F 193 -1.00 6.22 -94.09
CA TYR F 193 -2.35 6.74 -94.27
C TYR F 193 -3.16 6.82 -92.97
N PHE F 194 -4.19 7.67 -92.98
CA PHE F 194 -5.23 7.73 -91.95
C PHE F 194 -6.09 6.47 -92.04
N ALA F 195 -6.25 5.79 -90.89
CA ALA F 195 -6.92 4.50 -90.84
C ALA F 195 -8.31 4.59 -90.23
N GLY F 196 -8.79 5.80 -90.00
CA GLY F 196 -10.17 6.01 -89.61
C GLY F 196 -10.32 6.46 -88.18
N GLY F 197 -11.56 6.79 -87.82
CA GLY F 197 -11.89 7.21 -86.46
C GLY F 197 -12.73 8.46 -86.45
N ASP F 198 -13.64 8.55 -85.49
CA ASP F 198 -14.61 9.65 -85.42
C ASP F 198 -14.06 11.03 -85.00
N ALA F 199 -12.81 11.09 -84.53
CA ALA F 199 -12.15 12.37 -84.26
C ALA F 199 -11.76 13.09 -85.55
N GLY F 200 -11.71 12.33 -86.64
CA GLY F 200 -11.29 12.86 -87.94
C GLY F 200 -9.77 12.95 -88.04
N ASP F 201 -9.29 13.33 -89.21
CA ASP F 201 -7.87 13.32 -89.56
C ASP F 201 -7.26 14.72 -89.50
N ALA F 202 -6.95 15.18 -88.29
CA ALA F 202 -6.37 16.51 -88.15
C ALA F 202 -4.95 16.57 -88.73
N PHE F 203 -4.25 15.42 -88.77
CA PHE F 203 -2.92 15.36 -89.37
C PHE F 203 -2.88 15.68 -90.87
N ASP F 204 -4.05 15.65 -91.52
CA ASP F 204 -4.20 16.05 -92.91
C ASP F 204 -4.40 17.57 -93.05
N GLY F 205 -4.36 18.30 -91.92
CA GLY F 205 -4.57 19.74 -91.93
C GLY F 205 -6.04 20.11 -91.99
N PHE F 206 -6.36 21.39 -91.80
CA PHE F 206 -7.76 21.82 -91.83
C PHE F 206 -7.96 23.06 -92.69
N ASP F 207 -9.07 23.06 -93.44
CA ASP F 207 -9.50 24.21 -94.24
C ASP F 207 -10.19 25.25 -93.34
N PHE F 208 -9.41 26.05 -92.63
CA PHE F 208 -9.92 26.99 -91.62
C PHE F 208 -10.69 28.19 -92.19
N GLY F 209 -10.23 28.70 -93.33
CA GLY F 209 -10.80 29.91 -93.87
C GLY F 209 -10.52 30.13 -95.33
N ASP F 210 -10.39 31.40 -95.70
CA ASP F 210 -10.34 31.83 -97.10
C ASP F 210 -9.04 31.51 -97.85
N ASP F 211 -7.93 31.54 -97.11
CA ASP F 211 -6.61 31.24 -97.65
C ASP F 211 -6.64 29.85 -98.27
N PRO F 212 -6.27 29.75 -99.57
CA PRO F 212 -6.29 28.46 -100.28
C PRO F 212 -5.20 27.48 -99.84
N SER F 213 -4.24 27.95 -99.04
CA SER F 213 -3.12 27.10 -98.64
C SER F 213 -3.12 26.73 -97.15
N ASP F 214 -4.19 27.03 -96.43
CA ASP F 214 -4.20 26.78 -94.97
C ASP F 214 -4.19 25.30 -94.58
N LYS F 215 -4.91 24.48 -95.34
CA LYS F 215 -4.97 23.03 -95.10
C LYS F 215 -3.62 22.37 -95.37
N PHE F 216 -2.97 22.74 -96.48
CA PHE F 216 -1.59 22.34 -96.79
C PHE F 216 -0.59 22.72 -95.69
N PHE F 217 -0.72 23.93 -95.16
CA PHE F 217 0.21 24.41 -94.14
C PHE F 217 -0.12 24.00 -92.71
N THR F 218 -1.24 23.30 -92.52
CA THR F 218 -1.58 22.82 -91.16
C THR F 218 -1.57 21.30 -91.03
N SER F 219 -1.10 20.61 -92.08
CA SER F 219 -0.95 19.15 -92.05
C SER F 219 0.36 18.78 -91.34
N HIS F 220 0.42 17.54 -90.85
CA HIS F 220 1.50 17.12 -89.96
C HIS F 220 2.36 15.95 -90.44
N ASN F 221 1.87 15.20 -91.43
CA ASN F 221 2.69 14.12 -92.02
C ASN F 221 3.97 14.65 -92.64
N GLY F 222 5.09 14.01 -92.31
CA GLY F 222 6.40 14.44 -92.79
C GLY F 222 6.96 15.69 -92.14
N MET F 223 6.28 16.21 -91.12
CA MET F 223 6.83 17.36 -90.38
C MET F 223 7.92 16.94 -89.41
N GLN F 224 9.03 17.67 -89.42
CA GLN F 224 10.06 17.52 -88.39
C GLN F 224 9.53 18.02 -87.04
N PHE F 225 10.13 17.57 -85.93
CA PHE F 225 9.73 18.03 -84.61
C PHE F 225 10.35 19.40 -84.30
N SER F 226 9.59 20.26 -83.65
CA SER F 226 10.06 21.60 -83.23
C SER F 226 9.82 21.87 -81.75
N THR F 227 10.81 22.49 -81.12
CA THR F 227 10.68 23.12 -79.82
C THR F 227 11.13 24.58 -79.97
N TRP F 228 10.94 25.40 -78.93
CA TRP F 228 11.32 26.82 -78.99
C TRP F 228 12.80 27.03 -79.35
N ASP F 229 13.67 26.14 -78.85
CA ASP F 229 15.13 26.23 -79.06
C ASP F 229 15.65 25.37 -80.22
N ASN F 230 14.74 24.79 -80.99
CA ASN F 230 15.10 23.95 -82.14
C ASN F 230 13.95 24.00 -83.14
N ASP F 231 14.00 25.02 -83.99
CA ASP F 231 12.92 25.34 -84.91
C ASP F 231 13.14 24.65 -86.25
N ASN F 232 12.25 23.71 -86.57
CA ASN F 232 12.34 22.92 -87.79
C ASN F 232 11.01 22.92 -88.56
N ASP F 233 10.23 23.99 -88.40
CA ASP F 233 8.90 24.10 -89.01
C ASP F 233 8.97 24.81 -90.36
N LYS F 234 7.79 25.06 -90.96
CA LYS F 234 7.66 25.66 -92.30
C LYS F 234 7.21 27.12 -92.27
N PHE F 235 7.46 27.76 -91.13
CA PHE F 235 7.03 29.11 -90.84
C PHE F 235 8.28 29.99 -90.72
N GLU F 236 8.15 31.23 -91.16
CA GLU F 236 9.21 32.24 -91.03
C GLU F 236 9.52 32.50 -89.54
N GLY F 237 8.47 32.53 -88.72
CA GLY F 237 8.63 32.63 -87.26
C GLY F 237 8.79 31.26 -86.58
N ASN F 238 8.46 31.22 -85.29
CA ASN F 238 8.73 30.06 -84.44
C ASN F 238 7.44 29.53 -83.82
N CYS F 239 6.80 28.57 -84.51
CA CYS F 239 5.49 28.03 -84.12
C CYS F 239 5.51 27.52 -82.70
N ALA F 240 6.49 26.69 -82.39
CA ALA F 240 6.62 26.07 -81.08
C ALA F 240 6.81 27.08 -79.97
N GLU F 241 7.64 28.11 -80.21
CA GLU F 241 7.81 29.22 -79.25
C GLU F 241 6.53 30.03 -79.07
N GLN F 242 5.86 30.34 -80.19
CA GLN F 242 4.58 31.08 -80.13
C GLN F 242 3.50 30.32 -79.37
N ASP F 243 3.33 29.04 -79.70
CA ASP F 243 2.24 28.23 -79.17
C ASP F 243 2.63 27.47 -77.89
N GLY F 244 3.84 27.72 -77.39
CA GLY F 244 4.33 27.20 -76.10
C GLY F 244 4.45 25.69 -75.95
N SER F 245 4.96 25.02 -76.98
CA SER F 245 4.97 23.57 -76.98
C SER F 245 6.15 22.95 -77.73
N GLY F 246 6.17 21.62 -77.77
CA GLY F 246 6.98 20.87 -78.73
C GLY F 246 6.01 20.06 -79.55
N TRP F 247 6.15 20.11 -80.86
CA TRP F 247 5.24 19.40 -81.76
C TRP F 247 5.83 19.35 -83.15
N TRP F 248 5.23 18.52 -83.99
CA TRP F 248 5.57 18.44 -85.41
C TRP F 248 4.84 19.57 -86.15
N MET F 249 5.40 20.77 -86.00
CA MET F 249 4.79 22.00 -86.52
C MET F 249 5.01 22.16 -88.01
N ASN F 250 4.00 22.76 -88.65
CA ASN F 250 4.04 23.08 -90.06
C ASN F 250 4.03 24.62 -90.14
N LYS F 251 2.86 25.19 -90.42
CA LYS F 251 2.69 26.63 -90.34
C LYS F 251 1.25 27.01 -89.98
N CYS F 252 0.78 26.65 -88.79
CA CYS F 252 1.53 25.89 -87.78
C CYS F 252 0.93 24.52 -87.51
N HIS F 253 -0.38 24.46 -87.23
CA HIS F 253 -1.00 23.16 -86.88
C HIS F 253 -2.51 23.05 -87.04
N ALA F 254 -3.01 21.81 -87.16
CA ALA F 254 -4.45 21.51 -87.08
C ALA F 254 -4.79 20.52 -85.94
N GLY F 255 -3.79 19.75 -85.52
CA GLY F 255 -3.87 18.90 -84.34
C GLY F 255 -2.65 19.21 -83.51
N HIS F 256 -2.87 19.51 -82.22
CA HIS F 256 -1.82 20.09 -81.36
C HIS F 256 -1.97 19.60 -79.92
N LEU F 257 -1.52 18.39 -79.64
CA LEU F 257 -1.90 17.75 -78.39
C LEU F 257 -0.99 18.10 -77.21
N ASN F 258 0.17 18.69 -77.53
CA ASN F 258 1.13 19.12 -76.52
C ASN F 258 0.96 20.60 -76.16
N GLY F 259 -0.21 21.15 -76.50
CA GLY F 259 -0.54 22.56 -76.22
C GLY F 259 -0.89 22.87 -74.77
N VAL F 260 -1.29 24.11 -74.52
CA VAL F 260 -1.60 24.62 -73.18
C VAL F 260 -2.91 24.01 -72.69
N TYR F 261 -2.92 23.54 -71.45
CA TYR F 261 -4.12 22.98 -70.85
C TYR F 261 -5.08 24.07 -70.41
N TYR F 262 -6.28 24.08 -70.97
CA TYR F 262 -7.30 25.04 -70.58
C TYR F 262 -8.45 24.32 -69.90
N GLN F 263 -8.70 24.71 -68.65
CA GLN F 263 -9.81 24.24 -67.84
C GLN F 263 -11.14 24.65 -68.48
N GLY F 264 -12.03 23.68 -68.68
CA GLY F 264 -13.36 23.95 -69.23
C GLY F 264 -13.43 23.90 -70.75
N GLY F 265 -12.28 23.80 -71.40
CA GLY F 265 -12.20 23.62 -72.85
C GLY F 265 -12.11 24.89 -73.66
N THR F 266 -13.11 25.74 -73.48
CA THR F 266 -13.26 27.03 -74.17
C THR F 266 -12.18 28.01 -73.74
N TYR F 267 -11.52 28.61 -74.73
CA TYR F 267 -10.58 29.70 -74.51
C TYR F 267 -10.65 30.60 -75.75
N SER F 268 -9.92 31.71 -75.76
CA SER F 268 -10.00 32.63 -76.90
C SER F 268 -8.64 33.27 -77.16
N LYS F 269 -8.58 34.08 -78.20
CA LYS F 269 -7.36 34.83 -78.52
C LYS F 269 -6.91 35.65 -77.30
N ALA F 270 -7.87 36.23 -76.59
CA ALA F 270 -7.60 37.02 -75.38
C ALA F 270 -6.97 36.20 -74.25
N SER F 271 -7.11 34.88 -74.32
CA SER F 271 -6.50 33.95 -73.36
C SER F 271 -4.98 33.85 -73.50
N THR F 272 -4.46 34.20 -74.67
CA THR F 272 -3.08 33.85 -75.04
C THR F 272 -2.18 35.08 -75.12
N PRO F 273 -0.87 34.90 -74.87
CA PRO F 273 0.08 36.02 -74.95
C PRO F 273 0.33 36.48 -76.38
N ASN F 274 0.38 35.52 -77.32
CA ASN F 274 0.72 35.79 -78.71
C ASN F 274 -0.49 35.94 -79.66
N GLY F 275 -1.68 35.71 -79.13
CA GLY F 275 -2.92 35.81 -79.92
C GLY F 275 -3.28 34.58 -80.75
N TYR F 276 -2.52 33.50 -80.64
CA TYR F 276 -2.80 32.31 -81.45
C TYR F 276 -3.44 31.16 -80.68
N ASP F 277 -4.11 30.26 -81.42
CA ASP F 277 -4.68 29.05 -80.80
C ASP F 277 -3.56 28.11 -80.36
N ASN F 278 -3.33 28.02 -79.06
CA ASN F 278 -2.22 27.24 -78.52
C ASN F 278 -2.67 26.13 -77.56
N GLY F 279 -3.97 25.83 -77.57
CA GLY F 279 -4.50 24.82 -76.70
C GLY F 279 -4.30 23.41 -77.21
N ILE F 280 -5.02 22.48 -76.58
CA ILE F 280 -4.93 21.06 -76.95
C ILE F 280 -6.01 20.76 -77.98
N ILE F 281 -5.65 20.92 -79.24
CA ILE F 281 -6.66 20.99 -80.29
C ILE F 281 -6.59 19.80 -81.25
N TRP F 282 -7.73 19.56 -81.90
CA TRP F 282 -7.85 18.58 -82.95
C TRP F 282 -8.96 19.14 -83.83
N ALA F 283 -8.56 19.90 -84.86
CA ALA F 283 -9.48 20.77 -85.61
C ALA F 283 -10.63 20.07 -86.33
N THR F 284 -10.49 18.77 -86.61
CA THR F 284 -11.52 17.99 -87.29
C THR F 284 -12.63 17.53 -86.33
N TRP F 285 -12.39 17.64 -85.02
CA TRP F 285 -13.38 17.24 -84.01
C TRP F 285 -14.03 18.42 -83.29
N LYS F 286 -13.23 19.42 -82.94
CA LYS F 286 -13.74 20.61 -82.25
C LYS F 286 -13.01 21.82 -82.77
N THR F 287 -13.67 22.98 -82.73
CA THR F 287 -13.02 24.25 -83.05
C THR F 287 -11.65 24.37 -82.37
N ARG F 288 -10.71 25.05 -83.02
CA ARG F 288 -9.38 25.29 -82.47
C ARG F 288 -9.39 26.13 -81.18
N TRP F 289 -10.54 26.69 -80.84
CA TRP F 289 -10.72 27.46 -79.61
C TRP F 289 -11.37 26.60 -78.53
N TYR F 290 -11.34 25.29 -78.76
CA TYR F 290 -11.78 24.32 -77.77
C TYR F 290 -10.63 23.36 -77.45
N SER F 291 -10.28 23.30 -76.17
CA SER F 291 -9.12 22.54 -75.70
C SER F 291 -9.55 21.27 -74.96
N MET F 292 -8.99 20.13 -75.38
CA MET F 292 -9.37 18.81 -74.86
C MET F 292 -9.19 18.66 -73.35
N LYS F 293 -10.08 17.88 -72.73
CA LYS F 293 -9.91 17.50 -71.33
C LYS F 293 -8.81 16.45 -71.14
N LYS F 294 -8.76 15.48 -72.05
CA LYS F 294 -7.77 14.41 -72.01
C LYS F 294 -7.35 14.01 -73.41
N THR F 295 -6.09 13.61 -73.53
CA THR F 295 -5.55 13.04 -74.75
C THR F 295 -4.65 11.86 -74.39
N THR F 296 -4.59 10.92 -75.32
CA THR F 296 -3.70 9.79 -75.23
C THR F 296 -3.14 9.59 -76.63
N MET F 297 -1.82 9.46 -76.72
CA MET F 297 -1.18 9.01 -77.95
C MET F 297 -0.49 7.70 -77.63
N LYS F 298 -0.84 6.64 -78.36
CA LYS F 298 -0.35 5.32 -78.04
C LYS F 298 -0.08 4.51 -79.29
N ILE F 299 0.90 3.62 -79.22
CA ILE F 299 1.31 2.82 -80.38
C ILE F 299 1.29 1.32 -80.14
N ILE F 300 0.99 0.59 -81.22
CA ILE F 300 0.87 -0.84 -81.22
C ILE F 300 1.28 -1.34 -82.62
N PRO F 301 1.84 -2.56 -82.72
CA PRO F 301 2.05 -3.16 -84.06
C PRO F 301 0.76 -3.14 -84.87
N PHE F 302 0.85 -2.71 -86.12
CA PHE F 302 -0.35 -2.52 -86.96
C PHE F 302 -1.22 -3.79 -87.11
N ASN F 303 -0.57 -4.97 -87.14
CA ASN F 303 -1.30 -6.24 -87.28
C ASN F 303 -2.27 -6.59 -86.13
N ARG F 304 -2.17 -5.85 -85.03
CA ARG F 304 -3.08 -6.02 -83.89
C ARG F 304 -4.44 -5.37 -84.14
N LEU F 305 -4.51 -4.55 -85.20
CA LEU F 305 -5.72 -3.84 -85.59
C LEU F 305 -6.48 -4.53 -86.73
N LYS G 57 -2.24 -27.20 -5.58
CA LYS G 57 -2.19 -25.89 -6.34
C LYS G 57 -3.48 -25.63 -7.13
N ALA G 58 -4.62 -25.76 -6.42
CA ALA G 58 -6.00 -25.73 -7.00
C ALA G 58 -6.60 -24.31 -7.27
N LYS G 59 -7.00 -23.63 -6.19
CA LYS G 59 -7.32 -22.21 -6.20
C LYS G 59 -6.10 -21.51 -5.52
N GLN G 60 -5.00 -21.44 -6.30
CA GLN G 60 -3.62 -21.11 -5.85
C GLN G 60 -2.66 -20.87 -7.04
N ALA G 61 -3.13 -21.19 -8.23
CA ALA G 61 -2.66 -20.56 -9.44
C ALA G 61 -3.56 -19.32 -9.58
N LEU G 62 -4.89 -19.51 -9.42
CA LEU G 62 -5.89 -18.40 -9.44
C LEU G 62 -6.36 -17.96 -8.02
N GLU G 63 -5.43 -17.97 -7.05
CA GLU G 63 -5.60 -17.29 -5.75
C GLU G 63 -4.31 -16.54 -5.40
N ASP G 64 -3.65 -16.03 -6.45
CA ASP G 64 -2.38 -15.31 -6.32
C ASP G 64 -2.49 -13.88 -6.87
N GLN G 65 -3.26 -13.71 -7.94
CA GLN G 65 -3.47 -12.40 -8.65
C GLN G 65 -4.37 -11.40 -7.88
N ARG G 66 -5.14 -11.96 -6.92
CA ARG G 66 -6.01 -11.19 -6.00
C ARG G 66 -5.19 -10.65 -4.78
N LYS G 67 -3.86 -10.84 -4.81
CA LYS G 67 -2.94 -10.52 -3.70
C LYS G 67 -1.70 -9.72 -4.11
N ASP G 68 -1.25 -9.95 -5.36
CA ASP G 68 -0.05 -9.30 -5.89
C ASP G 68 -0.14 -7.79 -5.98
N LEU G 69 -1.07 -7.25 -5.22
CA LEU G 69 -1.62 -5.93 -5.51
C LEU G 69 -0.62 -4.79 -5.56
N GLU G 70 -0.93 -3.86 -6.47
CA GLU G 70 -0.15 -2.66 -6.74
C GLU G 70 -0.94 -1.37 -6.46
N THR G 71 -2.27 -1.39 -6.64
CA THR G 71 -3.13 -0.25 -6.22
C THR G 71 -3.30 -0.25 -4.67
N LYS G 72 -2.30 -0.83 -3.99
CA LYS G 72 -2.05 -0.73 -2.55
C LYS G 72 -0.67 -0.11 -2.38
N LEU G 73 0.19 -0.40 -3.37
CA LEU G 73 1.53 0.18 -3.41
C LEU G 73 1.45 1.47 -4.23
N LYS G 74 0.43 1.53 -5.09
CA LYS G 74 0.13 2.70 -5.93
C LYS G 74 -0.67 3.81 -5.23
N GLU G 75 -1.21 3.55 -4.03
CA GLU G 75 -1.97 4.57 -3.28
C GLU G 75 -1.12 5.18 -2.16
N LEU G 76 0.00 4.51 -1.90
CA LEU G 76 1.17 5.16 -1.34
C LEU G 76 1.62 6.24 -2.34
N GLN G 77 1.12 6.14 -3.60
CA GLN G 77 1.52 7.04 -4.72
C GLN G 77 0.36 7.95 -5.23
N GLN G 78 -0.84 7.76 -4.66
CA GLN G 78 -2.04 8.58 -4.97
C GLN G 78 -2.50 9.31 -3.69
N ASP G 79 -1.65 9.14 -2.64
CA ASP G 79 -1.91 9.80 -1.35
C ASP G 79 -0.63 10.18 -0.56
N TYR G 80 0.46 9.43 -0.75
CA TYR G 80 1.78 9.91 -0.28
C TYR G 80 2.23 11.13 -1.08
N ASP G 81 1.87 11.16 -2.37
CA ASP G 81 2.03 12.36 -3.20
C ASP G 81 1.41 13.59 -2.46
N LEU G 82 0.16 13.44 -1.95
CA LEU G 82 -0.62 14.54 -1.29
C LEU G 82 0.03 15.03 0.03
N ALA G 83 1.23 14.48 0.32
CA ALA G 83 2.06 14.93 1.43
C ALA G 83 3.29 15.71 0.96
N LYS G 84 3.35 16.03 -0.34
CA LYS G 84 4.39 16.90 -0.95
C LYS G 84 3.75 17.83 -1.98
N GLU G 85 2.44 18.11 -1.70
CA GLU G 85 1.55 18.81 -2.64
C GLU G 85 0.44 19.59 -1.91
N SER G 86 0.30 19.26 -0.63
CA SER G 86 -0.42 20.05 0.32
C SER G 86 0.67 20.52 1.28
N THR G 87 1.89 20.07 1.04
CA THR G 87 3.02 20.49 1.90
C THR G 87 3.86 21.70 1.35
N SER G 88 4.58 21.62 0.21
CA SER G 88 5.39 22.81 -0.26
C SER G 88 4.55 24.10 -0.33
N TRP G 89 3.54 24.13 0.56
CA TRP G 89 2.32 24.96 0.52
C TRP G 89 1.65 25.31 1.85
N ASP G 90 1.77 24.43 2.83
CA ASP G 90 1.74 24.88 4.21
C ASP G 90 3.17 25.35 4.57
N ARG G 91 3.83 25.87 3.52
CA ARG G 91 5.15 26.53 3.55
C ARG G 91 5.02 28.08 3.33
N GLN G 92 3.91 28.50 2.68
CA GLN G 92 3.58 29.93 2.41
C GLN G 92 2.06 30.29 2.57
N ARG G 93 1.50 30.03 3.75
CA ARG G 93 0.08 30.32 4.06
C ARG G 93 -0.10 30.96 5.45
N ALA H 61 5.79 -22.57 -2.23
CA ALA H 61 7.16 -22.40 -1.60
C ALA H 61 7.38 -20.98 -1.09
N LEU H 62 6.62 -20.04 -1.67
CA LEU H 62 6.83 -18.62 -1.42
C LEU H 62 5.55 -17.74 -1.52
N GLU H 63 4.35 -18.34 -1.46
CA GLU H 63 3.09 -17.54 -1.37
C GLU H 63 2.70 -17.19 0.09
N ASP H 64 3.63 -16.53 0.83
CA ASP H 64 3.38 -15.98 2.21
C ASP H 64 4.45 -14.90 2.63
N GLN H 65 5.07 -14.31 1.60
CA GLN H 65 5.84 -13.07 1.67
C GLN H 65 5.75 -12.41 0.26
N ARG H 66 4.67 -12.79 -0.41
CA ARG H 66 4.19 -12.14 -1.61
C ARG H 66 3.00 -11.31 -1.16
N LYS H 67 2.36 -11.73 -0.06
CA LYS H 67 1.29 -10.87 0.54
C LYS H 67 1.70 -10.30 1.95
N ASP H 68 2.41 -9.15 1.83
CA ASP H 68 3.22 -8.57 2.92
C ASP H 68 3.72 -7.11 2.60
N LEU H 69 2.93 -6.13 2.09
CA LEU H 69 1.43 -5.94 1.77
C LEU H 69 0.45 -5.54 2.89
N GLU H 70 0.71 -5.99 4.13
CA GLU H 70 0.08 -5.37 5.28
C GLU H 70 0.97 -4.28 5.87
N THR H 71 2.27 -4.27 5.43
CA THR H 71 3.15 -3.12 5.72
C THR H 71 3.06 -2.04 4.62
N LYS H 72 2.60 -2.46 3.44
CA LYS H 72 2.32 -1.56 2.33
C LYS H 72 0.98 -0.89 2.59
N LEU H 73 0.00 -1.66 3.00
CA LEU H 73 -1.27 -1.07 3.41
C LEU H 73 -0.98 -0.03 4.49
N LYS H 74 -0.07 -0.39 5.41
CA LYS H 74 0.34 0.47 6.54
C LYS H 74 1.07 1.77 6.14
N GLU H 75 1.64 1.82 4.93
CA GLU H 75 2.34 3.03 4.44
C GLU H 75 1.42 3.87 3.53
N LEU H 76 0.24 3.30 3.29
CA LEU H 76 -0.92 4.07 2.91
C LEU H 76 -1.64 4.54 4.17
N GLN H 77 -0.99 4.34 5.33
CA GLN H 77 -1.49 4.73 6.67
C GLN H 77 -0.39 5.45 7.51
N GLN H 78 0.64 5.95 6.79
CA GLN H 78 1.74 6.76 7.35
C GLN H 78 2.18 7.82 6.32
N ASP H 79 1.62 7.69 5.11
CA ASP H 79 1.74 8.66 4.00
C ASP H 79 0.37 9.04 3.35
N TYR H 80 -0.76 8.68 4.07
CA TYR H 80 -2.11 9.28 3.85
C TYR H 80 -2.54 10.02 5.15
N ASP H 81 -1.83 9.63 6.24
CA ASP H 81 -1.95 10.34 7.53
C ASP H 81 -0.72 11.35 7.86
N LEU H 82 -0.40 12.02 6.68
CA LEU H 82 0.51 13.18 6.60
C LEU H 82 0.02 14.09 5.43
N ALA H 83 -1.17 13.71 4.92
CA ALA H 83 -1.88 14.39 3.80
C ALA H 83 -3.41 14.50 4.17
N LYS H 84 -3.64 14.20 5.46
CA LYS H 84 -4.87 14.57 6.15
C LYS H 84 -4.46 15.48 7.29
N GLU H 85 -3.10 15.54 7.46
CA GLU H 85 -2.43 16.21 8.61
C GLU H 85 -1.19 17.05 8.20
N SER H 86 -1.31 17.63 7.00
CA SER H 86 -0.74 18.93 6.68
C SER H 86 -1.80 19.70 5.79
N THR H 87 -3.08 19.17 5.73
CA THR H 87 -4.25 19.82 4.98
C THR H 87 -5.29 20.56 5.87
N SER H 88 -5.66 19.95 7.01
CA SER H 88 -6.51 20.65 7.98
C SER H 88 -5.73 21.77 8.68
N TRP H 89 -4.39 21.68 8.66
CA TRP H 89 -3.50 22.76 9.13
C TRP H 89 -3.49 23.92 8.12
N ASP H 90 -3.53 23.62 6.83
CA ASP H 90 -3.60 24.67 5.82
C ASP H 90 -4.59 25.73 6.25
N ARG H 91 -5.81 25.30 6.55
CA ARG H 91 -6.87 26.23 6.94
C ARG H 91 -6.86 26.58 8.43
N GLN H 92 -5.65 26.82 8.96
CA GLN H 92 -5.44 27.44 10.29
C GLN H 92 -4.24 28.41 10.31
N ARG H 93 -3.59 28.46 9.14
CA ARG H 93 -2.83 29.65 8.76
C ARG H 93 -3.37 30.27 7.44
N LEU H 94 -4.51 29.76 6.91
CA LEU H 94 -5.32 30.43 5.80
C LEU H 94 -6.35 31.47 6.32
N GLU H 95 -7.08 31.12 7.40
CA GLU H 95 -8.18 31.96 7.99
C GLU H 95 -7.69 33.30 8.67
N LYS H 96 -6.64 33.22 9.48
CA LYS H 96 -6.10 34.39 10.16
C LYS H 96 -5.29 35.26 9.21
#